data_8YU9
#
_entry.id   8YU9
#
_cell.length_a   104.974
_cell.length_b   157.379
_cell.length_c   182.635
_cell.angle_alpha   90.00
_cell.angle_beta   90.00
_cell.angle_gamma   90.00
#
_symmetry.space_group_name_H-M   'P 21 21 21'
#
loop_
_entity.id
_entity.type
_entity.pdbx_description
1 polymer 'Detyrosinated tubulin alpha-1B chain'
2 polymer 'Tubulin beta chain'
3 polymer Stathmin-4
4 polymer 'Tubulin--tyrosine ligase'
5 non-polymer "GUANOSINE-5'-TRIPHOSPHATE"
6 non-polymer 'CALCIUM ION'
7 non-polymer 'MAGNESIUM ION'
8 non-polymer 4-(2-chloranylthieno[3,2-d]pyrimidin-4-yl)-7-methoxy-1,3-dihydroquinoxalin-2-one
9 non-polymer "GUANOSINE-5'-DIPHOSPHATE"
10 non-polymer '2-(N-MORPHOLINO)-ETHANESULFONIC ACID'
11 non-polymer 'PHOSPHOMETHYLPHOSPHONIC ACID ADENYLATE ESTER'
#
loop_
_entity_poly.entity_id
_entity_poly.type
_entity_poly.pdbx_seq_one_letter_code
_entity_poly.pdbx_strand_id
1 'polypeptide(L)'
;MRECISIHVGQAGVQIGNACWELYCLEHGIQPDGQMPSDKTIGGGDDSFNTFFSETGAGKHVPRAVFVDLEPTVIDEVRT
GTYRQLFHPEQLITGKEDAANNYARGHYTIGKEIIDLVLDRIRKLADQCTGLQGFLVFHSFGGGTGSGFTSLLMERLSVD
YGKKSKLEFSIYPAPQVSTAVVEPYNSILTTHTTLEHSDCAFMVDNEAIYDICRRNLDIERPTYTNLNRLISQIVSSITA
SLRFDGALNVDLTEFQTNLVPYPRIHFPLATYAPVISAEKAYHEQLSVAEITNACFEPANQMVKCDPRHGKYMACCLLYR
GDVVPKDVNAAIATIKTKRSIQFVDWCPTGFKVGINYQPPTVVPGGDLAKVQRAVCMLSNTTAIAEAWARLDHKFDLMYA
KRAFVHWYVGEGMEEGEFSEAREDMAALEKDYEEVGVDSV
;
A,C
2 'polypeptide(L)'
;MREIVHIQAGQCGNQIGAKFWEVISDEHGIDPTGSYHGDSDLQLERINVYYNEATGNKYVPRAILVDLEPGTMDSVRSGP
FGQIFRPDNFVFGQSGAGNNWAKGHYTEGAELVDSVLDVVRKESESCDCLQGFQLTHSLGGGTGSGMGTLLISKIREEYP
DRIMNTFSVMPSPKVSDTVVEPYNATLSVHQLVENTDETYCIDNEALYDICFRTLKLTTPTYGDLNHLVSATMSGVTTCL
RFPGQLNADLRKLAVNMVPFPRLHFFMPGFAPLTSRGSQQYRALTVPELTQQMFDSKNMMAACDPRHGRYLTVAAIFRGR
MSMKEVDEQMLNVQNKNSSYFVEWIPNNVKTAVCDIPPRGLKMSATFIGNSTAIQELFKRISEQFTAMFRRKAFLHWYTG
EGMDEMEFTEAESNMNDLVSEYQQYQDATAD
;
B,D
3 'polypeptide(L)'
;MADMEVIELNKCTSGQSFEVILKPPSFDGVPEFNASLPRRRDPSLEEIQKKLEAAEERRKYQEAELLKHLAEKREHEREV
IQKAIEENNNFIKMAKEKLAQKMESNKENREAHLAAMLERLQEKDKHAEEVRKNKELKEEASR
;
E
4 'polypeptide(L)'
;MYTFVVRDENSSVYAEVSRLLLATGQWKRLRKDNPRFNLMLGERNRLPFGRLGHEPGLVQLVNYYRGADKLCRKASLVKL
IKTSPELSESCTWFPESYVIYPTNLKTPVAPAQNGIRHLINNTRTDEREVFLAAYNRRREGREGNVWIAKSSAGAKGEGI
LISSEASELLDFIDEQGQVHVIQKYLEKPLLLEPGHRKFDIRSWVLVDHLYNIYLYREGVLRTSSEPYNSANFQDKTCHL
TNHCIQKEYSKNYGRYEEGNEMFFEEFNQYLMDALNTTLENSILLQIKHIIRSCLMCIEPAISTKHLHYQSFQLFGFDFM
VDEELKVWLIEVNGAPACAQKLYAELCQGIVDVAISSVFPLADTGQKTSQPTSIFIKLHH
;
F
#
loop_
_chem_comp.id
_chem_comp.type
_chem_comp.name
_chem_comp.formula
A1D7A non-polymer 4-(2-chloranylthieno[3,2-d]pyrimidin-4-yl)-7-methoxy-1,3-dihydroquinoxalin-2-one 'C15 H11 Cl N4 O2 S'
ACP non-polymer 'PHOSPHOMETHYLPHOSPHONIC ACID ADENYLATE ESTER' 'C11 H18 N5 O12 P3'
CA non-polymer 'CALCIUM ION' 'Ca 2'
GDP RNA linking GUANOSINE-5'-DIPHOSPHATE 'C10 H15 N5 O11 P2'
GTP non-polymer GUANOSINE-5'-TRIPHOSPHATE 'C10 H16 N5 O14 P3'
MES non-polymer '2-(N-MORPHOLINO)-ETHANESULFONIC ACID' 'C6 H13 N O4 S'
MG non-polymer 'MAGNESIUM ION' 'Mg 2'
#
# COMPACT_ATOMS: atom_id res chain seq x y z
N MET A 1 -28.40 19.13 -66.50
CA MET A 1 -28.02 19.49 -65.12
C MET A 1 -27.59 18.29 -64.23
N ARG A 2 -26.50 18.48 -63.47
CA ARG A 2 -25.84 17.39 -62.76
C ARG A 2 -25.77 17.64 -61.26
N GLU A 3 -26.22 16.68 -60.48
CA GLU A 3 -26.34 16.80 -59.03
C GLU A 3 -25.06 16.38 -58.34
N CYS A 4 -24.79 16.99 -57.18
CA CYS A 4 -23.68 16.62 -56.30
C CYS A 4 -24.21 16.19 -54.94
N ILE A 5 -23.50 15.29 -54.27
CA ILE A 5 -23.86 14.84 -52.93
C ILE A 5 -22.79 15.27 -51.94
N SER A 6 -23.17 16.07 -50.96
CA SER A 6 -22.28 16.39 -49.86
C SER A 6 -22.33 15.31 -48.78
N ILE A 7 -21.18 15.03 -48.17
CA ILE A 7 -21.04 14.02 -47.14
C ILE A 7 -20.27 14.64 -45.97
N HIS A 8 -20.89 14.70 -44.80
CA HIS A 8 -20.25 15.31 -43.64
C HIS A 8 -19.95 14.20 -42.63
N VAL A 9 -18.69 14.04 -42.26
CA VAL A 9 -18.25 12.91 -41.44
C VAL A 9 -17.71 13.44 -40.11
N GLY A 10 -18.22 12.88 -39.02
CA GLY A 10 -17.80 13.29 -37.69
C GLY A 10 -18.38 14.65 -37.29
N GLN A 11 -18.04 15.04 -36.06
CA GLN A 11 -18.44 16.35 -35.57
C GLN A 11 -18.00 17.45 -36.54
N ALA A 12 -16.73 17.44 -36.93
CA ALA A 12 -16.23 18.47 -37.81
C ALA A 12 -17.06 18.57 -39.08
N GLY A 13 -17.23 17.45 -39.78
CA GLY A 13 -18.03 17.48 -41.00
C GLY A 13 -19.45 17.96 -40.76
N VAL A 14 -20.13 17.36 -39.78
CA VAL A 14 -21.54 17.66 -39.52
C VAL A 14 -21.71 19.13 -39.17
N GLN A 15 -20.88 19.63 -38.25
CA GLN A 15 -20.99 21.02 -37.82
C GLN A 15 -20.60 22.02 -38.92
N ILE A 16 -19.67 21.66 -39.82
CA ILE A 16 -19.40 22.57 -40.92
C ILE A 16 -20.48 22.44 -42.00
N GLY A 17 -21.00 21.22 -42.23
CA GLY A 17 -22.13 21.04 -43.13
C GLY A 17 -23.39 21.78 -42.68
N ASN A 18 -23.64 21.82 -41.37
CA ASN A 18 -24.67 22.73 -40.89
C ASN A 18 -24.34 24.16 -41.26
N ALA A 19 -23.11 24.58 -41.00
CA ALA A 19 -22.70 25.94 -41.32
C ALA A 19 -22.99 26.28 -42.78
N CYS A 20 -22.69 25.34 -43.71
CA CYS A 20 -22.89 25.61 -45.13
C CYS A 20 -24.37 25.64 -45.50
N TRP A 21 -25.13 24.63 -45.09
CA TRP A 21 -26.51 24.52 -45.55
C TRP A 21 -27.35 25.70 -45.10
N GLU A 22 -27.06 26.22 -43.91
CA GLU A 22 -27.72 27.43 -43.44
C GLU A 22 -27.46 28.59 -44.40
N LEU A 23 -26.19 28.79 -44.78
CA LEU A 23 -25.80 29.85 -45.72
C LEU A 23 -26.35 29.59 -47.12
N TYR A 24 -26.31 28.34 -47.58
CA TYR A 24 -26.93 27.99 -48.85
C TYR A 24 -28.41 28.37 -48.87
N CYS A 25 -29.14 28.03 -47.81
CA CYS A 25 -30.57 28.32 -47.76
C CYS A 25 -30.85 29.82 -47.74
N LEU A 26 -30.01 30.59 -47.06
CA LEU A 26 -30.15 32.05 -47.14
C LEU A 26 -29.83 32.54 -48.54
N GLU A 27 -28.80 31.98 -49.17
CA GLU A 27 -28.41 32.45 -50.50
C GLU A 27 -29.49 32.15 -51.54
N HIS A 28 -30.14 31.00 -51.43
CA HIS A 28 -31.12 30.58 -52.44
C HIS A 28 -32.54 30.90 -52.05
N GLY A 29 -32.76 31.47 -50.87
CA GLY A 29 -34.09 31.77 -50.39
C GLY A 29 -34.95 30.55 -50.11
N ILE A 30 -34.37 29.55 -49.45
CA ILE A 30 -35.09 28.37 -49.03
C ILE A 30 -35.23 28.45 -47.52
N GLN A 31 -36.47 28.47 -47.03
CA GLN A 31 -36.67 28.57 -45.60
C GLN A 31 -36.49 27.20 -44.94
N PRO A 32 -36.30 27.20 -43.61
CA PRO A 32 -35.96 25.96 -42.90
C PRO A 32 -36.95 24.82 -43.08
N ASP A 33 -38.16 25.08 -43.54
CA ASP A 33 -39.07 24.01 -43.87
C ASP A 33 -38.92 23.55 -45.32
N GLY A 34 -37.90 24.00 -46.04
CA GLY A 34 -37.67 23.52 -47.37
C GLY A 34 -38.54 24.10 -48.46
N GLN A 35 -39.40 25.07 -48.13
CA GLN A 35 -40.23 25.77 -49.10
C GLN A 35 -39.46 26.92 -49.70
N MET A 36 -39.37 26.96 -51.02
CA MET A 36 -38.62 28.01 -51.70
C MET A 36 -39.53 28.83 -52.59
N PRO A 37 -40.07 29.94 -52.08
CA PRO A 37 -41.14 30.63 -52.80
C PRO A 37 -40.73 31.05 -54.19
N SER A 38 -39.44 31.37 -54.38
CA SER A 38 -38.96 31.78 -55.69
C SER A 38 -39.08 30.66 -56.72
N ASP A 39 -38.97 29.39 -56.32
CA ASP A 39 -39.04 28.28 -57.26
C ASP A 39 -40.46 28.21 -57.81
N LYS A 40 -40.61 28.47 -59.10
CA LYS A 40 -41.89 28.21 -59.75
C LYS A 40 -41.98 26.80 -60.33
N THR A 41 -40.84 26.14 -60.53
CA THR A 41 -40.77 24.73 -60.93
C THR A 41 -41.01 23.85 -59.70
N ILE A 42 -42.27 23.81 -59.27
CA ILE A 42 -42.58 23.19 -57.98
C ILE A 42 -42.47 21.68 -58.11
N GLY A 43 -41.59 21.08 -57.32
CA GLY A 43 -41.38 19.65 -57.34
C GLY A 43 -40.26 19.19 -58.26
N GLY A 44 -39.65 20.09 -59.04
CA GLY A 44 -38.57 19.69 -59.91
C GLY A 44 -37.95 20.84 -60.67
N GLY A 45 -37.09 20.45 -61.59
CA GLY A 45 -36.37 21.39 -62.45
C GLY A 45 -34.91 21.02 -62.59
N ASP A 46 -34.36 21.28 -63.78
CA ASP A 46 -32.93 21.17 -64.04
C ASP A 46 -32.22 22.49 -63.80
N ASP A 47 -32.76 23.32 -62.91
CA ASP A 47 -32.18 24.59 -62.48
C ASP A 47 -30.80 24.40 -61.83
N SER A 48 -30.08 25.50 -61.68
CA SER A 48 -28.74 25.45 -61.09
C SER A 48 -28.77 24.99 -59.64
N PHE A 49 -29.68 25.54 -58.83
CA PHE A 49 -29.71 25.17 -57.42
C PHE A 49 -30.10 23.71 -57.23
N ASN A 50 -30.73 23.10 -58.22
CA ASN A 50 -31.04 21.69 -58.10
C ASN A 50 -29.79 20.83 -58.08
N THR A 51 -28.63 21.43 -58.32
CA THR A 51 -27.36 20.73 -58.11
C THR A 51 -27.21 20.28 -56.65
N PHE A 52 -27.70 21.09 -55.71
CA PHE A 52 -27.58 20.79 -54.29
C PHE A 52 -28.92 20.49 -53.65
N PHE A 53 -30.02 20.82 -54.29
CA PHE A 53 -31.32 20.55 -53.69
C PHE A 53 -32.18 19.76 -54.65
N SER A 54 -32.94 18.82 -54.09
CA SER A 54 -34.04 18.16 -54.79
C SER A 54 -35.37 18.67 -54.24
N GLU A 55 -36.40 18.64 -55.07
CA GLU A 55 -37.70 19.16 -54.67
C GLU A 55 -38.66 18.02 -54.45
N THR A 56 -39.55 18.17 -53.46
CA THR A 56 -40.59 17.20 -53.18
C THR A 56 -41.89 17.59 -53.86
N GLY A 57 -42.78 16.62 -53.99
CA GLY A 57 -44.11 16.92 -54.48
C GLY A 57 -44.80 17.98 -53.65
N ALA A 58 -44.55 17.97 -52.34
CA ALA A 58 -45.05 19.04 -51.51
C ALA A 58 -44.28 20.34 -51.71
N GLY A 59 -43.35 20.37 -52.67
CA GLY A 59 -42.60 21.58 -52.93
C GLY A 59 -41.47 21.85 -51.96
N LYS A 60 -41.01 20.83 -51.23
CA LYS A 60 -39.88 21.03 -50.32
C LYS A 60 -38.56 21.00 -51.07
N HIS A 61 -37.64 21.86 -50.66
CA HIS A 61 -36.28 21.84 -51.17
C HIS A 61 -35.43 21.14 -50.12
N VAL A 62 -34.90 19.98 -50.49
CA VAL A 62 -34.25 19.07 -49.56
C VAL A 62 -32.78 18.97 -49.92
N PRO A 63 -31.86 19.14 -48.96
CA PRO A 63 -30.45 18.97 -49.27
C PRO A 63 -30.18 17.58 -49.80
N ARG A 64 -29.26 17.53 -50.77
CA ARG A 64 -28.67 16.28 -51.25
C ARG A 64 -27.48 15.96 -50.35
N ALA A 65 -27.78 15.91 -49.06
CA ALA A 65 -26.77 15.81 -48.01
C ALA A 65 -26.86 14.46 -47.32
N VAL A 66 -25.83 14.15 -46.54
CA VAL A 66 -25.82 13.00 -45.65
C VAL A 66 -24.84 13.25 -44.51
N PHE A 67 -25.33 13.18 -43.27
CA PHE A 67 -24.52 13.43 -42.08
C PHE A 67 -24.28 12.10 -41.37
N VAL A 68 -23.01 11.80 -41.12
CA VAL A 68 -22.62 10.56 -40.46
C VAL A 68 -21.74 10.94 -39.29
N ASP A 69 -21.98 10.33 -38.15
CA ASP A 69 -21.15 10.52 -36.99
C ASP A 69 -21.29 9.28 -36.12
N LEU A 70 -20.16 8.81 -35.60
CA LEU A 70 -20.16 7.60 -34.81
C LEU A 70 -20.77 7.77 -33.43
N GLU A 71 -21.09 9.00 -33.02
CA GLU A 71 -21.77 9.29 -31.77
C GLU A 71 -23.02 10.11 -32.07
N PRO A 72 -24.11 9.93 -31.30
CA PRO A 72 -25.35 10.63 -31.63
C PRO A 72 -25.47 11.98 -30.96
N THR A 73 -24.35 12.64 -30.77
CA THR A 73 -24.38 13.87 -30.00
C THR A 73 -24.63 15.06 -30.92
N VAL A 74 -23.84 15.16 -31.98
CA VAL A 74 -23.88 16.32 -32.88
C VAL A 74 -25.07 16.23 -33.81
N ILE A 75 -25.22 15.10 -34.52
CA ILE A 75 -26.30 14.96 -35.47
C ILE A 75 -27.64 14.96 -34.77
N ASP A 76 -27.64 14.82 -33.45
CA ASP A 76 -28.85 15.06 -32.67
C ASP A 76 -29.18 16.53 -32.59
N GLU A 77 -28.18 17.39 -32.42
CA GLU A 77 -28.46 18.81 -32.46
C GLU A 77 -28.95 19.24 -33.84
N VAL A 78 -28.51 18.54 -34.89
CA VAL A 78 -29.12 18.76 -36.21
C VAL A 78 -30.55 18.25 -36.21
N ARG A 79 -30.79 17.09 -35.59
CA ARG A 79 -32.10 16.46 -35.59
C ARG A 79 -33.17 17.28 -34.86
N THR A 80 -32.79 18.17 -33.97
CA THR A 80 -33.76 19.00 -33.25
C THR A 80 -33.64 20.48 -33.59
N GLY A 81 -32.82 20.84 -34.57
CA GLY A 81 -32.42 22.22 -34.76
C GLY A 81 -33.32 23.02 -35.69
N THR A 82 -32.98 24.32 -35.77
CA THR A 82 -33.78 25.27 -36.54
C THR A 82 -34.04 24.81 -37.97
N TYR A 83 -33.20 23.91 -38.49
CA TYR A 83 -33.30 23.42 -39.86
C TYR A 83 -33.70 21.95 -39.91
N ARG A 84 -34.42 21.50 -38.88
CA ARG A 84 -34.75 20.10 -38.79
C ARG A 84 -35.52 19.64 -40.02
N GLN A 85 -36.58 20.37 -40.37
CA GLN A 85 -37.43 19.92 -41.46
C GLN A 85 -36.68 19.86 -42.78
N LEU A 86 -35.55 20.55 -42.89
CA LEU A 86 -34.80 20.53 -44.14
C LEU A 86 -34.49 19.10 -44.58
N PHE A 87 -33.90 18.32 -43.67
CA PHE A 87 -33.33 17.04 -44.01
C PHE A 87 -34.31 15.93 -43.65
N HIS A 88 -34.56 15.04 -44.59
CA HIS A 88 -35.34 13.88 -44.21
C HIS A 88 -34.53 13.06 -43.22
N PRO A 89 -35.20 12.26 -42.40
CA PRO A 89 -34.48 11.60 -41.29
C PRO A 89 -33.36 10.68 -41.73
N GLU A 90 -33.50 9.96 -42.85
CA GLU A 90 -32.47 9.02 -43.27
C GLU A 90 -31.15 9.68 -43.63
N GLN A 91 -31.13 10.99 -43.83
CA GLN A 91 -29.88 11.66 -44.17
C GLN A 91 -28.93 11.75 -42.97
N LEU A 92 -29.47 11.74 -41.75
CA LEU A 92 -28.69 11.92 -40.52
C LEU A 92 -28.46 10.56 -39.88
N ILE A 93 -27.20 10.13 -39.79
CA ILE A 93 -26.79 8.82 -39.28
C ILE A 93 -25.85 8.97 -38.08
N THR A 94 -26.14 8.26 -36.99
CA THR A 94 -25.31 8.26 -35.78
C THR A 94 -25.05 6.84 -35.28
N GLY A 95 -23.90 6.63 -34.68
CA GLY A 95 -23.63 5.41 -33.97
C GLY A 95 -24.00 5.54 -32.51
N LYS A 96 -23.34 4.75 -31.67
CA LYS A 96 -23.57 4.86 -30.24
C LYS A 96 -22.30 5.20 -29.48
N GLU A 97 -21.14 5.12 -30.12
CA GLU A 97 -19.86 5.24 -29.43
C GLU A 97 -18.82 5.68 -30.46
N ASP A 98 -18.27 6.89 -30.27
CA ASP A 98 -17.28 7.43 -31.20
C ASP A 98 -15.96 6.65 -31.26
N ALA A 99 -15.04 7.08 -32.14
CA ALA A 99 -13.75 6.44 -32.32
C ALA A 99 -12.67 6.89 -31.33
N ALA A 100 -13.02 7.62 -30.27
CA ALA A 100 -12.08 8.06 -29.23
C ALA A 100 -10.75 8.61 -29.80
N ASN A 101 -10.86 9.51 -30.79
CA ASN A 101 -9.72 10.17 -31.44
C ASN A 101 -8.70 9.16 -31.98
N ASN A 102 -9.18 8.03 -32.44
CA ASN A 102 -8.34 6.93 -32.84
C ASN A 102 -8.70 6.62 -34.28
N TYR A 103 -7.75 6.84 -35.20
CA TYR A 103 -8.00 6.50 -36.59
C TYR A 103 -8.36 5.03 -36.75
N ALA A 104 -7.58 4.14 -36.11
CA ALA A 104 -7.80 2.69 -36.18
C ALA A 104 -9.14 2.30 -35.59
N ARG A 105 -9.63 3.04 -34.58
CA ARG A 105 -10.92 2.69 -34.00
C ARG A 105 -12.06 2.97 -34.98
N GLY A 106 -12.09 4.18 -35.55
CA GLY A 106 -13.13 4.55 -36.50
C GLY A 106 -13.03 3.88 -37.87
N HIS A 107 -11.80 3.58 -38.33
CA HIS A 107 -11.60 2.93 -39.61
C HIS A 107 -11.92 1.44 -39.56
N TYR A 108 -11.25 0.72 -38.67
CA TYR A 108 -11.32 -0.73 -38.66
C TYR A 108 -12.41 -1.23 -37.72
N THR A 109 -12.36 -0.82 -36.45
CA THR A 109 -13.19 -1.46 -35.44
C THR A 109 -14.64 -1.04 -35.58
N ILE A 110 -14.92 0.25 -35.34
CA ILE A 110 -16.28 0.77 -35.43
C ILE A 110 -16.69 1.05 -36.86
N GLY A 111 -15.73 1.06 -37.77
CA GLY A 111 -16.03 1.47 -39.12
C GLY A 111 -16.51 0.31 -39.97
N LYS A 112 -15.97 -0.88 -39.75
CA LYS A 112 -16.49 -2.00 -40.53
C LYS A 112 -17.95 -2.28 -40.23
N GLU A 113 -18.48 -1.71 -39.14
CA GLU A 113 -19.84 -2.04 -38.70
C GLU A 113 -20.88 -1.01 -39.10
N ILE A 114 -20.49 0.18 -39.52
CA ILE A 114 -21.46 1.13 -40.06
C ILE A 114 -21.23 1.41 -41.54
N ILE A 115 -20.12 0.94 -42.11
CA ILE A 115 -19.76 1.31 -43.48
C ILE A 115 -20.83 0.86 -44.46
N ASP A 116 -21.31 -0.38 -44.32
CA ASP A 116 -22.36 -0.84 -45.22
C ASP A 116 -23.64 -0.02 -45.09
N LEU A 117 -24.01 0.37 -43.88
CA LEU A 117 -25.22 1.19 -43.73
C LEU A 117 -25.09 2.50 -44.50
N VAL A 118 -23.99 3.21 -44.28
CA VAL A 118 -23.80 4.53 -44.88
C VAL A 118 -23.88 4.45 -46.40
N LEU A 119 -23.19 3.48 -47.02
CA LEU A 119 -23.13 3.42 -48.48
C LEU A 119 -24.50 3.21 -49.12
N ASP A 120 -25.41 2.49 -48.43
CA ASP A 120 -26.79 2.37 -48.91
C ASP A 120 -27.54 3.68 -48.72
N ARG A 121 -27.36 4.34 -47.58
CA ARG A 121 -27.95 5.66 -47.44
C ARG A 121 -27.49 6.56 -48.59
N ILE A 122 -26.19 6.51 -48.90
CA ILE A 122 -25.64 7.28 -50.00
C ILE A 122 -26.24 6.83 -51.33
N ARG A 123 -26.32 5.52 -51.53
CA ARG A 123 -26.87 5.01 -52.78
C ARG A 123 -28.28 5.54 -53.01
N LYS A 124 -28.99 5.91 -51.94
CA LYS A 124 -30.35 6.42 -52.10
C LYS A 124 -30.36 7.75 -52.83
N LEU A 125 -29.49 8.68 -52.43
CA LEU A 125 -29.43 10.00 -53.06
C LEU A 125 -29.04 9.90 -54.53
N ALA A 126 -28.11 9.00 -54.86
CA ALA A 126 -27.68 8.86 -56.24
C ALA A 126 -28.85 8.41 -57.13
N ASP A 127 -29.72 7.56 -56.59
CA ASP A 127 -30.86 7.06 -57.37
C ASP A 127 -31.92 8.12 -57.60
N GLN A 128 -31.79 9.31 -57.01
CA GLN A 128 -32.69 10.41 -57.30
C GLN A 128 -32.07 11.50 -58.15
N CYS A 129 -30.81 11.36 -58.53
CA CYS A 129 -30.15 12.38 -59.32
C CYS A 129 -29.93 11.83 -60.73
N THR A 130 -30.26 12.66 -61.72
CA THR A 130 -30.28 12.23 -63.11
C THR A 130 -28.88 11.96 -63.65
N GLY A 131 -27.90 12.76 -63.25
CA GLY A 131 -26.53 12.39 -63.49
C GLY A 131 -25.64 12.78 -62.34
N LEU A 132 -25.02 11.82 -61.69
CA LEU A 132 -24.24 12.18 -60.52
C LEU A 132 -22.86 12.66 -60.96
N GLN A 133 -22.48 13.85 -60.50
CA GLN A 133 -21.14 14.37 -60.74
C GLN A 133 -20.13 13.76 -59.77
N GLY A 134 -20.42 13.80 -58.47
CA GLY A 134 -19.46 13.32 -57.51
C GLY A 134 -19.83 13.80 -56.12
N PHE A 135 -18.85 13.75 -55.21
CA PHE A 135 -19.07 13.94 -53.79
C PHE A 135 -18.19 15.06 -53.25
N LEU A 136 -18.77 15.90 -52.40
CA LEU A 136 -18.07 16.92 -51.64
C LEU A 136 -18.04 16.38 -50.21
N VAL A 137 -16.86 15.96 -49.75
CA VAL A 137 -16.70 15.30 -48.44
C VAL A 137 -16.11 16.27 -47.43
N PHE A 138 -16.78 16.42 -46.29
CA PHE A 138 -16.37 17.28 -45.18
C PHE A 138 -15.96 16.41 -43.99
N HIS A 139 -14.79 16.69 -43.41
CA HIS A 139 -14.28 15.90 -42.30
C HIS A 139 -13.10 16.64 -41.72
N SER A 140 -12.62 16.17 -40.58
CA SER A 140 -11.42 16.72 -39.97
C SER A 140 -10.29 15.68 -39.95
N PHE A 141 -9.05 16.12 -40.21
CA PHE A 141 -7.89 15.23 -40.10
C PHE A 141 -7.74 14.66 -38.68
N GLY A 142 -8.03 15.47 -37.67
CA GLY A 142 -7.71 15.09 -36.29
C GLY A 142 -8.69 14.14 -35.63
N GLY A 143 -9.96 14.19 -36.02
CA GLY A 143 -10.94 13.31 -35.43
C GLY A 143 -10.60 11.84 -35.68
N GLY A 144 -11.18 10.97 -34.87
CA GLY A 144 -11.07 9.56 -35.15
C GLY A 144 -12.06 9.15 -36.23
N THR A 145 -13.33 9.56 -36.08
CA THR A 145 -14.30 9.40 -37.17
C THR A 145 -14.02 10.36 -38.29
N GLY A 146 -13.67 11.60 -37.94
CA GLY A 146 -13.16 12.50 -38.94
C GLY A 146 -12.18 11.80 -39.84
N SER A 147 -11.21 11.09 -39.27
CA SER A 147 -10.15 10.57 -40.12
C SER A 147 -10.36 9.11 -40.47
N GLY A 148 -10.67 8.26 -39.48
CA GLY A 148 -10.78 6.84 -39.77
C GLY A 148 -11.91 6.50 -40.73
N PHE A 149 -13.13 6.99 -40.43
CA PHE A 149 -14.26 6.60 -41.27
C PHE A 149 -14.18 7.22 -42.65
N THR A 150 -13.81 8.50 -42.72
CA THR A 150 -13.74 9.15 -44.02
C THR A 150 -12.94 8.32 -44.99
N SER A 151 -11.73 7.91 -44.61
CA SER A 151 -10.88 7.22 -45.57
C SER A 151 -11.38 5.81 -45.87
N LEU A 152 -12.09 5.17 -44.93
CA LEU A 152 -12.78 3.93 -45.28
C LEU A 152 -13.89 4.20 -46.29
N LEU A 153 -14.60 5.34 -46.13
CA LEU A 153 -15.68 5.74 -47.05
C LEU A 153 -15.14 6.20 -48.39
N MET A 154 -14.08 6.99 -48.40
CA MET A 154 -13.49 7.41 -49.66
C MET A 154 -13.12 6.20 -50.50
N GLU A 155 -12.52 5.18 -49.92
CA GLU A 155 -12.21 3.99 -50.68
C GLU A 155 -13.47 3.39 -51.32
N ARG A 156 -14.55 3.23 -50.54
CA ARG A 156 -15.74 2.56 -51.04
C ARG A 156 -16.41 3.34 -52.16
N LEU A 157 -16.50 4.66 -52.05
CA LEU A 157 -17.03 5.45 -53.16
C LEU A 157 -16.21 5.21 -54.42
N SER A 158 -14.88 5.16 -54.29
CA SER A 158 -14.04 4.89 -55.46
C SER A 158 -14.33 3.53 -56.07
N VAL A 159 -14.98 2.65 -55.31
CA VAL A 159 -15.38 1.34 -55.82
C VAL A 159 -16.82 1.35 -56.31
N ASP A 160 -17.71 2.04 -55.59
CA ASP A 160 -19.13 2.03 -55.91
C ASP A 160 -19.56 3.17 -56.81
N TYR A 161 -18.73 4.20 -56.98
CA TYR A 161 -18.99 5.34 -57.85
C TYR A 161 -17.72 5.75 -58.60
N GLY A 162 -16.86 4.77 -58.91
CA GLY A 162 -15.59 4.97 -59.57
C GLY A 162 -15.55 6.03 -60.66
N LYS A 163 -16.62 6.20 -61.42
CA LYS A 163 -16.64 7.15 -62.53
C LYS A 163 -17.05 8.57 -62.10
N LYS A 164 -17.05 8.86 -60.80
CA LYS A 164 -17.46 10.14 -60.26
C LYS A 164 -16.27 10.85 -59.61
N SER A 165 -16.42 12.16 -59.45
CA SER A 165 -15.40 13.01 -58.86
C SER A 165 -15.60 13.08 -57.35
N LYS A 166 -14.50 13.15 -56.60
CA LYS A 166 -14.57 13.18 -55.12
C LYS A 166 -13.75 14.34 -54.53
N LEU A 167 -14.41 15.47 -54.24
CA LEU A 167 -13.78 16.63 -53.64
C LEU A 167 -13.83 16.58 -52.11
N GLU A 168 -12.89 17.30 -51.48
CA GLU A 168 -12.63 17.20 -50.04
C GLU A 168 -12.45 18.56 -49.39
N PHE A 169 -13.16 18.76 -48.29
CA PHE A 169 -13.00 19.93 -47.43
C PHE A 169 -12.53 19.42 -46.07
N SER A 170 -11.23 19.52 -45.80
CA SER A 170 -10.63 18.94 -44.62
C SER A 170 -10.16 20.02 -43.66
N ILE A 171 -10.40 19.79 -42.37
CA ILE A 171 -10.02 20.72 -41.31
C ILE A 171 -8.68 20.23 -40.76
N TYR A 172 -7.62 20.88 -41.19
CA TYR A 172 -6.28 20.54 -40.75
C TYR A 172 -6.12 20.90 -39.27
N PRO A 173 -5.53 20.01 -38.47
CA PRO A 173 -5.57 20.15 -37.00
C PRO A 173 -4.57 21.17 -36.49
N ALA A 174 -5.02 22.03 -35.58
CA ALA A 174 -4.15 22.99 -34.91
C ALA A 174 -4.51 23.07 -33.43
N PRO A 175 -3.51 23.29 -32.57
CA PRO A 175 -3.67 23.02 -31.12
C PRO A 175 -4.43 24.04 -30.27
N GLN A 176 -4.60 25.31 -30.67
CA GLN A 176 -5.49 26.15 -29.86
C GLN A 176 -6.81 25.44 -29.63
N VAL A 177 -7.43 24.94 -30.71
CA VAL A 177 -8.74 24.35 -30.62
C VAL A 177 -8.70 22.83 -30.66
N SER A 178 -7.51 22.25 -30.77
CA SER A 178 -7.39 20.80 -30.81
C SER A 178 -7.84 20.19 -29.49
N THR A 179 -8.46 19.04 -29.56
CA THR A 179 -8.92 18.35 -28.37
C THR A 179 -8.15 17.07 -28.08
N ALA A 180 -7.28 16.64 -29.00
CA ALA A 180 -6.65 15.34 -29.00
C ALA A 180 -5.15 15.48 -29.21
N VAL A 181 -4.39 14.57 -28.60
CA VAL A 181 -2.94 14.63 -28.70
C VAL A 181 -2.40 13.85 -29.90
N VAL A 182 -3.20 12.97 -30.49
CA VAL A 182 -2.74 12.13 -31.59
C VAL A 182 -3.14 12.67 -32.96
N GLU A 183 -3.63 13.89 -33.04
CA GLU A 183 -4.12 14.35 -34.34
C GLU A 183 -3.04 14.23 -35.43
N PRO A 184 -1.76 14.45 -35.16
CA PRO A 184 -0.78 14.23 -36.23
C PRO A 184 -0.74 12.78 -36.70
N TYR A 185 -1.02 11.82 -35.82
CA TYR A 185 -1.16 10.43 -36.26
C TYR A 185 -2.37 10.28 -37.19
N ASN A 186 -3.55 10.68 -36.70
CA ASN A 186 -4.78 10.60 -37.47
C ASN A 186 -4.62 11.30 -38.81
N SER A 187 -3.90 12.42 -38.82
CA SER A 187 -3.71 13.16 -40.05
C SER A 187 -2.98 12.32 -41.11
N ILE A 188 -1.79 11.80 -40.77
CA ILE A 188 -0.97 11.10 -41.78
C ILE A 188 -1.65 9.81 -42.25
N LEU A 189 -2.28 9.05 -41.33
CA LEU A 189 -2.92 7.79 -41.73
C LEU A 189 -4.05 8.02 -42.70
N THR A 190 -4.84 9.06 -42.46
CA THR A 190 -6.01 9.30 -43.27
C THR A 190 -5.62 9.94 -44.59
N THR A 191 -4.61 10.80 -44.59
CA THR A 191 -4.12 11.36 -45.83
C THR A 191 -3.52 10.29 -46.75
N HIS A 192 -2.74 9.37 -46.18
CA HIS A 192 -2.10 8.34 -46.98
C HIS A 192 -3.15 7.49 -47.70
N THR A 193 -4.27 7.22 -47.05
CA THR A 193 -5.27 6.36 -47.67
C THR A 193 -6.18 7.11 -48.61
N THR A 194 -6.50 8.38 -48.33
CA THR A 194 -7.43 9.10 -49.19
C THR A 194 -6.75 9.66 -50.45
N LEU A 195 -5.42 9.81 -50.43
CA LEU A 195 -4.73 10.58 -51.44
C LEU A 195 -5.08 10.12 -52.85
N GLU A 196 -5.20 8.80 -53.05
CA GLU A 196 -5.55 8.23 -54.34
C GLU A 196 -7.03 8.35 -54.65
N HIS A 197 -7.88 8.63 -53.66
CA HIS A 197 -9.31 8.60 -53.89
C HIS A 197 -9.95 9.97 -53.95
N SER A 198 -9.21 11.03 -53.67
CA SER A 198 -9.72 12.38 -53.78
C SER A 198 -9.15 13.11 -54.99
N ASP A 199 -10.01 13.82 -55.71
CA ASP A 199 -9.63 14.53 -56.92
C ASP A 199 -9.21 15.98 -56.66
N CYS A 200 -9.64 16.55 -55.53
CA CYS A 200 -9.24 17.89 -55.12
C CYS A 200 -9.70 18.14 -53.69
N ALA A 201 -8.79 18.60 -52.85
CA ALA A 201 -9.04 18.71 -51.44
C ALA A 201 -8.58 20.07 -50.97
N PHE A 202 -9.48 20.84 -50.36
CA PHE A 202 -9.16 22.14 -49.80
C PHE A 202 -8.96 22.03 -48.29
N MET A 203 -7.74 22.34 -47.82
CA MET A 203 -7.40 22.30 -46.40
C MET A 203 -7.70 23.62 -45.73
N VAL A 204 -8.42 23.59 -44.63
CA VAL A 204 -8.61 24.78 -43.81
C VAL A 204 -7.83 24.52 -42.52
N ASP A 205 -6.65 25.11 -42.40
CA ASP A 205 -5.88 24.98 -41.16
C ASP A 205 -6.56 25.82 -40.11
N ASN A 206 -7.00 25.17 -39.02
CA ASN A 206 -7.81 25.85 -38.01
C ASN A 206 -7.04 26.96 -37.33
N GLU A 207 -5.73 26.80 -37.19
CA GLU A 207 -4.91 27.86 -36.63
C GLU A 207 -5.12 29.16 -37.40
N ALA A 208 -5.21 29.06 -38.73
CA ALA A 208 -5.40 30.25 -39.58
C ALA A 208 -6.73 30.92 -39.32
N ILE A 209 -7.81 30.19 -39.52
CA ILE A 209 -9.16 30.70 -39.35
C ILE A 209 -9.37 31.34 -37.97
N TYR A 210 -8.69 30.80 -36.95
CA TYR A 210 -8.79 31.30 -35.58
C TYR A 210 -8.26 32.73 -35.47
N ASP A 211 -7.05 32.98 -36.01
CA ASP A 211 -6.46 34.33 -35.97
C ASP A 211 -7.24 35.30 -36.84
N ILE A 212 -7.69 34.85 -38.01
CA ILE A 212 -8.55 35.69 -38.82
C ILE A 212 -9.74 36.16 -37.99
N CYS A 213 -10.32 35.25 -37.19
CA CYS A 213 -11.44 35.58 -36.31
C CYS A 213 -11.02 36.56 -35.21
N ARG A 214 -9.94 36.25 -34.48
CA ARG A 214 -9.51 37.16 -33.43
C ARG A 214 -9.22 38.55 -33.99
N ARG A 215 -8.38 38.64 -35.02
CA ARG A 215 -7.85 39.92 -35.46
C ARG A 215 -8.90 40.76 -36.18
N ASN A 216 -9.48 40.21 -37.24
CA ASN A 216 -10.36 40.96 -38.12
C ASN A 216 -11.82 40.97 -37.67
N LEU A 217 -12.21 40.03 -36.81
CA LEU A 217 -13.55 40.04 -36.25
C LEU A 217 -13.56 40.51 -34.81
N ASP A 218 -12.42 40.89 -34.26
CA ASP A 218 -12.32 41.35 -32.87
C ASP A 218 -13.04 40.40 -31.93
N ILE A 219 -12.72 39.12 -32.04
CA ILE A 219 -13.31 38.05 -31.25
C ILE A 219 -12.25 37.54 -30.29
N GLU A 220 -12.41 37.81 -28.99
CA GLU A 220 -11.33 37.47 -28.05
C GLU A 220 -10.92 36.01 -28.15
N ARG A 221 -11.84 35.09 -27.83
CA ARG A 221 -11.61 33.65 -27.95
C ARG A 221 -12.62 33.08 -28.94
N PRO A 222 -12.25 32.95 -30.21
CA PRO A 222 -13.21 32.47 -31.21
C PRO A 222 -13.66 31.05 -30.91
N THR A 223 -14.95 30.81 -31.14
CA THR A 223 -15.60 29.53 -30.94
C THR A 223 -15.62 28.72 -32.24
N TYR A 224 -16.01 27.45 -32.11
CA TYR A 224 -16.32 26.69 -33.33
C TYR A 224 -17.41 27.41 -34.13
N THR A 225 -18.42 27.95 -33.44
CA THR A 225 -19.51 28.59 -34.16
C THR A 225 -19.02 29.82 -34.92
N ASN A 226 -18.01 30.50 -34.38
CA ASN A 226 -17.35 31.56 -35.14
C ASN A 226 -16.62 30.98 -36.34
N LEU A 227 -15.85 29.91 -36.12
CA LEU A 227 -15.00 29.38 -37.18
C LEU A 227 -15.82 28.88 -38.36
N ASN A 228 -16.82 28.05 -38.09
CA ASN A 228 -17.55 27.43 -39.18
C ASN A 228 -18.26 28.47 -40.05
N ARG A 229 -18.85 29.50 -39.44
CA ARG A 229 -19.53 30.53 -40.23
C ARG A 229 -18.58 31.22 -41.18
N LEU A 230 -17.33 31.47 -40.73
CA LEU A 230 -16.32 31.96 -41.66
C LEU A 230 -15.99 30.89 -42.69
N ILE A 231 -15.90 29.62 -42.27
CA ILE A 231 -15.51 28.59 -43.23
C ILE A 231 -16.51 28.49 -44.37
N SER A 232 -17.80 28.36 -44.03
CA SER A 232 -18.78 28.24 -45.12
C SER A 232 -18.77 29.48 -46.00
N GLN A 233 -18.51 30.65 -45.43
CA GLN A 233 -18.30 31.83 -46.27
C GLN A 233 -17.28 31.53 -47.34
N ILE A 234 -16.15 30.93 -46.94
CA ILE A 234 -15.19 30.44 -47.93
C ILE A 234 -15.81 29.29 -48.72
N VAL A 235 -16.42 28.33 -48.02
CA VAL A 235 -17.00 27.18 -48.70
C VAL A 235 -18.11 27.59 -49.66
N SER A 236 -18.77 28.72 -49.42
CA SER A 236 -19.87 29.07 -50.31
C SER A 236 -19.37 29.61 -51.64
N SER A 237 -18.43 30.57 -51.62
CA SER A 237 -17.91 31.06 -52.89
C SER A 237 -17.21 29.94 -53.65
N ILE A 238 -16.58 29.00 -52.93
CA ILE A 238 -15.86 27.94 -53.64
C ILE A 238 -16.84 27.07 -54.40
N THR A 239 -18.03 26.84 -53.84
CA THR A 239 -19.02 26.00 -54.50
C THR A 239 -20.10 26.79 -55.20
N ALA A 240 -20.13 28.12 -55.02
CA ALA A 240 -21.19 28.93 -55.62
C ALA A 240 -21.32 28.70 -57.11
N SER A 241 -20.20 28.40 -57.79
CA SER A 241 -20.25 28.20 -59.22
C SER A 241 -21.15 27.04 -59.62
N LEU A 242 -21.21 25.98 -58.79
CA LEU A 242 -22.07 24.85 -59.08
C LEU A 242 -23.52 25.16 -58.81
N ARG A 243 -23.80 25.98 -57.81
CA ARG A 243 -25.17 26.23 -57.40
C ARG A 243 -25.80 27.31 -58.27
N PHE A 244 -24.99 28.17 -58.86
CA PHE A 244 -25.45 29.35 -59.57
C PHE A 244 -25.17 29.24 -61.08
N ASP A 245 -25.89 30.04 -61.86
CA ASP A 245 -25.55 30.13 -63.27
C ASP A 245 -24.17 30.76 -63.43
N GLY A 246 -23.41 30.25 -64.39
CA GLY A 246 -22.04 30.71 -64.55
C GLY A 246 -21.35 30.00 -65.70
N ALA A 247 -20.05 30.30 -65.83
CA ALA A 247 -19.21 29.81 -66.91
C ALA A 247 -17.88 29.26 -66.45
N LEU A 248 -17.44 29.55 -65.24
CA LEU A 248 -16.21 29.00 -64.68
C LEU A 248 -16.52 28.08 -63.51
N ASN A 249 -15.92 26.89 -63.52
CA ASN A 249 -16.15 25.87 -62.49
C ASN A 249 -17.63 25.45 -62.45
N VAL A 250 -18.13 24.92 -63.58
CA VAL A 250 -19.53 24.55 -63.64
C VAL A 250 -19.80 23.09 -63.27
N ASP A 251 -18.76 22.29 -63.07
CA ASP A 251 -18.91 20.93 -62.58
C ASP A 251 -17.67 20.52 -61.79
N LEU A 252 -17.83 19.48 -60.95
CA LEU A 252 -16.76 19.04 -60.08
C LEU A 252 -15.49 18.69 -60.85
N THR A 253 -15.63 18.27 -62.11
CA THR A 253 -14.45 17.80 -62.84
C THR A 253 -13.59 18.95 -63.30
N GLU A 254 -14.19 20.10 -63.51
CA GLU A 254 -13.42 21.28 -63.87
C GLU A 254 -12.50 21.73 -62.74
N PHE A 255 -12.87 21.45 -61.48
CA PHE A 255 -11.97 21.74 -60.38
C PHE A 255 -10.64 21.01 -60.56
N GLN A 256 -10.70 19.76 -61.07
CA GLN A 256 -9.49 18.97 -61.26
C GLN A 256 -8.61 19.55 -62.35
N THR A 257 -9.19 20.09 -63.43
CA THR A 257 -8.41 20.63 -64.54
C THR A 257 -8.14 22.14 -64.45
N ASN A 258 -8.67 22.85 -63.46
CA ASN A 258 -8.23 24.23 -63.29
C ASN A 258 -7.08 24.34 -62.31
N LEU A 259 -7.16 23.54 -61.25
CA LEU A 259 -6.32 23.69 -60.07
C LEU A 259 -5.31 22.56 -59.89
N VAL A 260 -5.55 21.39 -60.48
CA VAL A 260 -4.73 20.21 -60.23
C VAL A 260 -4.10 19.60 -61.48
N PRO A 261 -2.96 20.13 -61.97
CA PRO A 261 -2.31 19.46 -63.13
C PRO A 261 -1.59 18.17 -62.74
N TYR A 262 -0.82 18.15 -61.58
CA TYR A 262 -0.44 16.79 -61.33
C TYR A 262 -1.34 16.23 -60.24
N PRO A 263 -1.67 14.90 -60.28
CA PRO A 263 -2.73 14.37 -59.41
C PRO A 263 -2.43 14.40 -57.93
N ARG A 264 -1.23 13.97 -57.55
CA ARG A 264 -0.95 13.90 -56.12
C ARG A 264 -0.92 15.28 -55.52
N ILE A 265 -0.50 16.29 -56.29
CA ILE A 265 -0.43 17.66 -55.78
C ILE A 265 -1.78 18.28 -56.04
N HIS A 266 -2.75 18.00 -55.16
CA HIS A 266 -4.12 18.48 -55.37
C HIS A 266 -4.64 19.18 -54.12
N PHE A 267 -3.85 20.11 -53.57
CA PHE A 267 -4.22 20.84 -52.37
C PHE A 267 -4.13 22.34 -52.64
N PRO A 268 -5.12 22.90 -53.35
CA PRO A 268 -5.11 24.34 -53.60
C PRO A 268 -5.21 25.11 -52.31
N LEU A 269 -4.66 26.32 -52.32
CA LEU A 269 -4.66 27.18 -51.15
C LEU A 269 -5.78 28.22 -51.28
N ALA A 270 -6.72 28.19 -50.36
CA ALA A 270 -7.76 29.21 -50.35
C ALA A 270 -7.27 30.42 -49.57
N THR A 271 -7.55 31.61 -50.12
CA THR A 271 -7.33 32.90 -49.48
C THR A 271 -8.59 33.71 -49.74
N TYR A 272 -9.25 34.16 -48.66
CA TYR A 272 -10.50 34.90 -48.75
C TYR A 272 -10.35 36.24 -48.03
N ALA A 273 -11.03 37.28 -48.58
CA ALA A 273 -11.03 38.65 -48.10
C ALA A 273 -12.13 39.47 -48.77
N PRO A 274 -12.73 40.47 -48.09
CA PRO A 274 -12.47 41.00 -46.76
C PRO A 274 -13.36 40.38 -45.66
N VAL A 275 -12.74 39.92 -44.56
CA VAL A 275 -13.46 39.49 -43.36
C VAL A 275 -13.60 40.70 -42.44
N ILE A 276 -14.70 41.45 -42.59
CA ILE A 276 -14.91 42.69 -41.85
C ILE A 276 -15.99 42.44 -40.82
N SER A 277 -15.79 42.96 -39.61
CA SER A 277 -16.70 42.72 -38.51
C SER A 277 -18.04 43.43 -38.67
N ALA A 278 -19.09 42.81 -38.10
CA ALA A 278 -20.41 43.40 -38.12
C ALA A 278 -20.52 44.54 -37.12
N GLU A 279 -19.77 44.43 -36.01
CA GLU A 279 -19.75 45.47 -34.98
C GLU A 279 -19.16 46.76 -35.53
N LYS A 280 -18.01 46.68 -36.19
CA LYS A 280 -17.32 47.88 -36.64
C LYS A 280 -18.26 48.70 -37.52
N ALA A 281 -18.61 49.90 -37.05
CA ALA A 281 -19.45 50.83 -37.80
C ALA A 281 -18.56 51.86 -38.52
N TYR A 282 -19.09 52.40 -39.62
CA TYR A 282 -18.32 53.28 -40.51
C TYR A 282 -17.08 52.54 -41.04
N HIS A 283 -17.35 51.53 -41.88
CA HIS A 283 -16.30 50.77 -42.56
C HIS A 283 -16.16 51.24 -44.00
N GLU A 284 -14.96 51.70 -44.36
CA GLU A 284 -14.64 52.02 -45.74
C GLU A 284 -14.79 50.78 -46.62
N GLN A 285 -15.46 50.94 -47.75
CA GLN A 285 -15.74 49.80 -48.60
C GLN A 285 -14.55 49.55 -49.52
N LEU A 286 -14.09 48.31 -49.56
CA LEU A 286 -12.82 47.94 -50.20
C LEU A 286 -12.96 47.64 -51.69
N SER A 287 -12.09 48.27 -52.47
CA SER A 287 -12.13 48.23 -53.92
C SER A 287 -11.51 46.94 -54.48
N VAL A 288 -11.83 46.67 -55.75
CA VAL A 288 -11.44 45.40 -56.36
C VAL A 288 -9.94 45.22 -56.30
N ALA A 289 -9.19 46.31 -56.46
CA ALA A 289 -7.74 46.18 -56.33
C ALA A 289 -7.34 45.98 -54.88
N GLU A 290 -8.12 46.54 -53.94
CA GLU A 290 -7.79 46.35 -52.54
C GLU A 290 -8.00 44.89 -52.11
N ILE A 291 -9.17 44.32 -52.39
CA ILE A 291 -9.47 42.97 -51.91
C ILE A 291 -8.69 41.92 -52.70
N THR A 292 -8.55 42.11 -54.02
CA THR A 292 -7.74 41.19 -54.81
C THR A 292 -6.30 41.21 -54.34
N ASN A 293 -5.78 42.39 -54.04
CA ASN A 293 -4.45 42.48 -53.44
C ASN A 293 -4.40 41.63 -52.17
N ALA A 294 -5.42 41.74 -51.32
CA ALA A 294 -5.42 41.03 -50.04
C ALA A 294 -5.27 39.52 -50.20
N CYS A 295 -5.67 38.97 -51.35
CA CYS A 295 -5.49 37.54 -51.62
C CYS A 295 -4.03 37.12 -51.50
N PHE A 296 -3.11 38.06 -51.67
CA PHE A 296 -1.69 37.77 -51.61
C PHE A 296 -1.05 38.10 -50.28
N GLU A 297 -1.81 38.59 -49.31
CA GLU A 297 -1.29 38.71 -47.95
C GLU A 297 -1.42 37.39 -47.22
N PRO A 298 -0.38 36.91 -46.51
CA PRO A 298 -0.45 35.55 -45.94
C PRO A 298 -1.50 35.45 -44.84
N ALA A 299 -1.92 36.56 -44.24
CA ALA A 299 -2.79 36.55 -43.08
C ALA A 299 -4.25 36.49 -43.48
N ASN A 300 -4.53 36.19 -44.76
CA ASN A 300 -5.90 35.93 -45.16
C ASN A 300 -6.09 34.52 -45.73
N GLN A 301 -5.06 33.69 -45.70
CA GLN A 301 -5.12 32.36 -46.25
C GLN A 301 -5.65 31.39 -45.21
N MET A 302 -6.13 30.23 -45.68
CA MET A 302 -6.62 29.21 -44.76
C MET A 302 -5.50 28.37 -44.18
N VAL A 303 -4.35 28.32 -44.82
CA VAL A 303 -3.14 27.70 -44.28
C VAL A 303 -2.04 28.77 -44.29
N LYS A 304 -1.36 28.93 -43.16
CA LYS A 304 -0.33 29.96 -43.02
C LYS A 304 0.93 29.51 -43.74
N CYS A 305 1.26 30.14 -44.86
CA CYS A 305 2.48 29.77 -45.58
C CYS A 305 2.90 30.98 -46.41
N ASP A 306 4.05 30.86 -47.05
CA ASP A 306 4.61 31.94 -47.87
C ASP A 306 4.65 31.52 -49.33
N PRO A 307 3.67 31.92 -50.14
CA PRO A 307 3.73 31.63 -51.57
C PRO A 307 4.90 32.30 -52.28
N ARG A 308 5.54 33.34 -51.71
CA ARG A 308 6.73 33.91 -52.35
C ARG A 308 7.80 32.85 -52.53
N HIS A 309 7.94 31.99 -51.55
CA HIS A 309 8.85 30.85 -51.64
C HIS A 309 8.12 29.60 -52.11
N GLY A 310 7.44 29.74 -53.24
CA GLY A 310 6.82 28.63 -53.93
C GLY A 310 6.57 28.99 -55.38
N LYS A 311 6.12 27.98 -56.13
CA LYS A 311 5.77 28.12 -57.52
C LYS A 311 4.27 27.88 -57.65
N TYR A 312 3.59 28.68 -58.48
CA TYR A 312 2.17 28.49 -58.76
C TYR A 312 1.99 27.50 -59.91
N MET A 313 0.86 26.78 -59.88
CA MET A 313 0.48 25.91 -60.98
C MET A 313 -0.87 26.28 -61.57
N ALA A 314 -1.63 27.14 -60.89
CA ALA A 314 -3.03 27.41 -61.23
C ALA A 314 -3.54 28.52 -60.33
N CYS A 315 -4.45 29.33 -60.82
CA CYS A 315 -4.92 30.38 -59.94
C CYS A 315 -6.28 30.85 -60.42
N CYS A 316 -7.32 30.65 -59.61
CA CYS A 316 -8.64 31.18 -59.92
C CYS A 316 -8.95 32.33 -58.98
N LEU A 317 -9.80 33.22 -59.45
CA LEU A 317 -10.25 34.36 -58.66
C LEU A 317 -11.76 34.38 -58.77
N LEU A 318 -12.40 34.24 -57.64
CA LEU A 318 -13.83 34.14 -57.54
C LEU A 318 -14.31 35.41 -56.85
N TYR A 319 -14.80 36.38 -57.62
CA TYR A 319 -15.41 37.54 -57.00
C TYR A 319 -16.89 37.33 -56.78
N ARG A 320 -17.44 38.16 -55.91
CA ARG A 320 -18.78 37.99 -55.36
C ARG A 320 -19.20 39.40 -54.96
N GLY A 321 -20.16 39.97 -55.69
CA GLY A 321 -20.54 41.35 -55.44
C GLY A 321 -20.26 42.30 -56.60
N ASP A 322 -20.16 43.59 -56.31
CA ASP A 322 -19.96 44.59 -57.35
C ASP A 322 -18.53 44.50 -57.85
N VAL A 323 -18.32 43.80 -58.95
CA VAL A 323 -16.99 43.64 -59.54
C VAL A 323 -17.13 43.55 -61.05
N VAL A 324 -16.32 44.37 -61.75
CA VAL A 324 -16.33 44.40 -63.21
C VAL A 324 -14.97 43.94 -63.73
N PRO A 325 -14.90 43.19 -64.84
CA PRO A 325 -13.59 42.67 -65.30
C PRO A 325 -12.52 43.75 -65.48
N LYS A 326 -12.90 44.95 -65.95
CA LYS A 326 -11.94 46.05 -66.03
C LYS A 326 -11.10 46.15 -64.77
N ASP A 327 -11.74 46.40 -63.64
CA ASP A 327 -11.03 46.61 -62.39
C ASP A 327 -10.18 45.40 -62.03
N VAL A 328 -10.70 44.20 -62.30
CA VAL A 328 -9.95 42.98 -62.03
C VAL A 328 -8.62 42.98 -62.77
N ASN A 329 -8.62 43.43 -64.02
CA ASN A 329 -7.39 43.41 -64.80
C ASN A 329 -6.41 44.47 -64.32
N ALA A 330 -6.88 45.69 -64.10
CA ALA A 330 -6.00 46.74 -63.60
C ALA A 330 -5.32 46.28 -62.31
N ALA A 331 -6.12 45.75 -61.38
CA ALA A 331 -5.57 45.25 -60.12
C ALA A 331 -4.53 44.17 -60.40
N ILE A 332 -4.84 43.23 -61.29
CA ILE A 332 -3.90 42.15 -61.56
C ILE A 332 -2.60 42.70 -62.13
N ALA A 333 -2.68 43.58 -63.13
CA ALA A 333 -1.47 44.07 -63.78
C ALA A 333 -0.53 44.68 -62.75
N THR A 334 -1.04 45.61 -61.96
CA THR A 334 -0.22 46.26 -60.94
C THR A 334 0.19 45.27 -59.83
N ILE A 335 -0.69 44.34 -59.45
CA ILE A 335 -0.27 43.35 -58.47
C ILE A 335 0.89 42.52 -59.03
N LYS A 336 0.91 42.29 -60.35
CA LYS A 336 1.99 41.48 -60.90
C LYS A 336 3.34 42.11 -60.59
N THR A 337 3.42 43.44 -60.73
CA THR A 337 4.68 44.13 -60.48
C THR A 337 5.10 44.02 -59.02
N LYS A 338 4.19 44.29 -58.09
CA LYS A 338 4.55 44.47 -56.69
C LYS A 338 4.70 43.16 -55.92
N ARG A 339 4.46 42.01 -56.54
CA ARG A 339 4.45 40.77 -55.78
C ARG A 339 5.38 39.74 -56.40
N SER A 340 5.63 38.68 -55.64
CA SER A 340 6.53 37.60 -56.02
C SER A 340 5.73 36.40 -56.54
N ILE A 341 5.12 36.58 -57.71
CA ILE A 341 4.22 35.60 -58.30
C ILE A 341 5.04 34.78 -59.29
N GLN A 342 5.44 33.58 -58.88
CA GLN A 342 6.29 32.71 -59.67
C GLN A 342 5.54 31.43 -60.03
N PHE A 343 5.31 31.20 -61.32
CA PHE A 343 4.74 29.96 -61.80
C PHE A 343 5.83 28.99 -62.24
N VAL A 344 5.47 27.72 -62.31
CA VAL A 344 6.36 26.76 -62.94
C VAL A 344 6.31 26.99 -64.44
N ASP A 345 7.46 26.79 -65.10
CA ASP A 345 7.57 27.13 -66.52
C ASP A 345 6.60 26.35 -67.36
N TRP A 346 6.30 25.13 -66.98
CA TRP A 346 5.44 24.32 -67.80
C TRP A 346 3.99 24.65 -67.63
N CYS A 347 3.70 25.85 -67.10
CA CYS A 347 2.36 26.33 -66.83
C CYS A 347 2.29 27.81 -67.14
N PRO A 348 1.18 28.28 -67.65
CA PRO A 348 1.05 29.69 -68.03
C PRO A 348 0.79 30.57 -66.83
N THR A 349 1.30 31.78 -66.92
CA THR A 349 1.29 32.67 -65.76
C THR A 349 0.00 33.48 -65.72
N GLY A 350 -1.13 32.78 -65.88
CA GLY A 350 -2.43 33.42 -65.94
C GLY A 350 -3.41 33.18 -64.80
N PHE A 351 -4.45 34.02 -64.75
CA PHE A 351 -5.48 34.04 -63.72
C PHE A 351 -6.86 33.73 -64.30
N LYS A 352 -7.46 32.59 -63.96
CA LYS A 352 -8.86 32.37 -64.30
C LYS A 352 -9.76 33.11 -63.33
N VAL A 353 -10.67 33.93 -63.86
CA VAL A 353 -11.53 34.81 -63.05
C VAL A 353 -12.99 34.45 -63.22
N GLY A 354 -13.71 34.48 -62.11
CA GLY A 354 -15.16 34.42 -62.14
C GLY A 354 -15.75 35.55 -61.32
N ILE A 355 -16.88 36.07 -61.79
CA ILE A 355 -17.61 37.12 -61.10
C ILE A 355 -19.06 36.68 -60.99
N ASN A 356 -19.58 36.62 -59.76
CA ASN A 356 -20.99 36.40 -59.49
C ASN A 356 -21.53 37.64 -58.79
N TYR A 357 -22.62 38.20 -59.34
CA TYR A 357 -23.09 39.51 -58.90
C TYR A 357 -23.81 39.48 -57.57
N GLN A 358 -24.54 38.39 -57.25
CA GLN A 358 -25.16 38.26 -55.95
C GLN A 358 -24.07 38.53 -54.91
N PRO A 359 -24.12 39.68 -54.24
CA PRO A 359 -23.05 40.05 -53.31
C PRO A 359 -23.00 39.08 -52.16
N PRO A 360 -21.92 39.05 -51.39
CA PRO A 360 -21.81 38.03 -50.34
C PRO A 360 -23.02 38.08 -49.41
N THR A 361 -23.43 36.89 -48.95
CA THR A 361 -24.55 36.76 -48.05
C THR A 361 -24.02 36.49 -46.66
N VAL A 362 -24.63 37.10 -45.67
CA VAL A 362 -24.15 36.90 -44.31
C VAL A 362 -25.35 36.59 -43.42
N VAL A 363 -25.14 35.66 -42.50
CA VAL A 363 -26.21 35.23 -41.61
C VAL A 363 -26.65 36.42 -40.78
N PRO A 364 -27.93 36.67 -40.63
CA PRO A 364 -28.35 37.80 -39.81
C PRO A 364 -27.86 37.58 -38.38
N GLY A 365 -27.35 38.66 -37.78
CA GLY A 365 -26.85 38.56 -36.43
C GLY A 365 -25.59 37.72 -36.28
N GLY A 366 -24.97 37.30 -37.38
CA GLY A 366 -23.66 36.71 -37.37
C GLY A 366 -22.60 37.77 -37.12
N ASP A 367 -21.33 37.35 -37.20
CA ASP A 367 -20.26 38.29 -36.92
C ASP A 367 -19.72 38.97 -38.16
N LEU A 368 -19.80 38.33 -39.31
CA LEU A 368 -19.31 38.90 -40.57
C LEU A 368 -20.16 40.10 -40.98
N ALA A 369 -19.52 41.18 -41.37
CA ALA A 369 -20.26 42.31 -41.89
C ALA A 369 -20.77 42.01 -43.29
N LYS A 370 -21.73 42.82 -43.72
CA LYS A 370 -22.25 42.78 -45.08
C LYS A 370 -21.35 43.67 -45.93
N VAL A 371 -20.79 43.11 -46.99
CA VAL A 371 -19.84 43.83 -47.81
C VAL A 371 -20.39 43.98 -49.22
N GLN A 372 -19.95 45.02 -49.93
CA GLN A 372 -20.39 45.25 -51.30
C GLN A 372 -19.74 44.30 -52.29
N ARG A 373 -18.45 44.00 -52.12
CA ARG A 373 -17.73 43.11 -53.01
C ARG A 373 -16.78 42.25 -52.21
N ALA A 374 -16.70 40.95 -52.55
CA ALA A 374 -15.78 40.01 -51.91
C ALA A 374 -15.06 39.18 -52.97
N VAL A 375 -13.93 38.63 -52.59
CA VAL A 375 -13.16 37.76 -53.48
C VAL A 375 -12.68 36.55 -52.69
N CYS A 376 -12.58 35.42 -53.38
CA CYS A 376 -11.91 34.26 -52.83
C CYS A 376 -10.97 33.71 -53.88
N MET A 377 -9.68 33.73 -53.56
CA MET A 377 -8.66 33.22 -54.46
C MET A 377 -8.30 31.80 -54.06
N LEU A 378 -8.26 30.93 -55.05
CA LEU A 378 -7.93 29.51 -54.92
C LEU A 378 -6.67 29.27 -55.73
N SER A 379 -5.54 29.05 -55.03
CA SER A 379 -4.24 28.98 -55.68
C SER A 379 -3.50 27.70 -55.31
N ASN A 380 -3.10 26.93 -56.31
CA ASN A 380 -2.31 25.74 -56.04
C ASN A 380 -0.84 26.11 -56.08
N THR A 381 -0.32 26.56 -54.94
CA THR A 381 1.07 26.95 -54.79
C THR A 381 1.80 25.86 -54.03
N THR A 382 3.06 25.61 -54.42
CA THR A 382 3.83 24.56 -53.76
C THR A 382 4.12 24.87 -52.31
N ALA A 383 3.95 26.12 -51.87
CA ALA A 383 4.25 26.47 -50.49
C ALA A 383 3.26 25.90 -49.48
N ILE A 384 2.15 25.32 -49.92
CA ILE A 384 1.26 24.69 -48.97
C ILE A 384 1.92 23.51 -48.29
N ALA A 385 3.08 23.05 -48.80
CA ALA A 385 3.75 21.90 -48.22
C ALA A 385 4.33 22.23 -46.85
N GLU A 386 4.65 23.49 -46.61
CA GLU A 386 4.99 23.90 -45.26
C GLU A 386 4.05 23.21 -44.28
N ALA A 387 2.76 23.11 -44.62
CA ALA A 387 1.81 22.41 -43.76
C ALA A 387 2.15 20.93 -43.64
N TRP A 388 2.50 20.27 -44.76
CA TRP A 388 2.85 18.85 -44.68
C TRP A 388 4.15 18.63 -43.91
N ALA A 389 5.08 19.58 -44.01
CA ALA A 389 6.26 19.53 -43.18
C ALA A 389 5.89 19.55 -41.70
N ARG A 390 5.26 20.64 -41.23
CA ARG A 390 4.93 20.78 -39.81
C ARG A 390 4.14 19.57 -39.31
N LEU A 391 3.13 19.14 -40.06
CA LEU A 391 2.40 17.96 -39.65
C LEU A 391 3.33 16.75 -39.52
N ASP A 392 4.13 16.49 -40.56
CA ASP A 392 5.02 15.34 -40.58
C ASP A 392 6.04 15.36 -39.45
N HIS A 393 6.44 16.54 -38.99
CA HIS A 393 7.39 16.64 -37.89
C HIS A 393 6.77 16.15 -36.60
N LYS A 394 5.64 16.77 -36.22
CA LYS A 394 4.90 16.33 -35.05
C LYS A 394 4.71 14.84 -35.10
N PHE A 395 4.40 14.31 -36.28
CA PHE A 395 4.26 12.88 -36.43
C PHE A 395 5.56 12.16 -36.11
N ASP A 396 6.69 12.75 -36.48
CA ASP A 396 7.94 12.03 -36.27
C ASP A 396 8.37 12.04 -34.81
N LEU A 397 8.21 13.18 -34.12
CA LEU A 397 8.58 13.23 -32.71
C LEU A 397 7.92 12.12 -31.91
N MET A 398 6.59 11.97 -32.06
CA MET A 398 5.86 10.96 -31.28
C MET A 398 6.18 9.57 -31.75
N TYR A 399 6.20 9.37 -33.07
CA TYR A 399 6.36 8.01 -33.58
C TYR A 399 7.72 7.44 -33.23
N ALA A 400 8.75 8.28 -33.22
CA ALA A 400 10.10 7.84 -32.90
C ALA A 400 10.17 7.10 -31.57
N LYS A 401 9.39 7.56 -30.61
CA LYS A 401 9.20 6.88 -29.34
C LYS A 401 8.05 5.88 -29.37
N ARG A 402 7.39 5.74 -30.50
CA ARG A 402 6.18 4.94 -30.56
C ARG A 402 5.10 5.40 -29.58
N ALA A 403 5.14 6.64 -29.10
CA ALA A 403 4.14 7.05 -28.11
C ALA A 403 2.74 6.88 -28.68
N PHE A 404 1.86 6.24 -27.91
CA PHE A 404 0.45 5.98 -28.21
C PHE A 404 0.21 4.94 -29.30
N VAL A 405 1.25 4.38 -29.92
CA VAL A 405 1.01 3.40 -30.98
C VAL A 405 0.16 2.23 -30.48
N HIS A 406 0.23 1.93 -29.19
CA HIS A 406 -0.47 0.74 -28.71
C HIS A 406 -1.96 0.89 -28.85
N TRP A 407 -2.46 2.13 -28.77
CA TRP A 407 -3.87 2.35 -28.97
C TRP A 407 -4.29 2.01 -30.38
N TYR A 408 -3.38 2.15 -31.35
CA TYR A 408 -3.71 1.84 -32.73
C TYR A 408 -3.57 0.35 -33.00
N VAL A 409 -2.49 -0.27 -32.52
CA VAL A 409 -2.28 -1.67 -32.81
C VAL A 409 -3.39 -2.50 -32.20
N GLY A 410 -3.88 -2.09 -31.03
CA GLY A 410 -4.92 -2.83 -30.35
C GLY A 410 -6.24 -2.86 -31.09
N GLU A 411 -6.43 -1.99 -32.08
CA GLU A 411 -7.62 -2.06 -32.90
C GLU A 411 -7.44 -3.02 -34.06
N GLY A 412 -6.23 -3.52 -34.27
CA GLY A 412 -5.90 -4.44 -35.35
C GLY A 412 -4.88 -3.88 -36.31
N MET A 413 -4.67 -2.58 -36.30
CA MET A 413 -3.67 -1.93 -37.16
C MET A 413 -2.27 -2.41 -36.76
N GLU A 414 -1.34 -2.39 -37.72
CA GLU A 414 0.04 -2.81 -37.48
C GLU A 414 0.97 -1.60 -37.56
N GLU A 415 2.03 -1.62 -36.75
CA GLU A 415 2.98 -0.52 -36.75
C GLU A 415 3.34 -0.15 -38.17
N GLY A 416 3.23 -1.10 -39.09
CA GLY A 416 3.65 -0.87 -40.47
C GLY A 416 2.88 0.22 -41.17
N GLU A 417 1.54 0.24 -41.02
CA GLU A 417 0.75 1.28 -41.67
C GLU A 417 1.23 2.66 -41.26
N PHE A 418 1.80 2.78 -40.05
CA PHE A 418 2.33 4.06 -39.61
C PHE A 418 3.49 4.50 -40.48
N SER A 419 4.49 3.62 -40.63
CA SER A 419 5.65 3.96 -41.44
C SER A 419 5.31 4.00 -42.92
N GLU A 420 4.43 3.10 -43.36
CA GLU A 420 4.01 3.10 -44.74
C GLU A 420 3.27 4.38 -45.08
N ALA A 421 2.44 4.86 -44.14
CA ALA A 421 1.71 6.12 -44.32
C ALA A 421 2.65 7.32 -44.29
N ARG A 422 3.62 7.33 -43.36
CA ARG A 422 4.63 8.38 -43.33
C ARG A 422 5.53 8.35 -44.56
N GLU A 423 5.84 7.15 -45.05
CA GLU A 423 6.61 7.03 -46.28
C GLU A 423 5.92 7.78 -47.39
N ASP A 424 4.61 7.57 -47.53
CA ASP A 424 3.86 8.28 -48.55
C ASP A 424 4.05 9.78 -48.37
N MET A 425 3.83 10.27 -47.15
CA MET A 425 3.99 11.69 -46.85
C MET A 425 5.36 12.20 -47.25
N ALA A 426 6.40 11.41 -46.96
CA ALA A 426 7.75 11.80 -47.34
C ALA A 426 7.88 11.88 -48.85
N ALA A 427 7.23 10.95 -49.56
CA ALA A 427 7.17 11.05 -51.02
C ALA A 427 6.44 12.31 -51.47
N LEU A 428 5.31 12.61 -50.84
CA LEU A 428 4.55 13.82 -51.18
C LEU A 428 5.35 15.10 -50.97
N GLU A 429 6.10 15.21 -49.86
CA GLU A 429 6.90 16.41 -49.63
C GLU A 429 7.95 16.59 -50.70
N LYS A 430 8.41 15.49 -51.31
CA LYS A 430 9.46 15.52 -52.33
C LYS A 430 8.90 15.95 -53.68
N ASP A 431 7.73 15.43 -54.07
CA ASP A 431 7.00 15.96 -55.22
C ASP A 431 6.85 17.48 -55.11
N TYR A 432 6.38 17.94 -53.95
CA TYR A 432 6.21 19.39 -53.77
C TYR A 432 7.54 20.12 -53.94
N GLU A 433 8.65 19.53 -53.48
CA GLU A 433 9.92 20.23 -53.57
C GLU A 433 10.49 20.22 -54.98
N GLU A 434 10.40 19.08 -55.67
CA GLU A 434 10.91 19.02 -57.03
C GLU A 434 10.17 20.02 -57.90
N VAL A 435 8.86 20.15 -57.70
CA VAL A 435 8.08 21.07 -58.52
C VAL A 435 8.35 22.53 -58.16
N GLY A 436 8.91 22.80 -56.99
CA GLY A 436 9.02 24.16 -56.46
C GLY A 436 10.36 24.86 -56.42
N VAL A 437 11.43 24.27 -56.93
CA VAL A 437 12.72 24.96 -56.86
C VAL A 437 13.43 25.19 -58.20
N ARG B 2 -23.98 6.86 -22.03
CA ARG B 2 -22.64 6.39 -21.71
C ARG B 2 -22.46 6.32 -20.18
N GLU B 3 -22.92 5.21 -19.59
CA GLU B 3 -23.00 5.04 -18.14
C GLU B 3 -21.70 4.48 -17.59
N ILE B 4 -21.20 5.12 -16.56
CA ILE B 4 -20.09 4.61 -15.77
C ILE B 4 -20.67 3.81 -14.63
N VAL B 5 -19.92 2.80 -14.16
CA VAL B 5 -20.34 1.97 -13.03
C VAL B 5 -19.32 2.07 -11.91
N HIS B 6 -19.80 2.40 -10.72
CA HIS B 6 -18.93 2.75 -9.60
C HIS B 6 -18.93 1.64 -8.55
N ILE B 7 -17.74 1.30 -8.10
CA ILE B 7 -17.52 0.22 -7.15
C ILE B 7 -16.60 0.78 -6.07
N GLN B 8 -16.96 0.58 -4.81
CA GLN B 8 -16.09 0.95 -3.70
C GLN B 8 -15.89 -0.26 -2.80
N ALA B 9 -14.65 -0.50 -2.38
CA ALA B 9 -14.28 -1.73 -1.70
C ALA B 9 -13.60 -1.46 -0.38
N GLY B 10 -14.15 -2.01 0.68
CA GLY B 10 -13.50 -1.98 1.96
C GLY B 10 -13.73 -0.66 2.65
N GLN B 11 -13.23 -0.59 3.88
CA GLN B 11 -13.40 0.62 4.68
C GLN B 11 -13.01 1.87 3.90
N CYS B 12 -11.73 1.98 3.49
CA CYS B 12 -11.27 3.18 2.77
C CYS B 12 -12.09 3.42 1.51
N GLY B 13 -12.20 2.41 0.67
CA GLY B 13 -12.99 2.61 -0.52
C GLY B 13 -14.33 3.22 -0.19
N ASN B 14 -14.98 2.75 0.88
CA ASN B 14 -16.36 3.13 1.12
C ASN B 14 -16.49 4.48 1.86
N GLN B 15 -15.48 4.89 2.62
CA GLN B 15 -15.54 6.22 3.22
C GLN B 15 -15.27 7.31 2.18
N ILE B 16 -14.15 7.23 1.46
CA ILE B 16 -13.96 8.21 0.40
C ILE B 16 -15.00 8.01 -0.66
N GLY B 17 -15.34 6.76 -0.98
CA GLY B 17 -16.39 6.54 -1.95
C GLY B 17 -17.62 7.31 -1.58
N ALA B 18 -18.05 7.20 -0.33
CA ALA B 18 -19.27 7.88 0.09
C ALA B 18 -19.12 9.39 0.00
N LYS B 19 -17.93 9.92 0.24
CA LYS B 19 -17.76 11.36 0.10
C LYS B 19 -18.01 11.79 -1.33
N PHE B 20 -17.39 11.09 -2.29
CA PHE B 20 -17.56 11.46 -3.68
C PHE B 20 -19.04 11.54 -4.03
N TRP B 21 -19.84 10.60 -3.56
CA TRP B 21 -21.26 10.62 -3.89
C TRP B 21 -22.02 11.73 -3.17
N GLU B 22 -21.61 12.11 -1.96
CA GLU B 22 -22.16 13.32 -1.38
C GLU B 22 -21.76 14.56 -2.17
N VAL B 23 -20.48 14.65 -2.54
CA VAL B 23 -19.96 15.87 -3.14
C VAL B 23 -20.60 16.12 -4.50
N ILE B 24 -20.69 15.08 -5.33
CA ILE B 24 -21.20 15.29 -6.68
C ILE B 24 -22.71 15.38 -6.66
N SER B 25 -23.36 14.76 -5.67
CA SER B 25 -24.79 14.91 -5.53
C SER B 25 -25.17 16.37 -5.24
N ASP B 26 -24.38 17.04 -4.40
CA ASP B 26 -24.67 18.45 -4.13
C ASP B 26 -24.44 19.30 -5.38
N GLU B 27 -23.42 18.97 -6.17
CA GLU B 27 -23.14 19.72 -7.39
C GLU B 27 -24.27 19.59 -8.41
N HIS B 28 -24.81 18.37 -8.53
CA HIS B 28 -25.87 18.03 -9.47
C HIS B 28 -27.25 18.27 -8.91
N GLY B 29 -27.34 18.79 -7.69
CA GLY B 29 -28.61 19.18 -7.13
C GLY B 29 -29.54 18.01 -6.90
N ILE B 30 -29.06 17.02 -6.14
CA ILE B 30 -29.81 15.82 -5.77
C ILE B 30 -29.64 15.63 -4.29
N ASP B 31 -30.74 15.67 -3.57
CA ASP B 31 -30.71 15.64 -2.11
C ASP B 31 -30.65 14.21 -1.62
N PRO B 32 -30.50 14.01 -0.32
CA PRO B 32 -30.43 12.65 0.20
C PRO B 32 -31.66 11.81 -0.12
N THR B 33 -32.79 12.42 -0.49
CA THR B 33 -33.95 11.62 -0.88
C THR B 33 -33.93 11.20 -2.35
N GLY B 34 -32.96 11.66 -3.12
CA GLY B 34 -32.92 11.37 -4.54
C GLY B 34 -33.72 12.32 -5.41
N SER B 35 -34.16 13.46 -4.87
CA SER B 35 -34.92 14.47 -5.60
C SER B 35 -33.96 15.54 -6.10
N TYR B 36 -34.30 16.14 -7.24
CA TYR B 36 -33.50 17.21 -7.83
C TYR B 36 -34.18 18.53 -7.52
N HIS B 37 -33.56 19.31 -6.65
CA HIS B 37 -33.90 20.71 -6.46
C HIS B 37 -32.70 21.50 -6.96
N GLY B 38 -32.64 21.70 -8.27
CA GLY B 38 -31.46 22.25 -8.92
C GLY B 38 -31.74 23.56 -9.61
N ASP B 39 -30.71 24.39 -9.68
CA ASP B 39 -30.86 25.70 -10.29
C ASP B 39 -30.71 25.59 -11.81
N SER B 40 -29.52 25.21 -12.29
CA SER B 40 -29.20 25.10 -13.71
C SER B 40 -29.39 23.70 -14.23
N ASP B 41 -29.58 23.58 -15.54
CA ASP B 41 -29.71 22.27 -16.12
C ASP B 41 -28.40 21.69 -16.66
N LEU B 42 -27.31 22.48 -16.66
CA LEU B 42 -25.99 21.88 -16.71
C LEU B 42 -25.87 20.74 -15.71
N GLN B 43 -26.58 20.88 -14.58
CA GLN B 43 -26.63 19.83 -13.57
C GLN B 43 -27.31 18.56 -14.08
N LEU B 44 -28.18 18.67 -15.08
CA LEU B 44 -28.97 17.52 -15.49
C LEU B 44 -28.67 17.00 -16.89
N GLU B 45 -27.86 17.70 -17.67
CA GLU B 45 -27.65 17.25 -19.05
C GLU B 45 -26.98 15.88 -19.09
N ARG B 46 -26.02 15.63 -18.22
CA ARG B 46 -25.32 14.36 -18.27
C ARG B 46 -25.45 13.60 -16.96
N ILE B 47 -26.56 13.80 -16.24
CA ILE B 47 -26.69 13.19 -14.92
C ILE B 47 -26.73 11.68 -15.03
N ASN B 48 -27.04 11.15 -16.21
CA ASN B 48 -27.14 9.71 -16.40
C ASN B 48 -25.81 9.02 -16.41
N VAL B 49 -24.71 9.75 -16.53
CA VAL B 49 -23.41 9.09 -16.55
C VAL B 49 -23.18 8.36 -15.25
N TYR B 50 -23.43 9.03 -14.12
CA TYR B 50 -23.14 8.50 -12.80
C TYR B 50 -24.39 8.07 -12.06
N TYR B 51 -25.58 8.47 -12.53
CA TYR B 51 -26.85 8.23 -11.83
C TYR B 51 -27.82 7.50 -12.74
N ASN B 52 -28.45 6.45 -12.19
CA ASN B 52 -29.55 5.77 -12.84
C ASN B 52 -30.84 6.54 -12.58
N GLU B 53 -31.54 6.90 -13.65
CA GLU B 53 -32.83 7.60 -13.51
C GLU B 53 -33.89 6.64 -12.98
N ALA B 54 -34.67 7.14 -12.02
CA ALA B 54 -35.53 6.29 -11.22
C ALA B 54 -36.99 6.74 -11.30
N THR B 55 -37.84 5.85 -10.80
CA THR B 55 -39.29 6.02 -10.83
C THR B 55 -39.73 7.23 -10.01
N GLY B 56 -40.79 7.88 -10.49
CA GLY B 56 -41.18 9.14 -9.90
C GLY B 56 -40.17 10.22 -10.14
N ASN B 57 -39.29 10.01 -11.12
CA ASN B 57 -38.14 10.88 -11.43
C ASN B 57 -37.27 11.13 -10.18
N LYS B 58 -36.74 10.02 -9.67
CA LYS B 58 -35.65 9.98 -8.69
C LYS B 58 -34.38 9.55 -9.40
N TYR B 59 -33.24 9.96 -8.86
CA TYR B 59 -31.93 9.59 -9.39
C TYR B 59 -31.18 8.73 -8.37
N VAL B 60 -30.71 7.57 -8.80
CA VAL B 60 -29.98 6.65 -7.94
C VAL B 60 -28.56 6.49 -8.49
N PRO B 61 -27.53 6.57 -7.64
CA PRO B 61 -26.17 6.34 -8.10
C PRO B 61 -25.96 4.92 -8.62
N ARG B 62 -25.24 4.83 -9.74
CA ARG B 62 -24.84 3.54 -10.28
C ARG B 62 -23.61 3.06 -9.49
N ALA B 63 -23.87 2.71 -8.23
CA ALA B 63 -22.81 2.45 -7.26
C ALA B 63 -23.09 1.16 -6.48
N ILE B 64 -22.08 0.31 -6.44
CA ILE B 64 -22.12 -0.99 -5.79
C ILE B 64 -21.18 -0.93 -4.61
N LEU B 65 -21.71 -1.17 -3.42
CA LEU B 65 -20.93 -1.14 -2.20
C LEU B 65 -20.49 -2.55 -1.84
N VAL B 66 -19.18 -2.75 -1.70
CA VAL B 66 -18.58 -4.05 -1.46
C VAL B 66 -17.72 -3.98 -0.20
N ASP B 67 -17.76 -5.05 0.59
CA ASP B 67 -16.91 -5.16 1.78
C ASP B 67 -17.05 -6.55 2.44
N LEU B 68 -16.02 -7.02 3.15
CA LEU B 68 -16.03 -8.35 3.76
C LEU B 68 -16.44 -8.34 5.24
N GLU B 69 -16.29 -7.21 5.90
CA GLU B 69 -16.83 -6.97 7.22
C GLU B 69 -18.02 -6.06 7.08
N PRO B 70 -19.19 -6.43 7.57
CA PRO B 70 -20.29 -5.46 7.64
C PRO B 70 -19.97 -4.41 8.68
N GLY B 71 -20.59 -3.27 8.54
CA GLY B 71 -20.22 -2.21 9.46
C GLY B 71 -19.69 -0.94 8.86
N THR B 72 -18.76 -0.99 7.89
CA THR B 72 -18.42 0.29 7.25
C THR B 72 -19.59 0.73 6.43
N MET B 73 -20.14 -0.18 5.66
CA MET B 73 -21.34 0.16 4.92
C MET B 73 -22.49 0.46 5.87
N ASP B 74 -22.52 -0.15 7.06
CA ASP B 74 -23.51 0.28 8.04
C ASP B 74 -23.42 1.78 8.30
N SER B 75 -22.25 2.26 8.66
CA SER B 75 -22.12 3.69 8.87
C SER B 75 -22.57 4.45 7.63
N VAL B 76 -22.20 3.97 6.45
CA VAL B 76 -22.64 4.63 5.22
C VAL B 76 -24.16 4.67 5.19
N ARG B 77 -24.79 3.53 5.43
CA ARG B 77 -26.25 3.47 5.46
C ARG B 77 -26.85 4.26 6.60
N SER B 78 -26.03 4.98 7.38
CA SER B 78 -26.48 5.86 8.44
C SER B 78 -26.08 7.31 8.22
N GLY B 79 -25.31 7.60 7.19
CA GLY B 79 -24.96 8.95 6.82
C GLY B 79 -26.07 9.60 6.04
N PRO B 80 -25.91 10.91 5.79
CA PRO B 80 -26.98 11.70 5.15
C PRO B 80 -27.37 11.14 3.80
N PHE B 81 -26.39 11.02 2.90
CA PHE B 81 -26.66 10.39 1.62
C PHE B 81 -26.47 8.90 1.73
N GLY B 82 -26.91 8.31 2.82
CA GLY B 82 -26.79 6.89 3.00
C GLY B 82 -27.98 6.17 2.43
N GLN B 83 -29.08 6.90 2.25
CA GLN B 83 -30.29 6.29 1.73
C GLN B 83 -30.40 6.45 0.23
N ILE B 84 -29.54 7.27 -0.37
CA ILE B 84 -29.57 7.45 -1.81
C ILE B 84 -29.15 6.19 -2.53
N PHE B 85 -28.39 5.34 -1.86
CA PHE B 85 -27.83 4.14 -2.46
C PHE B 85 -28.87 3.05 -2.62
N ARG B 86 -28.81 2.35 -3.75
CA ARG B 86 -29.72 1.23 -3.98
C ARG B 86 -29.56 0.20 -2.88
N PRO B 87 -30.63 -0.21 -2.20
CA PRO B 87 -30.42 -1.10 -1.04
C PRO B 87 -29.81 -2.43 -1.44
N ASP B 88 -30.17 -2.97 -2.60
CA ASP B 88 -29.64 -4.25 -3.05
C ASP B 88 -28.14 -4.20 -3.28
N ASN B 89 -27.60 -3.02 -3.56
CA ASN B 89 -26.23 -2.87 -4.02
C ASN B 89 -25.24 -2.84 -2.87
N PHE B 90 -25.69 -3.18 -1.67
CA PHE B 90 -24.81 -3.32 -0.53
C PHE B 90 -24.45 -4.80 -0.43
N VAL B 91 -23.60 -5.26 -1.36
CA VAL B 91 -23.15 -6.65 -1.37
C VAL B 91 -21.98 -6.82 -0.40
N PHE B 92 -22.13 -7.74 0.56
CA PHE B 92 -21.12 -7.85 1.60
C PHE B 92 -21.20 -9.20 2.30
N GLY B 93 -20.14 -9.53 3.03
CA GLY B 93 -20.04 -10.73 3.84
C GLY B 93 -19.83 -10.33 5.29
N GLN B 94 -19.41 -11.25 6.17
CA GLN B 94 -19.35 -10.96 7.60
C GLN B 94 -18.00 -11.25 8.25
N SER B 95 -17.09 -11.90 7.55
CA SER B 95 -15.89 -12.39 8.21
C SER B 95 -14.90 -11.27 8.48
N GLY B 96 -14.79 -10.32 7.54
CA GLY B 96 -13.68 -9.39 7.51
C GLY B 96 -12.52 -9.99 6.76
N ALA B 97 -11.53 -9.14 6.48
CA ALA B 97 -10.36 -9.54 5.70
C ALA B 97 -9.03 -9.20 6.37
N GLY B 98 -9.06 -8.62 7.57
CA GLY B 98 -7.87 -8.48 8.37
C GLY B 98 -6.64 -7.84 7.75
N ASN B 99 -6.80 -6.70 7.07
CA ASN B 99 -5.64 -5.99 6.52
C ASN B 99 -4.69 -6.94 5.82
N ASN B 100 -5.22 -8.00 5.23
CA ASN B 100 -4.40 -9.01 4.59
C ASN B 100 -4.81 -9.11 3.14
N TRP B 101 -3.84 -8.92 2.24
CA TRP B 101 -4.17 -9.03 0.83
C TRP B 101 -4.68 -10.43 0.50
N ALA B 102 -3.93 -11.46 0.88
CA ALA B 102 -4.24 -12.84 0.52
C ALA B 102 -5.63 -13.26 0.99
N LYS B 103 -6.01 -12.91 2.21
CA LYS B 103 -7.35 -13.23 2.71
C LYS B 103 -8.44 -12.68 1.79
N GLY B 104 -8.35 -11.41 1.40
CA GLY B 104 -9.41 -10.80 0.61
C GLY B 104 -9.36 -11.14 -0.86
N HIS B 105 -8.18 -11.47 -1.38
CA HIS B 105 -7.98 -11.73 -2.79
C HIS B 105 -8.18 -13.19 -3.09
N TYR B 106 -7.67 -14.07 -2.23
CA TYR B 106 -7.60 -15.50 -2.48
C TYR B 106 -8.63 -16.32 -1.72
N THR B 107 -8.83 -16.08 -0.43
CA THR B 107 -9.73 -16.93 0.36
C THR B 107 -11.00 -16.20 0.77
N GLU B 108 -10.90 -15.12 1.52
CA GLU B 108 -12.13 -14.50 2.00
C GLU B 108 -12.85 -13.83 0.84
N GLY B 109 -12.11 -13.07 0.02
CA GLY B 109 -12.71 -12.43 -1.13
C GLY B 109 -13.34 -13.40 -2.09
N ALA B 110 -12.73 -14.57 -2.28
CA ALA B 110 -13.30 -15.53 -3.22
C ALA B 110 -14.71 -15.95 -2.80
N GLU B 111 -14.92 -16.23 -1.51
CA GLU B 111 -16.23 -16.71 -1.06
C GLU B 111 -17.34 -15.80 -1.56
N LEU B 112 -17.10 -14.50 -1.51
CA LEU B 112 -18.14 -13.50 -1.79
C LEU B 112 -17.95 -12.72 -3.10
N VAL B 113 -17.00 -13.10 -3.96
CA VAL B 113 -16.79 -12.22 -5.12
C VAL B 113 -17.89 -12.36 -6.17
N ASP B 114 -18.36 -13.59 -6.47
CA ASP B 114 -19.38 -13.67 -7.50
C ASP B 114 -20.60 -12.88 -7.14
N SER B 115 -20.82 -12.64 -5.85
CA SER B 115 -22.00 -11.91 -5.43
C SER B 115 -21.92 -10.45 -5.84
N VAL B 116 -20.73 -9.85 -5.76
CA VAL B 116 -20.60 -8.49 -6.26
C VAL B 116 -20.73 -8.49 -7.78
N LEU B 117 -20.05 -9.44 -8.44
CA LEU B 117 -20.10 -9.52 -9.90
C LEU B 117 -21.54 -9.55 -10.42
N ASP B 118 -22.43 -10.23 -9.68
CA ASP B 118 -23.82 -10.32 -10.13
C ASP B 118 -24.52 -8.97 -10.08
N VAL B 119 -24.24 -8.16 -9.05
CA VAL B 119 -24.77 -6.80 -9.01
C VAL B 119 -24.25 -5.98 -10.18
N VAL B 120 -22.93 -5.98 -10.36
CA VAL B 120 -22.30 -5.33 -11.50
C VAL B 120 -23.08 -5.66 -12.76
N ARG B 121 -23.34 -6.96 -12.96
CA ARG B 121 -24.03 -7.40 -14.17
C ARG B 121 -25.40 -6.74 -14.31
N LYS B 122 -26.18 -6.72 -13.22
CA LYS B 122 -27.51 -6.13 -13.33
C LYS B 122 -27.38 -4.74 -13.92
N GLU B 123 -26.40 -3.97 -13.42
CA GLU B 123 -26.22 -2.60 -13.88
C GLU B 123 -25.76 -2.52 -15.33
N SER B 124 -25.02 -3.51 -15.83
CA SER B 124 -24.55 -3.43 -17.22
C SER B 124 -25.73 -3.49 -18.18
N GLU B 125 -26.69 -4.38 -17.94
CA GLU B 125 -27.99 -4.18 -18.60
C GLU B 125 -28.59 -2.90 -18.04
N SER B 126 -29.39 -2.23 -18.85
CA SER B 126 -29.84 -0.89 -18.54
C SER B 126 -28.69 0.11 -18.65
N CYS B 127 -27.72 -0.23 -19.49
CA CYS B 127 -26.72 0.72 -19.93
C CYS B 127 -26.89 0.91 -21.43
N ASP B 128 -26.99 2.16 -21.89
CA ASP B 128 -27.07 2.38 -23.33
C ASP B 128 -25.73 2.06 -23.99
N CYS B 129 -24.67 2.63 -23.44
CA CYS B 129 -23.30 2.44 -23.91
C CYS B 129 -22.47 2.47 -22.63
N LEU B 130 -22.29 1.31 -22.01
CA LEU B 130 -21.50 1.27 -20.79
C LEU B 130 -20.07 1.70 -21.09
N GLN B 131 -19.64 2.79 -20.45
CA GLN B 131 -18.27 3.27 -20.63
C GLN B 131 -17.27 2.29 -20.05
N GLY B 132 -17.44 1.98 -18.77
CA GLY B 132 -16.45 1.23 -18.05
C GLY B 132 -16.76 1.35 -16.58
N PHE B 133 -15.77 1.09 -15.76
CA PHE B 133 -15.96 1.01 -14.33
C PHE B 133 -14.97 1.91 -13.63
N GLN B 134 -15.44 2.61 -12.61
CA GLN B 134 -14.57 3.42 -11.78
C GLN B 134 -14.67 2.87 -10.36
N LEU B 135 -13.54 2.38 -9.83
CA LEU B 135 -13.43 1.77 -8.52
C LEU B 135 -12.61 2.66 -7.59
N THR B 136 -13.10 2.81 -6.34
CA THR B 136 -12.37 3.43 -5.24
C THR B 136 -11.93 2.34 -4.26
N HIS B 137 -10.75 2.50 -3.67
CA HIS B 137 -10.24 1.48 -2.74
C HIS B 137 -8.87 1.93 -2.24
N SER B 138 -8.40 1.35 -1.13
CA SER B 138 -7.04 1.62 -0.69
C SER B 138 -6.17 0.38 -0.90
N LEU B 139 -4.89 0.61 -1.15
CA LEU B 139 -4.02 -0.50 -1.55
C LEU B 139 -3.31 -1.22 -0.40
N GLY B 140 -3.35 -0.73 0.84
CA GLY B 140 -2.63 -1.38 1.92
C GLY B 140 -3.39 -2.23 2.94
N GLY B 141 -4.68 -2.46 2.78
CA GLY B 141 -5.48 -3.35 3.59
C GLY B 141 -5.68 -4.69 2.92
N GLY B 142 -6.84 -5.29 3.15
CA GLY B 142 -7.18 -6.53 2.48
C GLY B 142 -8.41 -6.54 1.58
N THR B 143 -9.45 -5.80 1.95
CA THR B 143 -10.67 -5.89 1.16
C THR B 143 -10.55 -5.05 -0.10
N GLY B 144 -10.17 -3.79 0.04
CA GLY B 144 -10.01 -2.95 -1.14
C GLY B 144 -8.82 -3.38 -1.99
N SER B 145 -7.66 -3.54 -1.36
CA SER B 145 -6.49 -3.94 -2.13
C SER B 145 -6.67 -5.30 -2.77
N GLY B 146 -7.02 -6.31 -1.98
CA GLY B 146 -6.99 -7.68 -2.47
C GLY B 146 -8.29 -8.10 -3.11
N MET B 147 -9.39 -7.97 -2.37
CA MET B 147 -10.68 -8.23 -2.98
C MET B 147 -10.95 -7.26 -4.11
N GLY B 148 -10.44 -6.02 -3.99
CA GLY B 148 -10.61 -5.09 -5.09
C GLY B 148 -9.88 -5.53 -6.34
N THR B 149 -8.57 -5.83 -6.21
CA THR B 149 -7.81 -6.22 -7.39
C THR B 149 -8.31 -7.52 -7.96
N LEU B 150 -8.82 -8.42 -7.12
CA LEU B 150 -9.47 -9.60 -7.64
C LEU B 150 -10.69 -9.22 -8.48
N LEU B 151 -11.54 -8.33 -7.93
CA LEU B 151 -12.75 -7.90 -8.63
C LEU B 151 -12.41 -7.19 -9.94
N ILE B 152 -11.37 -6.38 -9.93
CA ILE B 152 -10.93 -5.77 -11.18
C ILE B 152 -10.59 -6.86 -12.20
N SER B 153 -9.84 -7.87 -11.77
CA SER B 153 -9.44 -8.91 -12.71
C SER B 153 -10.64 -9.63 -13.29
N LYS B 154 -11.66 -9.89 -12.47
CA LYS B 154 -12.85 -10.58 -12.99
C LYS B 154 -13.67 -9.70 -13.93
N ILE B 155 -13.79 -8.40 -13.63
CA ILE B 155 -14.55 -7.53 -14.53
C ILE B 155 -13.85 -7.40 -15.87
N ARG B 156 -12.52 -7.34 -15.87
CA ARG B 156 -11.84 -7.29 -17.14
C ARG B 156 -12.08 -8.55 -17.94
N GLU B 157 -12.33 -9.69 -17.27
CA GLU B 157 -12.60 -10.93 -18.03
C GLU B 157 -14.00 -10.93 -18.64
N GLU B 158 -15.00 -10.48 -17.88
CA GLU B 158 -16.37 -10.45 -18.36
C GLU B 158 -16.66 -9.27 -19.26
N TYR B 159 -15.97 -8.15 -19.05
CA TYR B 159 -16.15 -6.91 -19.80
C TYR B 159 -14.80 -6.54 -20.36
N PRO B 160 -14.21 -7.39 -21.19
CA PRO B 160 -12.81 -7.17 -21.57
C PRO B 160 -12.56 -5.89 -22.31
N ASP B 161 -13.58 -5.30 -22.91
CA ASP B 161 -13.40 -4.19 -23.84
C ASP B 161 -13.92 -2.86 -23.29
N ARG B 162 -14.14 -2.74 -22.00
CA ARG B 162 -14.55 -1.47 -21.40
C ARG B 162 -13.41 -0.86 -20.58
N ILE B 163 -13.50 0.45 -20.34
CA ILE B 163 -12.43 1.14 -19.62
C ILE B 163 -12.48 0.78 -18.12
N MET B 164 -11.30 0.65 -17.51
CA MET B 164 -11.18 0.27 -16.09
C MET B 164 -10.36 1.32 -15.36
N ASN B 165 -11.03 2.12 -14.53
CA ASN B 165 -10.52 3.34 -13.90
C ASN B 165 -10.60 3.17 -12.38
N THR B 166 -9.51 3.47 -11.67
CA THR B 166 -9.53 3.31 -10.22
C THR B 166 -8.89 4.50 -9.52
N PHE B 167 -9.38 4.77 -8.30
CA PHE B 167 -8.85 5.77 -7.37
C PHE B 167 -8.22 4.99 -6.22
N SER B 168 -6.92 4.81 -6.25
CA SER B 168 -6.23 4.01 -5.26
C SER B 168 -5.49 4.92 -4.28
N VAL B 169 -5.53 4.56 -3.01
CA VAL B 169 -4.93 5.35 -1.94
C VAL B 169 -3.62 4.68 -1.52
N MET B 170 -2.51 5.27 -1.94
CA MET B 170 -1.23 4.67 -1.59
C MET B 170 -1.05 4.71 -0.09
N PRO B 171 -0.49 3.67 0.50
CA PRO B 171 -0.16 3.70 1.91
C PRO B 171 1.11 4.49 2.18
N SER B 172 1.11 5.20 3.31
CA SER B 172 2.28 5.90 3.83
C SER B 172 2.38 5.65 5.32
N PRO B 173 3.59 5.44 5.86
CA PRO B 173 3.72 5.28 7.30
C PRO B 173 3.19 6.46 8.10
N LYS B 174 3.03 7.64 7.50
CA LYS B 174 2.56 8.77 8.30
C LYS B 174 1.09 8.64 8.67
N VAL B 175 0.30 7.86 7.93
CA VAL B 175 -1.05 7.53 8.35
C VAL B 175 -1.22 6.04 8.10
N SER B 176 -0.89 5.21 9.09
CA SER B 176 -0.74 3.79 8.78
C SER B 176 -1.57 2.95 9.73
N ASP B 177 -1.88 1.76 9.26
CA ASP B 177 -2.63 0.83 10.09
C ASP B 177 -1.80 -0.36 10.57
N THR B 178 -0.85 -0.86 9.77
CA THR B 178 -0.25 -2.15 10.02
C THR B 178 1.06 -2.25 9.24
N VAL B 179 2.04 -2.93 9.84
CA VAL B 179 3.35 -2.97 9.20
C VAL B 179 3.30 -3.72 7.88
N VAL B 180 2.24 -4.51 7.65
CA VAL B 180 2.12 -5.29 6.43
C VAL B 180 1.65 -4.46 5.24
N GLU B 181 1.45 -3.15 5.41
CA GLU B 181 0.88 -2.33 4.34
C GLU B 181 1.71 -2.38 3.08
N PRO B 182 3.04 -2.24 3.11
CA PRO B 182 3.81 -2.30 1.86
C PRO B 182 3.71 -3.64 1.14
N TYR B 183 3.35 -4.73 1.83
CA TYR B 183 3.12 -6.00 1.13
C TYR B 183 1.87 -5.92 0.28
N ASN B 184 0.81 -5.34 0.82
CA ASN B 184 -0.42 -5.29 0.07
C ASN B 184 -0.33 -4.33 -1.10
N ALA B 185 0.28 -3.16 -0.88
CA ALA B 185 0.39 -2.16 -1.94
C ALA B 185 1.17 -2.71 -3.13
N THR B 186 2.27 -3.40 -2.88
CA THR B 186 3.05 -3.93 -3.99
C THR B 186 2.29 -5.04 -4.72
N LEU B 187 1.59 -5.89 -3.98
CA LEU B 187 0.78 -6.94 -4.62
C LEU B 187 -0.36 -6.33 -5.43
N SER B 188 -0.94 -5.24 -4.92
CA SER B 188 -2.00 -4.56 -5.64
C SER B 188 -1.45 -3.81 -6.87
N VAL B 189 -0.34 -3.08 -6.70
CA VAL B 189 0.20 -2.31 -7.82
C VAL B 189 0.54 -3.25 -8.96
N HIS B 190 0.88 -4.49 -8.62
CA HIS B 190 1.17 -5.48 -9.64
C HIS B 190 -0.07 -5.79 -10.46
N GLN B 191 -1.23 -5.93 -9.82
CA GLN B 191 -2.48 -6.11 -10.55
C GLN B 191 -2.84 -4.84 -11.32
N LEU B 192 -2.69 -3.67 -10.66
CA LEU B 192 -3.13 -2.40 -11.23
C LEU B 192 -2.38 -2.11 -12.52
N VAL B 193 -1.10 -2.48 -12.57
CA VAL B 193 -0.35 -2.37 -13.82
C VAL B 193 -1.01 -3.21 -14.92
N GLU B 194 -1.39 -4.45 -14.60
CA GLU B 194 -1.84 -5.31 -15.68
C GLU B 194 -3.27 -5.03 -16.12
N ASN B 195 -4.17 -4.57 -15.22
CA ASN B 195 -5.59 -4.55 -15.61
C ASN B 195 -6.33 -3.28 -15.24
N THR B 196 -5.69 -2.13 -15.19
CA THR B 196 -6.47 -0.90 -15.26
C THR B 196 -5.93 0.01 -16.35
N ASP B 197 -6.85 0.73 -16.99
CA ASP B 197 -6.49 1.72 -17.99
C ASP B 197 -5.98 3.02 -17.35
N GLU B 198 -6.50 3.39 -16.18
CA GLU B 198 -6.09 4.63 -15.53
C GLU B 198 -6.45 4.56 -14.05
N THR B 199 -5.47 4.89 -13.20
CA THR B 199 -5.66 4.93 -11.75
C THR B 199 -5.06 6.21 -11.19
N TYR B 200 -5.85 6.95 -10.42
CA TYR B 200 -5.40 8.18 -9.79
C TYR B 200 -4.67 7.83 -8.50
N CYS B 201 -3.34 7.96 -8.51
CA CYS B 201 -2.55 7.67 -7.30
C CYS B 201 -2.80 8.71 -6.24
N ILE B 202 -3.77 8.46 -5.35
CA ILE B 202 -4.06 9.34 -4.23
C ILE B 202 -3.26 8.87 -3.02
N ASP B 203 -2.15 9.55 -2.78
CA ASP B 203 -1.17 9.12 -1.79
C ASP B 203 -1.58 9.67 -0.44
N ASN B 204 -1.61 8.79 0.56
CA ASN B 204 -1.97 9.28 1.88
C ASN B 204 -0.81 10.03 2.49
N GLU B 205 0.42 9.78 2.07
CA GLU B 205 1.51 10.61 2.58
C GLU B 205 1.29 12.06 2.21
N ALA B 206 0.97 12.30 0.93
CA ALA B 206 0.72 13.66 0.44
C ALA B 206 -0.47 14.28 1.14
N LEU B 207 -1.58 13.55 1.21
CA LEU B 207 -2.73 14.08 1.95
C LEU B 207 -2.32 14.44 3.35
N TYR B 208 -1.46 13.63 3.98
CA TYR B 208 -1.06 13.93 5.34
C TYR B 208 -0.30 15.24 5.39
N ASP B 209 0.78 15.33 4.63
CA ASP B 209 1.58 16.54 4.62
C ASP B 209 0.75 17.75 4.21
N ILE B 210 -0.15 17.59 3.25
CA ILE B 210 -0.92 18.75 2.82
C ILE B 210 -1.69 19.31 3.99
N CYS B 211 -2.36 18.43 4.75
CA CYS B 211 -3.07 18.89 5.95
C CYS B 211 -2.11 19.51 6.95
N PHE B 212 -1.05 18.78 7.30
CA PHE B 212 -0.12 19.23 8.33
C PHE B 212 0.50 20.59 8.00
N ARG B 213 1.08 20.72 6.81
CA ARG B 213 1.85 21.91 6.50
C ARG B 213 1.00 23.00 5.86
N THR B 214 0.45 22.70 4.70
CA THR B 214 -0.25 23.74 3.94
C THR B 214 -1.55 24.14 4.62
N LEU B 215 -2.38 23.17 4.98
CA LEU B 215 -3.61 23.50 5.66
C LEU B 215 -3.38 23.84 7.12
N LYS B 216 -2.14 23.69 7.59
CA LYS B 216 -1.72 23.92 8.98
C LYS B 216 -2.68 23.23 9.97
N LEU B 217 -2.81 21.91 9.83
CA LEU B 217 -3.56 21.06 10.76
C LEU B 217 -2.60 20.19 11.55
N THR B 218 -2.72 20.22 12.87
CA THR B 218 -1.76 19.52 13.72
C THR B 218 -1.98 18.00 13.74
N THR B 219 -3.22 17.55 13.98
CA THR B 219 -3.54 16.13 14.12
C THR B 219 -4.60 15.73 13.10
N PRO B 220 -4.21 15.50 11.85
CA PRO B 220 -5.20 15.34 10.79
C PRO B 220 -5.86 13.98 10.84
N THR B 221 -7.18 13.96 10.76
CA THR B 221 -7.89 12.70 10.79
C THR B 221 -8.05 12.12 9.37
N TYR B 222 -8.58 10.89 9.30
CA TYR B 222 -9.07 10.42 8.02
C TYR B 222 -10.21 11.30 7.54
N GLY B 223 -10.87 12.01 8.45
CA GLY B 223 -11.85 12.97 8.01
C GLY B 223 -11.24 14.01 7.12
N ASP B 224 -10.06 14.50 7.50
CA ASP B 224 -9.43 15.60 6.81
C ASP B 224 -8.70 15.17 5.56
N LEU B 225 -8.20 13.94 5.56
CA LEU B 225 -7.64 13.40 4.33
C LEU B 225 -8.73 13.20 3.27
N ASN B 226 -9.93 12.76 3.67
CA ASN B 226 -10.96 12.53 2.67
C ASN B 226 -11.62 13.80 2.16
N HIS B 227 -11.53 14.92 2.87
CA HIS B 227 -11.99 16.18 2.30
C HIS B 227 -11.19 16.50 1.04
N LEU B 228 -9.85 16.49 1.16
CA LEU B 228 -8.99 16.67 -0.01
C LEU B 228 -9.32 15.65 -1.10
N VAL B 229 -9.68 14.42 -0.68
CA VAL B 229 -9.89 13.33 -1.62
C VAL B 229 -11.15 13.56 -2.46
N SER B 230 -12.24 13.98 -1.81
CA SER B 230 -13.44 14.30 -2.58
C SER B 230 -13.26 15.57 -3.42
N ALA B 231 -12.52 16.56 -2.92
CA ALA B 231 -12.24 17.74 -3.74
C ALA B 231 -11.46 17.37 -4.99
N THR B 232 -10.42 16.53 -4.85
CA THR B 232 -9.74 16.04 -6.04
C THR B 232 -10.69 15.22 -6.90
N MET B 233 -11.42 14.29 -6.27
CA MET B 233 -12.25 13.38 -7.05
C MET B 233 -13.33 14.12 -7.81
N SER B 234 -13.90 15.16 -7.20
CA SER B 234 -14.89 15.96 -7.91
C SER B 234 -14.23 16.73 -9.04
N GLY B 235 -12.99 17.17 -8.83
CA GLY B 235 -12.29 17.89 -9.88
C GLY B 235 -12.01 17.02 -11.09
N VAL B 236 -11.45 15.83 -10.86
CA VAL B 236 -11.06 14.97 -11.97
C VAL B 236 -12.29 14.48 -12.73
N THR B 237 -13.42 14.25 -12.07
CA THR B 237 -14.62 13.82 -12.78
C THR B 237 -15.38 14.96 -13.49
N THR B 238 -14.92 16.21 -13.36
CA THR B 238 -15.68 17.36 -13.86
C THR B 238 -16.12 17.19 -15.32
N CYS B 239 -15.18 16.86 -16.21
CA CYS B 239 -15.55 16.77 -17.61
C CYS B 239 -16.42 15.57 -17.92
N LEU B 240 -16.42 14.54 -17.10
CA LEU B 240 -17.32 13.44 -17.36
C LEU B 240 -18.76 13.80 -17.00
N ARG B 241 -18.96 14.62 -15.96
CA ARG B 241 -20.29 14.88 -15.43
C ARG B 241 -20.97 16.10 -16.03
N PHE B 242 -20.19 17.16 -16.35
CA PHE B 242 -20.81 18.38 -16.83
C PHE B 242 -20.62 18.62 -18.32
N PRO B 243 -21.54 19.34 -18.96
CA PRO B 243 -21.41 19.63 -20.39
C PRO B 243 -20.39 20.71 -20.67
N GLY B 244 -19.77 20.62 -21.84
CA GLY B 244 -18.77 21.59 -22.21
C GLY B 244 -18.16 21.27 -23.56
N GLN B 245 -17.13 22.04 -23.93
CA GLN B 245 -16.53 21.84 -25.24
C GLN B 245 -15.99 20.43 -25.37
N LEU B 246 -15.40 19.89 -24.30
CA LEU B 246 -14.75 18.59 -24.40
C LEU B 246 -15.74 17.46 -24.63
N ASN B 247 -16.80 17.37 -23.83
CA ASN B 247 -17.67 16.20 -23.89
C ASN B 247 -16.83 14.93 -23.68
N ALA B 248 -16.06 14.94 -22.60
CA ALA B 248 -15.04 13.92 -22.38
C ALA B 248 -15.69 12.61 -21.95
N ASP B 249 -15.04 11.49 -22.30
CA ASP B 249 -15.45 10.16 -21.86
C ASP B 249 -14.20 9.37 -21.49
N LEU B 250 -14.40 8.32 -20.68
CA LEU B 250 -13.26 7.59 -20.12
C LEU B 250 -12.31 7.08 -21.21
N ARG B 251 -12.84 6.59 -22.35
CA ARG B 251 -11.96 5.99 -23.37
C ARG B 251 -11.10 7.04 -24.06
N LYS B 252 -11.63 8.24 -24.25
CA LYS B 252 -10.81 9.35 -24.72
C LYS B 252 -9.74 9.70 -23.69
N LEU B 253 -10.13 9.83 -22.42
CA LEU B 253 -9.15 10.20 -21.40
C LEU B 253 -8.00 9.19 -21.38
N ALA B 254 -8.33 7.91 -21.49
CA ALA B 254 -7.30 6.86 -21.53
C ALA B 254 -6.38 7.05 -22.74
N VAL B 255 -6.95 7.34 -23.91
CA VAL B 255 -6.16 7.43 -25.14
C VAL B 255 -5.15 8.56 -25.04
N ASN B 256 -5.64 9.77 -24.76
CA ASN B 256 -4.78 10.95 -24.75
C ASN B 256 -3.78 10.99 -23.60
N MET B 257 -4.06 10.31 -22.48
CA MET B 257 -3.26 10.41 -21.26
C MET B 257 -2.15 9.37 -21.17
N VAL B 258 -2.30 8.22 -21.81
CA VAL B 258 -1.34 7.14 -21.70
C VAL B 258 -0.52 6.88 -22.96
N PRO B 259 0.68 7.46 -23.12
CA PRO B 259 1.53 7.08 -24.28
C PRO B 259 1.87 5.61 -24.31
N PHE B 260 2.08 4.99 -23.16
CA PHE B 260 2.47 3.60 -23.08
C PHE B 260 1.64 2.88 -22.03
N PRO B 261 1.16 1.67 -22.30
CA PRO B 261 0.07 1.13 -21.50
C PRO B 261 0.41 0.99 -20.02
N ARG B 262 1.64 0.62 -19.67
CA ARG B 262 1.92 0.47 -18.24
C ARG B 262 2.02 1.80 -17.52
N LEU B 263 2.37 2.89 -18.21
CA LEU B 263 2.59 4.14 -17.47
C LEU B 263 1.29 4.95 -17.35
N HIS B 264 0.30 4.37 -16.67
CA HIS B 264 -1.05 4.91 -16.58
C HIS B 264 -1.44 5.29 -15.14
N PHE B 265 -0.50 5.85 -14.39
CA PHE B 265 -0.71 6.33 -13.01
C PHE B 265 -0.51 7.84 -12.95
N PHE B 266 -1.54 8.56 -12.49
CA PHE B 266 -1.62 10.01 -12.51
C PHE B 266 -1.46 10.63 -11.13
N MET B 267 -0.78 11.79 -11.09
CA MET B 267 -0.62 12.67 -9.94
C MET B 267 -1.69 13.74 -9.94
N PRO B 268 -2.73 13.63 -9.13
CA PRO B 268 -3.76 14.67 -9.13
C PRO B 268 -3.36 15.88 -8.31
N GLY B 269 -3.88 17.03 -8.72
CA GLY B 269 -3.68 18.27 -7.99
C GLY B 269 -5.01 18.97 -7.77
N PHE B 270 -5.03 19.81 -6.75
CA PHE B 270 -6.20 20.61 -6.47
C PHE B 270 -5.72 21.96 -6.04
N ALA B 271 -6.48 23.00 -6.39
CA ALA B 271 -6.20 24.32 -5.87
C ALA B 271 -7.51 25.10 -5.93
N PRO B 272 -7.81 25.92 -4.91
CA PRO B 272 -7.02 26.17 -3.69
C PRO B 272 -7.12 25.03 -2.71
N LEU B 273 -6.10 24.78 -1.91
CA LEU B 273 -6.18 23.75 -0.88
C LEU B 273 -6.99 24.33 0.27
N THR B 274 -8.19 23.77 0.46
CA THR B 274 -9.19 24.24 1.41
C THR B 274 -9.31 23.26 2.58
N SER B 275 -9.57 23.81 3.77
CA SER B 275 -9.69 23.00 4.98
C SER B 275 -11.15 22.90 5.39
N ARG B 276 -11.59 21.67 5.65
CA ARG B 276 -13.00 21.40 5.93
C ARG B 276 -13.57 22.40 6.93
N GLY B 277 -14.74 22.94 6.62
CA GLY B 277 -15.36 23.92 7.49
C GLY B 277 -15.01 25.35 7.15
N SER B 278 -13.75 25.76 7.36
CA SER B 278 -13.36 27.13 7.12
C SER B 278 -13.35 27.44 5.62
N GLN B 279 -14.21 28.36 5.21
CA GLN B 279 -14.11 28.97 3.90
C GLN B 279 -13.33 30.27 4.05
N GLN B 280 -12.53 30.60 3.04
CA GLN B 280 -11.89 31.90 2.98
C GLN B 280 -12.39 32.62 1.73
N TYR B 281 -12.61 33.92 1.88
CA TYR B 281 -13.67 34.62 1.17
C TYR B 281 -13.22 35.35 -0.10
N ARG B 282 -11.93 35.40 -0.39
CA ARG B 282 -11.44 35.95 -1.65
C ARG B 282 -11.21 34.77 -2.58
N ALA B 283 -11.87 34.78 -3.72
CA ALA B 283 -11.62 33.71 -4.67
C ALA B 283 -10.28 33.96 -5.36
N LEU B 284 -9.60 32.88 -5.72
CA LEU B 284 -8.33 32.97 -6.40
C LEU B 284 -8.45 33.75 -7.72
N THR B 285 -7.30 34.20 -8.22
CA THR B 285 -7.18 34.82 -9.52
C THR B 285 -6.47 33.86 -10.46
N VAL B 286 -7.01 33.72 -11.68
CA VAL B 286 -6.62 32.67 -12.60
C VAL B 286 -5.12 32.47 -12.59
N PRO B 287 -4.32 33.52 -12.59
CA PRO B 287 -2.89 33.32 -12.38
C PRO B 287 -2.56 32.62 -11.08
N GLU B 288 -3.37 32.81 -10.04
CA GLU B 288 -3.14 32.12 -8.77
C GLU B 288 -3.39 30.61 -8.87
N LEU B 289 -4.55 30.21 -9.42
CA LEU B 289 -4.84 28.80 -9.57
C LEU B 289 -3.76 28.11 -10.40
N THR B 290 -3.31 28.76 -11.47
CA THR B 290 -2.37 28.13 -12.36
C THR B 290 -1.09 27.73 -11.63
N GLN B 291 -0.52 28.65 -10.85
CA GLN B 291 0.72 28.31 -10.16
C GLN B 291 0.50 27.23 -9.09
N GLN B 292 -0.55 27.40 -8.29
CA GLN B 292 -0.78 26.44 -7.22
C GLN B 292 -1.02 25.03 -7.76
N MET B 293 -1.83 24.92 -8.82
CA MET B 293 -2.18 23.59 -9.30
C MET B 293 -0.96 22.82 -9.78
N PHE B 294 -0.03 23.49 -10.45
CA PHE B 294 1.19 22.81 -10.84
C PHE B 294 2.26 22.76 -9.76
N ASP B 295 2.01 23.31 -8.57
CA ASP B 295 3.02 23.34 -7.51
C ASP B 295 2.94 22.06 -6.68
N SER B 296 4.11 21.52 -6.33
CA SER B 296 4.18 20.26 -5.60
C SER B 296 3.27 20.27 -4.37
N LYS B 297 3.11 21.42 -3.72
CA LYS B 297 2.30 21.52 -2.52
C LYS B 297 0.79 21.34 -2.76
N ASN B 298 0.34 21.34 -4.01
CA ASN B 298 -1.03 21.01 -4.36
C ASN B 298 -1.16 19.63 -4.99
N MET B 299 -0.12 18.81 -4.90
CA MET B 299 -0.12 17.47 -5.48
C MET B 299 -0.57 16.44 -4.45
N MET B 300 -1.49 15.58 -4.84
CA MET B 300 -1.96 14.48 -3.99
C MET B 300 -1.07 13.25 -4.08
N ALA B 301 0.20 13.40 -4.45
CA ALA B 301 1.18 12.31 -4.46
C ALA B 301 2.54 12.86 -4.02
N ALA B 302 3.28 12.02 -3.33
CA ALA B 302 4.45 12.44 -2.60
C ALA B 302 5.65 12.68 -3.50
N CYS B 303 5.42 13.10 -4.73
CA CYS B 303 6.52 13.35 -5.67
C CYS B 303 6.49 14.81 -6.07
N ASP B 304 7.63 15.44 -5.99
CA ASP B 304 7.71 16.79 -6.56
C ASP B 304 7.94 16.70 -8.06
N PRO B 305 7.10 17.34 -8.87
CA PRO B 305 7.15 17.12 -10.31
C PRO B 305 8.48 17.52 -10.93
N ARG B 306 9.24 18.43 -10.31
CA ARG B 306 10.51 18.84 -10.91
C ARG B 306 11.59 17.78 -10.86
N HIS B 307 11.31 16.58 -10.35
CA HIS B 307 12.25 15.46 -10.44
C HIS B 307 11.87 14.52 -11.55
N GLY B 308 11.14 15.01 -12.54
CA GLY B 308 10.68 14.18 -13.63
C GLY B 308 10.09 15.05 -14.71
N ARG B 309 9.53 14.41 -15.71
CA ARG B 309 8.97 15.13 -16.85
C ARG B 309 7.51 14.74 -17.05
N TYR B 310 6.73 15.69 -17.57
CA TYR B 310 5.32 15.41 -17.84
C TYR B 310 5.17 14.70 -19.17
N LEU B 311 4.68 13.46 -19.15
CA LEU B 311 4.33 12.81 -20.40
C LEU B 311 3.15 13.51 -21.07
N THR B 312 2.07 13.72 -20.31
CA THR B 312 0.89 14.42 -20.76
C THR B 312 0.25 15.06 -19.54
N VAL B 313 -0.71 15.95 -19.76
CA VAL B 313 -1.31 16.69 -18.66
C VAL B 313 -2.74 17.07 -19.04
N ALA B 314 -3.65 16.91 -18.09
CA ALA B 314 -5.02 17.39 -18.20
C ALA B 314 -5.24 18.43 -17.10
N ALA B 315 -5.88 19.54 -17.46
CA ALA B 315 -6.18 20.62 -16.52
C ALA B 315 -7.66 20.96 -16.67
N ILE B 316 -8.35 21.16 -15.54
CA ILE B 316 -9.77 21.49 -15.54
C ILE B 316 -10.02 22.65 -14.56
N PHE B 317 -10.49 23.78 -15.08
CA PHE B 317 -10.81 24.99 -14.32
C PHE B 317 -12.31 25.09 -14.13
N ARG B 318 -12.78 25.23 -12.89
CA ARG B 318 -14.19 25.36 -12.60
C ARG B 318 -14.45 26.74 -12.03
N GLY B 319 -15.47 27.42 -12.56
CA GLY B 319 -15.73 28.80 -12.21
C GLY B 319 -16.04 29.70 -13.39
N ARG B 320 -16.31 30.98 -13.13
CA ARG B 320 -16.65 31.94 -14.19
C ARG B 320 -15.44 32.85 -14.39
N MET B 321 -14.76 32.67 -15.52
CA MET B 321 -13.48 33.34 -15.73
C MET B 321 -13.24 33.50 -17.21
N SER B 322 -12.34 34.43 -17.55
CA SER B 322 -11.96 34.67 -18.94
C SER B 322 -11.17 33.47 -19.46
N MET B 323 -11.78 32.65 -20.31
CA MET B 323 -11.02 31.57 -20.92
C MET B 323 -9.84 32.11 -21.71
N LYS B 324 -9.97 33.32 -22.27
CA LYS B 324 -8.80 33.99 -22.80
C LYS B 324 -7.70 34.04 -21.75
N GLU B 325 -8.05 34.41 -20.51
CA GLU B 325 -7.02 34.49 -19.49
C GLU B 325 -6.47 33.12 -19.11
N VAL B 326 -7.33 32.11 -19.05
CA VAL B 326 -6.84 30.76 -18.79
C VAL B 326 -5.91 30.32 -19.91
N ASP B 327 -6.35 30.51 -21.15
CA ASP B 327 -5.54 30.16 -22.32
C ASP B 327 -4.16 30.74 -22.18
N GLU B 328 -4.09 32.01 -21.81
CA GLU B 328 -2.82 32.70 -21.63
C GLU B 328 -2.04 32.08 -20.47
N GLN B 329 -2.68 31.98 -19.30
CA GLN B 329 -1.96 31.52 -18.12
C GLN B 329 -1.48 30.08 -18.28
N MET B 330 -2.29 29.23 -18.89
CA MET B 330 -1.84 27.86 -19.13
C MET B 330 -0.74 27.82 -20.17
N LEU B 331 -0.84 28.63 -21.22
CA LEU B 331 0.26 28.74 -22.17
C LEU B 331 1.52 29.19 -21.46
N ASN B 332 1.37 30.20 -20.59
CA ASN B 332 2.52 30.77 -19.90
C ASN B 332 3.28 29.72 -19.12
N VAL B 333 2.59 28.83 -18.39
CA VAL B 333 3.28 27.88 -17.52
C VAL B 333 4.13 26.91 -18.34
N GLN B 334 3.61 26.47 -19.49
CA GLN B 334 4.37 25.55 -20.34
C GLN B 334 5.59 26.23 -20.96
N ASN B 335 5.41 27.44 -21.48
CA ASN B 335 6.51 28.14 -22.14
C ASN B 335 7.54 28.58 -21.13
N LYS B 336 7.10 29.02 -19.95
CA LYS B 336 8.05 29.42 -18.92
C LYS B 336 8.87 28.23 -18.42
N ASN B 337 8.27 27.03 -18.35
CA ASN B 337 8.99 25.86 -17.88
C ASN B 337 9.03 24.72 -18.90
N SER B 338 9.38 25.04 -20.15
CA SER B 338 9.22 24.11 -21.27
C SER B 338 10.04 22.83 -21.09
N SER B 339 11.10 22.86 -20.28
CA SER B 339 11.95 21.68 -20.16
C SER B 339 11.24 20.52 -19.44
N TYR B 340 10.28 20.82 -18.56
CA TYR B 340 9.63 19.80 -17.74
C TYR B 340 8.44 19.16 -18.44
N PHE B 341 8.32 19.33 -19.75
CA PHE B 341 7.38 18.56 -20.57
C PHE B 341 8.20 17.92 -21.69
N VAL B 342 7.94 16.65 -21.94
CA VAL B 342 8.71 15.96 -22.97
C VAL B 342 8.45 16.61 -24.33
N GLU B 343 9.50 16.71 -25.14
CA GLU B 343 9.37 17.28 -26.48
C GLU B 343 8.69 16.32 -27.44
N TRP B 344 8.92 15.03 -27.27
CA TRP B 344 8.47 14.04 -28.22
C TRP B 344 6.97 13.71 -28.12
N ILE B 345 6.21 14.39 -27.28
CA ILE B 345 4.74 14.34 -27.40
C ILE B 345 4.30 15.79 -27.47
N PRO B 346 4.12 16.30 -28.67
CA PRO B 346 3.86 17.73 -28.84
C PRO B 346 2.49 18.17 -28.33
N ASN B 347 2.47 19.36 -27.73
CA ASN B 347 1.27 19.98 -27.19
C ASN B 347 0.52 18.97 -26.34
N ASN B 348 1.18 18.56 -25.25
CA ASN B 348 0.69 17.50 -24.37
C ASN B 348 -0.09 18.02 -23.15
N VAL B 349 -0.49 19.29 -23.15
CA VAL B 349 -1.20 19.88 -22.00
C VAL B 349 -2.49 20.48 -22.55
N LYS B 350 -3.56 19.69 -22.50
CA LYS B 350 -4.85 20.12 -22.98
C LYS B 350 -5.69 20.59 -21.79
N THR B 351 -6.43 21.69 -21.95
CA THR B 351 -7.19 22.27 -20.85
C THR B 351 -8.69 22.26 -21.15
N ALA B 352 -9.48 22.13 -20.08
CA ALA B 352 -10.93 22.12 -20.12
C ALA B 352 -11.42 23.08 -19.05
N VAL B 353 -12.66 23.57 -19.21
CA VAL B 353 -13.19 24.53 -18.25
C VAL B 353 -14.70 24.33 -18.12
N CYS B 354 -15.22 24.47 -16.89
CA CYS B 354 -16.62 24.23 -16.56
C CYS B 354 -17.16 25.39 -15.75
N ASP B 355 -18.36 25.85 -16.10
CA ASP B 355 -18.94 26.99 -15.41
C ASP B 355 -19.23 26.67 -13.95
N ILE B 356 -19.78 25.49 -13.68
CA ILE B 356 -20.19 25.10 -12.33
C ILE B 356 -18.95 24.86 -11.46
N PRO B 357 -18.76 25.60 -10.37
CA PRO B 357 -17.64 25.34 -9.44
C PRO B 357 -18.06 24.37 -8.35
N PRO B 358 -17.12 23.89 -7.55
CA PRO B 358 -17.47 23.07 -6.38
C PRO B 358 -18.05 23.92 -5.26
N ARG B 359 -18.53 23.24 -4.23
CA ARG B 359 -19.11 23.91 -3.08
C ARG B 359 -18.03 24.60 -2.26
N GLY B 360 -18.33 25.83 -1.87
CA GLY B 360 -17.44 26.65 -1.05
C GLY B 360 -16.62 27.60 -1.89
N LEU B 361 -16.09 27.09 -3.00
CA LEU B 361 -15.11 27.81 -3.80
C LEU B 361 -15.77 28.48 -5.01
N LYS B 362 -15.54 29.79 -5.18
CA LYS B 362 -15.99 30.40 -6.43
C LYS B 362 -15.11 30.03 -7.61
N MET B 363 -13.84 29.72 -7.36
CA MET B 363 -12.88 29.46 -8.43
C MET B 363 -11.98 28.33 -7.98
N SER B 364 -12.01 27.21 -8.71
CA SER B 364 -11.14 26.08 -8.42
C SER B 364 -10.49 25.55 -9.71
N ALA B 365 -9.37 24.84 -9.52
CA ALA B 365 -8.60 24.23 -10.60
C ALA B 365 -8.11 22.87 -10.13
N THR B 366 -8.51 21.81 -10.84
CA THR B 366 -8.03 20.45 -10.64
C THR B 366 -6.94 20.15 -11.66
N PHE B 367 -6.01 19.26 -11.28
CA PHE B 367 -4.84 18.98 -12.09
C PHE B 367 -4.64 17.48 -12.21
N ILE B 368 -4.46 16.99 -13.43
CA ILE B 368 -4.18 15.57 -13.69
C ILE B 368 -2.94 15.46 -14.57
N GLY B 369 -1.87 14.91 -14.03
CA GLY B 369 -0.61 14.85 -14.74
C GLY B 369 -0.04 13.44 -14.76
N ASN B 370 0.42 13.02 -15.94
CA ASN B 370 1.14 11.76 -16.07
C ASN B 370 2.61 12.11 -16.17
N SER B 371 3.21 12.31 -15.00
CA SER B 371 4.60 12.72 -14.84
C SER B 371 5.48 11.50 -14.56
N THR B 372 6.72 11.55 -15.04
CA THR B 372 7.67 10.50 -14.70
C THR B 372 8.06 10.54 -13.23
N ALA B 373 7.62 11.55 -12.50
CA ALA B 373 8.00 11.60 -11.09
C ALA B 373 7.37 10.49 -10.28
N ILE B 374 6.18 10.01 -10.68
CA ILE B 374 5.44 9.03 -9.90
C ILE B 374 6.29 7.81 -9.54
N GLN B 375 7.33 7.51 -10.33
CA GLN B 375 8.24 6.46 -9.95
C GLN B 375 8.77 6.67 -8.55
N GLU B 376 8.92 7.93 -8.13
CA GLU B 376 9.30 8.25 -6.76
C GLU B 376 8.44 7.49 -5.77
N LEU B 377 7.11 7.53 -5.98
CA LEU B 377 6.18 6.87 -5.08
C LEU B 377 6.42 5.37 -5.04
N PHE B 378 6.47 4.73 -6.20
CA PHE B 378 6.70 3.30 -6.21
C PHE B 378 8.08 2.95 -5.69
N LYS B 379 9.08 3.83 -5.88
CA LYS B 379 10.36 3.57 -5.24
C LYS B 379 10.18 3.50 -3.74
N ARG B 380 9.41 4.43 -3.18
CA ARG B 380 9.18 4.45 -1.75
C ARG B 380 8.52 3.16 -1.29
N ILE B 381 7.44 2.79 -1.95
CA ILE B 381 6.74 1.59 -1.53
C ILE B 381 7.69 0.39 -1.60
N SER B 382 8.42 0.26 -2.71
CA SER B 382 9.25 -0.92 -2.96
C SER B 382 10.49 -0.99 -2.07
N GLU B 383 10.90 0.10 -1.41
CA GLU B 383 11.95 0.00 -0.41
C GLU B 383 11.39 -0.48 0.93
N GLN B 384 10.38 0.23 1.44
CA GLN B 384 9.65 -0.28 2.59
C GLN B 384 9.39 -1.78 2.45
N PHE B 385 9.12 -2.24 1.23
CA PHE B 385 8.83 -3.65 0.97
C PHE B 385 10.01 -4.55 1.30
N THR B 386 11.14 -4.35 0.65
CA THR B 386 12.24 -5.29 0.84
C THR B 386 12.78 -5.23 2.25
N ALA B 387 12.66 -4.07 2.90
CA ALA B 387 13.09 -3.91 4.27
C ALA B 387 12.65 -5.12 5.09
N MET B 388 11.43 -5.59 4.84
CA MET B 388 10.81 -6.75 5.47
C MET B 388 11.09 -8.04 4.70
N PHE B 389 10.91 -8.01 3.39
CA PHE B 389 10.92 -9.25 2.61
C PHE B 389 12.28 -9.94 2.63
N ARG B 390 13.38 -9.16 2.61
CA ARG B 390 14.70 -9.76 2.69
C ARG B 390 14.93 -10.46 4.03
N ARG B 391 14.05 -10.22 4.98
CA ARG B 391 13.99 -10.95 6.24
C ARG B 391 12.73 -11.81 6.33
N LYS B 392 11.98 -11.93 5.24
CA LYS B 392 10.76 -12.70 5.22
C LYS B 392 9.88 -12.39 6.41
N ALA B 393 9.96 -11.13 6.89
CA ALA B 393 9.16 -10.68 8.02
C ALA B 393 7.66 -10.65 7.68
N PHE B 394 6.86 -11.20 8.58
CA PHE B 394 5.40 -11.23 8.52
C PHE B 394 4.87 -12.07 7.39
N LEU B 395 5.71 -12.83 6.71
CA LEU B 395 5.23 -13.62 5.59
C LEU B 395 4.28 -14.74 6.01
N HIS B 396 4.30 -15.15 7.28
CA HIS B 396 3.44 -16.25 7.68
C HIS B 396 1.99 -15.88 7.51
N TRP B 397 1.66 -14.61 7.78
CA TRP B 397 0.30 -14.15 7.63
C TRP B 397 -0.23 -14.42 6.22
N TYR B 398 0.66 -14.53 5.23
CA TYR B 398 0.25 -14.79 3.86
C TYR B 398 0.49 -16.23 3.43
N THR B 399 1.71 -16.73 3.68
CA THR B 399 2.06 -18.11 3.41
C THR B 399 1.02 -19.04 4.02
N GLY B 400 0.48 -18.66 5.18
CA GLY B 400 -0.58 -19.44 5.79
C GLY B 400 -1.85 -19.51 4.95
N GLU B 401 -2.21 -18.39 4.30
CA GLU B 401 -3.37 -18.35 3.41
C GLU B 401 -3.14 -19.04 2.09
N GLY B 402 -1.97 -19.62 1.87
CA GLY B 402 -1.68 -20.42 0.69
C GLY B 402 -0.83 -19.74 -0.35
N MET B 403 -0.29 -18.56 -0.06
CA MET B 403 0.52 -17.85 -1.05
C MET B 403 1.96 -18.32 -0.95
N ASP B 404 2.72 -18.02 -1.99
CA ASP B 404 4.11 -18.42 -2.07
C ASP B 404 5.05 -17.23 -1.98
N GLU B 405 6.27 -17.51 -1.53
CA GLU B 405 7.34 -16.53 -1.57
C GLU B 405 7.53 -16.03 -3.00
N MET B 406 7.44 -16.95 -3.98
CA MET B 406 7.66 -16.60 -5.37
C MET B 406 6.68 -15.53 -5.85
N GLU B 407 5.44 -15.57 -5.35
CA GLU B 407 4.43 -14.59 -5.74
C GLU B 407 4.82 -13.19 -5.33
N PHE B 408 5.40 -13.05 -4.14
CA PHE B 408 5.92 -11.77 -3.68
C PHE B 408 7.06 -11.29 -4.57
N THR B 409 7.92 -12.21 -5.02
CA THR B 409 9.07 -11.86 -5.86
C THR B 409 8.63 -11.36 -7.24
N GLU B 410 7.57 -11.93 -7.80
CA GLU B 410 7.00 -11.40 -9.04
C GLU B 410 6.47 -10.00 -8.82
N ALA B 411 5.63 -9.83 -7.80
CA ALA B 411 5.07 -8.51 -7.51
C ALA B 411 6.19 -7.50 -7.35
N GLU B 412 7.17 -7.81 -6.51
CA GLU B 412 8.29 -6.90 -6.34
C GLU B 412 9.02 -6.70 -7.66
N SER B 413 9.29 -7.79 -8.37
CA SER B 413 10.00 -7.72 -9.65
C SER B 413 9.24 -6.89 -10.67
N ASN B 414 7.93 -7.16 -10.83
CA ASN B 414 7.12 -6.36 -11.75
C ASN B 414 7.14 -4.89 -11.35
N MET B 415 7.00 -4.59 -10.05
CA MET B 415 6.94 -3.20 -9.62
C MET B 415 8.24 -2.47 -9.91
N ASN B 416 9.38 -3.12 -9.62
CA ASN B 416 10.67 -2.50 -9.90
C ASN B 416 10.88 -2.29 -11.39
N ASP B 417 10.36 -3.20 -12.23
CA ASP B 417 10.31 -2.92 -13.66
C ASP B 417 9.49 -1.66 -13.96
N LEU B 418 8.42 -1.43 -13.21
CA LEU B 418 7.63 -0.22 -13.42
C LEU B 418 8.47 1.02 -13.15
N VAL B 419 9.29 1.01 -12.09
CA VAL B 419 10.14 2.18 -11.84
C VAL B 419 11.16 2.32 -12.97
N SER B 420 11.74 1.22 -13.45
CA SER B 420 12.67 1.30 -14.58
C SER B 420 12.02 1.98 -15.78
N GLU B 421 10.81 1.54 -16.13
CA GLU B 421 10.14 2.12 -17.30
C GLU B 421 9.84 3.62 -17.10
N TYR B 422 9.42 4.01 -15.90
CA TYR B 422 9.17 5.43 -15.68
C TYR B 422 10.45 6.24 -15.82
N GLN B 423 11.60 5.61 -15.57
CA GLN B 423 12.87 6.32 -15.68
C GLN B 423 13.27 6.54 -17.12
N GLN B 424 12.89 5.62 -17.99
CA GLN B 424 13.34 5.65 -19.38
C GLN B 424 12.91 6.92 -20.12
N TYR B 425 11.67 7.37 -19.93
CA TYR B 425 11.16 8.51 -20.65
C TYR B 425 11.49 9.83 -19.99
N GLN B 426 11.98 9.78 -18.77
CA GLN B 426 12.52 10.95 -18.08
C GLN B 426 13.85 11.42 -18.66
N ASP B 427 14.51 10.59 -19.47
CA ASP B 427 15.73 10.99 -20.15
C ASP B 427 15.59 11.22 -21.65
N ALA B 428 14.60 10.62 -22.30
CA ALA B 428 14.46 10.68 -23.76
C ALA B 428 14.42 12.12 -24.27
N MET C 1 -20.28 -9.88 15.79
CA MET C 1 -20.24 -11.16 16.50
C MET C 1 -18.86 -11.32 17.07
N ARG C 2 -17.95 -11.96 16.32
CA ARG C 2 -16.52 -11.92 16.64
C ARG C 2 -16.29 -12.35 18.09
N GLU C 3 -16.96 -13.41 18.54
CA GLU C 3 -16.96 -13.74 19.97
C GLU C 3 -15.75 -14.59 20.37
N CYS C 4 -15.35 -14.45 21.62
CA CYS C 4 -14.26 -15.22 22.19
C CYS C 4 -14.83 -16.07 23.32
N ILE C 5 -14.21 -17.22 23.56
CA ILE C 5 -14.50 -18.04 24.71
C ILE C 5 -13.26 -18.02 25.58
N SER C 6 -13.41 -17.53 26.81
CA SER C 6 -12.34 -17.58 27.80
C SER C 6 -12.30 -18.97 28.45
N ILE C 7 -11.09 -19.46 28.70
CA ILE C 7 -10.89 -20.77 29.30
C ILE C 7 -9.86 -20.61 30.41
N HIS C 8 -10.30 -20.81 31.66
CA HIS C 8 -9.47 -20.66 32.85
C HIS C 8 -9.17 -22.04 33.40
N VAL C 9 -7.88 -22.37 33.45
CA VAL C 9 -7.38 -23.70 33.77
C VAL C 9 -6.54 -23.66 35.04
N GLY C 10 -6.90 -24.48 36.00
CA GLY C 10 -6.19 -24.52 37.27
C GLY C 10 -6.46 -23.32 38.15
N GLN C 11 -5.94 -23.38 39.38
CA GLN C 11 -6.13 -22.30 40.32
C GLN C 11 -5.74 -20.95 39.73
N ALA C 12 -4.56 -20.88 39.10
CA ALA C 12 -4.11 -19.60 38.53
C ALA C 12 -5.14 -19.04 37.58
N GLY C 13 -5.54 -19.83 36.58
CA GLY C 13 -6.56 -19.36 35.66
C GLY C 13 -7.84 -19.01 36.39
N VAL C 14 -8.32 -19.93 37.23
CA VAL C 14 -9.61 -19.76 37.89
C VAL C 14 -9.63 -18.51 38.74
N GLN C 15 -8.69 -18.37 39.65
CA GLN C 15 -8.68 -17.19 40.51
C GLN C 15 -8.40 -15.91 39.70
N ILE C 16 -7.72 -16.02 38.55
CA ILE C 16 -7.56 -14.86 37.67
C ILE C 16 -8.81 -14.66 36.84
N GLY C 17 -9.48 -15.75 36.45
CA GLY C 17 -10.79 -15.63 35.81
C GLY C 17 -11.82 -14.96 36.71
N ASN C 18 -11.75 -15.21 38.01
CA ASN C 18 -12.55 -14.44 38.93
C ASN C 18 -12.25 -12.96 38.78
N ALA C 19 -10.96 -12.61 38.85
CA ALA C 19 -10.56 -11.20 38.80
C ALA C 19 -11.11 -10.52 37.56
N CYS C 20 -10.91 -11.13 36.39
CA CYS C 20 -11.29 -10.49 35.15
C CYS C 20 -12.80 -10.35 35.05
N TRP C 21 -13.51 -11.43 35.29
CA TRP C 21 -14.94 -11.37 35.06
C TRP C 21 -15.59 -10.36 35.99
N GLU C 22 -15.14 -10.31 37.24
CA GLU C 22 -15.66 -9.25 38.10
C GLU C 22 -15.32 -7.88 37.54
N LEU C 23 -14.08 -7.71 37.05
CA LEU C 23 -13.73 -6.42 36.46
C LEU C 23 -14.57 -6.12 35.22
N TYR C 24 -14.77 -7.13 34.35
CA TYR C 24 -15.65 -6.95 33.19
C TYR C 24 -17.04 -6.53 33.62
N CYS C 25 -17.59 -7.21 34.63
CA CYS C 25 -18.95 -6.87 35.03
C CYS C 25 -19.03 -5.44 35.55
N LEU C 26 -18.02 -5.00 36.29
CA LEU C 26 -18.04 -3.59 36.71
C LEU C 26 -17.84 -2.68 35.52
N GLU C 27 -17.00 -3.04 34.57
CA GLU C 27 -16.81 -2.14 33.44
C GLU C 27 -18.10 -1.98 32.66
N HIS C 28 -18.87 -3.07 32.51
CA HIS C 28 -20.07 -3.10 31.67
C HIS C 28 -21.39 -2.93 32.46
N GLY C 29 -21.35 -2.75 33.77
CA GLY C 29 -22.58 -2.58 34.49
C GLY C 29 -23.48 -3.80 34.51
N ILE C 30 -22.90 -4.96 34.82
CA ILE C 30 -23.65 -6.22 34.98
C ILE C 30 -23.64 -6.62 36.44
N GLN C 31 -24.83 -6.82 37.02
CA GLN C 31 -24.95 -7.18 38.42
C GLN C 31 -24.56 -8.64 38.64
N PRO C 32 -24.28 -8.99 39.89
CA PRO C 32 -23.90 -10.37 40.22
C PRO C 32 -24.98 -11.40 39.90
N ASP C 33 -26.25 -10.98 39.72
CA ASP C 33 -27.28 -11.87 39.20
C ASP C 33 -27.41 -11.77 37.68
N GLY C 34 -26.45 -11.13 37.00
CA GLY C 34 -26.39 -11.09 35.56
C GLY C 34 -27.30 -10.11 34.89
N GLN C 35 -28.01 -9.29 35.65
CA GLN C 35 -28.94 -8.33 35.07
C GLN C 35 -28.21 -7.06 34.62
N MET C 36 -28.42 -6.64 33.39
CA MET C 36 -27.77 -5.44 32.87
C MET C 36 -28.83 -4.43 32.45
N PRO C 37 -29.20 -3.48 33.32
CA PRO C 37 -30.38 -2.65 33.03
C PRO C 37 -30.31 -1.86 31.73
N SER C 38 -29.11 -1.44 31.30
CA SER C 38 -28.97 -0.67 30.07
C SER C 38 -29.31 -1.47 28.83
N ASP C 39 -29.04 -2.79 28.82
CA ASP C 39 -29.31 -3.58 27.62
C ASP C 39 -30.82 -3.71 27.44
N LYS C 40 -31.34 -3.09 26.40
CA LYS C 40 -32.74 -3.21 26.01
C LYS C 40 -32.99 -4.40 25.09
N THR C 41 -31.93 -4.93 24.50
CA THR C 41 -31.97 -6.13 23.66
C THR C 41 -32.07 -7.36 24.55
N ILE C 42 -33.27 -7.63 25.06
CA ILE C 42 -33.40 -8.74 26.01
C ILE C 42 -33.34 -10.03 25.21
N GLY C 43 -32.31 -10.85 25.49
CA GLY C 43 -32.09 -12.13 24.83
C GLY C 43 -31.11 -12.14 23.67
N GLY C 44 -30.58 -11.00 23.25
CA GLY C 44 -29.67 -10.97 22.12
C GLY C 44 -29.06 -9.59 21.92
N GLY C 45 -28.40 -9.43 20.78
CA GLY C 45 -27.77 -8.17 20.39
C GLY C 45 -26.38 -8.41 19.82
N ASP C 46 -26.01 -7.59 18.83
CA ASP C 46 -24.66 -7.59 18.30
C ASP C 46 -23.76 -6.52 18.94
N ASP C 47 -24.11 -6.07 20.14
CA ASP C 47 -23.34 -5.05 20.86
C ASP C 47 -21.92 -5.56 21.15
N SER C 48 -21.03 -4.60 21.38
CA SER C 48 -19.64 -4.98 21.55
C SER C 48 -19.47 -5.93 22.71
N PHE C 49 -20.16 -5.65 23.82
CA PHE C 49 -20.01 -6.48 25.01
C PHE C 49 -20.49 -7.90 24.78
N ASN C 50 -21.30 -8.15 23.76
CA ASN C 50 -21.70 -9.53 23.52
C ASN C 50 -20.55 -10.42 23.07
N THR C 51 -19.40 -9.84 22.73
CA THR C 51 -18.24 -10.64 22.39
C THR C 51 -17.82 -11.54 23.54
N PHE C 52 -18.00 -11.06 24.79
CA PHE C 52 -17.65 -11.82 25.98
C PHE C 52 -18.85 -12.29 26.80
N PHE C 53 -20.03 -11.75 26.58
CA PHE C 53 -21.22 -12.17 27.31
C PHE C 53 -22.31 -12.58 26.34
N SER C 54 -23.07 -13.60 26.71
CA SER C 54 -24.31 -13.94 26.05
C SER C 54 -25.48 -13.63 26.98
N GLU C 55 -26.63 -13.34 26.38
CA GLU C 55 -27.85 -12.96 27.08
C GLU C 55 -28.87 -14.09 26.96
N THR C 56 -29.65 -14.30 28.02
CA THR C 56 -30.83 -15.17 28.02
C THR C 56 -32.08 -14.34 27.84
N GLY C 57 -33.17 -15.00 27.48
CA GLY C 57 -34.47 -14.36 27.46
C GLY C 57 -34.87 -13.72 28.79
N ALA C 58 -34.48 -14.36 29.92
CA ALA C 58 -34.67 -13.81 31.26
C ALA C 58 -33.77 -12.63 31.54
N GLY C 59 -33.03 -12.23 30.51
CA GLY C 59 -32.19 -11.07 30.57
C GLY C 59 -30.88 -11.23 31.29
N LYS C 60 -30.43 -12.47 31.53
CA LYS C 60 -29.14 -12.69 32.18
C LYS C 60 -28.03 -12.61 31.16
N HIS C 61 -26.95 -11.94 31.53
CA HIS C 61 -25.74 -11.93 30.72
C HIS C 61 -24.74 -12.89 31.35
N VAL C 62 -24.38 -13.91 30.59
CA VAL C 62 -23.58 -15.04 31.09
C VAL C 62 -22.23 -14.99 30.39
N PRO C 63 -21.12 -15.07 31.12
CA PRO C 63 -19.79 -15.05 30.48
C PRO C 63 -19.64 -16.18 29.47
N ARG C 64 -18.95 -15.90 28.36
CA ARG C 64 -18.62 -16.97 27.42
C ARG C 64 -17.35 -17.68 27.88
N ALA C 65 -17.36 -18.13 29.14
CA ALA C 65 -16.19 -18.64 29.83
C ALA C 65 -16.34 -20.13 30.14
N VAL C 66 -15.24 -20.72 30.56
CA VAL C 66 -15.19 -22.10 31.05
C VAL C 66 -14.04 -22.19 32.03
N PHE C 67 -14.35 -22.62 33.25
CA PHE C 67 -13.35 -22.79 34.29
C PHE C 67 -13.11 -24.28 34.47
N VAL C 68 -11.84 -24.66 34.40
CA VAL C 68 -11.45 -26.06 34.55
C VAL C 68 -10.41 -26.13 35.66
N ASP C 69 -10.54 -27.14 36.51
CA ASP C 69 -9.51 -27.44 37.50
C ASP C 69 -9.65 -28.91 37.85
N LEU C 70 -8.51 -29.57 38.05
CA LEU C 70 -8.57 -30.99 38.37
C LEU C 70 -9.04 -31.28 39.80
N GLU C 71 -9.18 -30.26 40.65
CA GLU C 71 -9.71 -30.37 42.00
C GLU C 71 -10.86 -29.40 42.17
N PRO C 72 -11.72 -29.64 43.19
CA PRO C 72 -12.93 -28.85 43.40
C PRO C 72 -12.73 -27.61 44.27
N THR C 73 -11.62 -27.55 45.03
CA THR C 73 -11.41 -26.49 46.03
C THR C 73 -11.51 -25.09 45.43
N VAL C 74 -10.83 -24.86 44.32
CA VAL C 74 -10.78 -23.50 43.79
C VAL C 74 -12.10 -23.14 43.11
N ILE C 75 -12.59 -23.97 42.18
CA ILE C 75 -13.83 -23.62 41.49
C ILE C 75 -15.04 -23.73 42.41
N ASP C 76 -14.88 -24.30 43.61
CA ASP C 76 -15.95 -24.33 44.59
C ASP C 76 -16.25 -22.97 45.18
N GLU C 77 -15.22 -22.18 45.50
CA GLU C 77 -15.44 -20.84 46.01
C GLU C 77 -16.12 -19.95 44.97
N VAL C 78 -15.91 -20.21 43.67
CA VAL C 78 -16.72 -19.56 42.64
C VAL C 78 -18.16 -20.04 42.69
N ARG C 79 -18.36 -21.37 42.86
CA ARG C 79 -19.70 -21.94 42.82
C ARG C 79 -20.58 -21.44 43.96
N THR C 80 -19.98 -21.01 45.07
CA THR C 80 -20.68 -20.43 46.21
C THR C 80 -20.36 -18.95 46.41
N GLY C 81 -19.68 -18.33 45.46
CA GLY C 81 -19.16 -16.98 45.64
C GLY C 81 -20.10 -15.90 45.12
N THR C 82 -19.68 -14.66 45.35
CA THR C 82 -20.49 -13.50 45.03
C THR C 82 -21.03 -13.54 43.60
N TYR C 83 -20.38 -14.28 42.70
CA TYR C 83 -20.80 -14.28 41.30
C TYR C 83 -21.32 -15.63 40.83
N ARG C 84 -21.82 -16.46 41.75
CA ARG C 84 -22.26 -17.82 41.38
C ARG C 84 -23.37 -17.78 40.34
N GLN C 85 -24.36 -16.90 40.53
CA GLN C 85 -25.45 -16.88 39.56
C GLN C 85 -24.96 -16.53 38.18
N LEU C 86 -23.82 -15.86 38.08
CA LEU C 86 -23.30 -15.48 36.78
C LEU C 86 -23.22 -16.69 35.87
N PHE C 87 -22.66 -17.78 36.38
CA PHE C 87 -22.29 -18.94 35.57
C PHE C 87 -23.31 -20.06 35.69
N HIS C 88 -23.72 -20.60 34.54
CA HIS C 88 -24.41 -21.88 34.51
C HIS C 88 -23.47 -22.95 35.08
N PRO C 89 -23.98 -23.86 35.90
CA PRO C 89 -23.06 -24.78 36.60
C PRO C 89 -22.24 -25.64 35.66
N GLU C 90 -22.69 -25.87 34.41
CA GLU C 90 -21.93 -26.69 33.47
C GLU C 90 -20.68 -25.98 32.95
N GLN C 91 -20.61 -24.65 33.13
CA GLN C 91 -19.41 -23.90 32.81
C GLN C 91 -18.28 -24.19 33.78
N LEU C 92 -18.62 -24.62 35.02
CA LEU C 92 -17.65 -24.85 36.09
C LEU C 92 -17.35 -26.35 36.20
N ILE C 93 -16.13 -26.75 35.88
CA ILE C 93 -15.77 -28.16 35.77
C ILE C 93 -14.65 -28.47 36.76
N THR C 94 -14.86 -29.51 37.57
CA THR C 94 -13.84 -29.94 38.52
C THR C 94 -13.67 -31.45 38.47
N GLY C 95 -12.46 -31.89 38.73
CA GLY C 95 -12.18 -33.29 39.01
C GLY C 95 -12.17 -33.55 40.51
N LYS C 96 -11.42 -34.56 40.91
CA LYS C 96 -11.28 -34.93 42.31
C LYS C 96 -9.84 -34.88 42.80
N GLU C 97 -8.88 -34.62 41.92
CA GLU C 97 -7.48 -34.91 42.21
C GLU C 97 -6.63 -33.83 41.58
N ASP C 98 -5.87 -33.09 42.38
CA ASP C 98 -4.98 -32.13 41.78
C ASP C 98 -4.01 -32.88 40.87
N ALA C 99 -3.22 -32.15 40.12
CA ALA C 99 -2.21 -32.77 39.30
C ALA C 99 -0.90 -32.99 40.07
N ALA C 100 -0.91 -32.77 41.39
CA ALA C 100 0.24 -32.89 42.29
C ALA C 100 1.48 -32.17 41.75
N ASN C 101 1.30 -30.94 41.29
CA ASN C 101 2.39 -30.18 40.68
C ASN C 101 3.10 -30.96 39.59
N ASN C 102 2.39 -31.82 38.88
CA ASN C 102 3.06 -32.66 37.90
C ASN C 102 2.44 -32.46 36.52
N TYR C 103 3.25 -31.94 35.58
CA TYR C 103 2.79 -31.81 34.22
C TYR C 103 2.25 -33.14 33.73
N ALA C 104 2.99 -34.23 33.95
CA ALA C 104 2.53 -35.50 33.42
C ALA C 104 1.17 -35.88 33.97
N ARG C 105 0.90 -35.52 35.22
CA ARG C 105 -0.39 -35.85 35.82
C ARG C 105 -1.50 -35.06 35.17
N GLY C 106 -1.30 -33.75 35.02
CA GLY C 106 -2.35 -32.95 34.41
C GLY C 106 -2.50 -33.31 32.95
N HIS C 107 -1.39 -33.60 32.28
CA HIS C 107 -1.46 -33.94 30.87
C HIS C 107 -1.98 -35.36 30.66
N TYR C 108 -1.31 -36.36 31.23
CA TYR C 108 -1.64 -37.75 30.93
C TYR C 108 -2.55 -38.44 31.93
N THR C 109 -2.12 -38.62 33.20
CA THR C 109 -2.81 -39.57 34.08
C THR C 109 -4.12 -39.00 34.60
N ILE C 110 -4.07 -37.91 35.35
CA ILE C 110 -5.32 -37.38 35.86
C ILE C 110 -6.08 -36.61 34.79
N GLY C 111 -5.42 -36.19 33.71
CA GLY C 111 -6.00 -35.30 32.69
C GLY C 111 -6.72 -36.00 31.56
N LYS C 112 -6.25 -37.21 31.22
CA LYS C 112 -6.93 -37.95 30.18
C LYS C 112 -8.34 -38.28 30.58
N GLU C 113 -8.71 -38.05 31.84
CA GLU C 113 -10.02 -38.46 32.27
C GLU C 113 -11.06 -37.34 32.21
N ILE C 114 -10.63 -36.08 32.16
CA ILE C 114 -11.58 -34.98 32.13
C ILE C 114 -11.56 -34.20 30.80
N ILE C 115 -10.60 -34.48 29.90
CA ILE C 115 -10.41 -33.67 28.69
C ILE C 115 -11.63 -33.72 27.80
N ASP C 116 -12.16 -34.93 27.58
CA ASP C 116 -13.33 -35.07 26.72
C ASP C 116 -14.49 -34.27 27.30
N LEU C 117 -14.64 -34.24 28.63
CA LEU C 117 -15.68 -33.42 29.22
C LEU C 117 -15.43 -31.94 28.93
N VAL C 118 -14.21 -31.47 29.16
CA VAL C 118 -13.90 -30.07 28.90
C VAL C 118 -14.19 -29.73 27.44
N LEU C 119 -13.70 -30.55 26.52
CA LEU C 119 -13.94 -30.21 25.12
C LEU C 119 -15.43 -30.22 24.80
N ASP C 120 -16.22 -31.04 25.50
CA ASP C 120 -17.66 -31.07 25.29
C ASP C 120 -18.34 -29.79 25.79
N ARG C 121 -17.97 -29.36 27.00
CA ARG C 121 -18.48 -28.09 27.54
C ARG C 121 -18.13 -26.94 26.63
N ILE C 122 -16.89 -26.91 26.10
CA ILE C 122 -16.48 -25.85 25.19
C ILE C 122 -17.31 -25.88 23.91
N ARG C 123 -17.51 -27.08 23.33
CA ARG C 123 -18.30 -27.17 22.11
C ARG C 123 -19.69 -26.59 22.29
N LYS C 124 -20.24 -26.62 23.52
CA LYS C 124 -21.54 -26.01 23.78
C LYS C 124 -21.45 -24.50 23.81
N LEU C 125 -20.28 -23.97 24.17
CA LEU C 125 -20.08 -22.54 24.04
C LEU C 125 -19.95 -22.13 22.58
N ALA C 126 -19.22 -22.92 21.80
CA ALA C 126 -18.99 -22.57 20.40
C ALA C 126 -20.28 -22.58 19.62
N ASP C 127 -21.14 -23.54 19.88
CA ASP C 127 -22.38 -23.63 19.13
C ASP C 127 -23.34 -22.51 19.44
N GLN C 128 -23.02 -21.64 20.36
CA GLN C 128 -23.85 -20.51 20.67
C GLN C 128 -23.34 -19.21 20.02
N CYS C 129 -22.26 -19.28 19.25
CA CYS C 129 -21.61 -18.12 18.64
C CYS C 129 -21.92 -18.10 17.16
N THR C 130 -22.38 -16.96 16.66
CA THR C 130 -22.73 -16.88 15.26
C THR C 130 -21.50 -16.96 14.37
N GLY C 131 -20.41 -16.26 14.75
CA GLY C 131 -19.07 -16.57 14.26
C GLY C 131 -17.96 -16.39 15.30
N LEU C 132 -17.32 -17.48 15.69
CA LEU C 132 -16.37 -17.50 16.80
C LEU C 132 -14.96 -17.12 16.34
N GLN C 133 -14.36 -16.16 17.06
CA GLN C 133 -13.01 -15.67 16.78
C GLN C 133 -11.92 -16.58 17.34
N GLY C 134 -11.97 -16.90 18.62
CA GLY C 134 -10.92 -17.68 19.21
C GLY C 134 -11.10 -17.79 20.71
N PHE C 135 -10.04 -18.25 21.38
CA PHE C 135 -10.10 -18.70 22.76
C PHE C 135 -9.06 -17.94 23.56
N LEU C 136 -9.45 -17.51 24.76
CA LEU C 136 -8.50 -16.89 25.70
C LEU C 136 -8.28 -17.88 26.82
N VAL C 137 -7.10 -18.49 26.84
CA VAL C 137 -6.76 -19.54 27.80
C VAL C 137 -5.90 -18.95 28.89
N PHE C 138 -6.34 -19.07 30.13
CA PHE C 138 -5.60 -18.57 31.28
C PHE C 138 -5.05 -19.76 32.06
N HIS C 139 -3.77 -19.71 32.40
CA HIS C 139 -3.18 -20.83 33.11
C HIS C 139 -1.86 -20.37 33.69
N SER C 140 -1.25 -21.22 34.49
CA SER C 140 0.04 -20.92 35.09
C SER C 140 1.10 -21.83 34.48
N PHE C 141 2.29 -21.27 34.23
CA PHE C 141 3.40 -22.10 33.78
C PHE C 141 3.71 -23.15 34.82
N GLY C 142 3.70 -22.74 36.08
CA GLY C 142 4.26 -23.58 37.13
C GLY C 142 3.36 -24.70 37.62
N GLY C 143 2.05 -24.50 37.59
CA GLY C 143 1.16 -25.54 38.07
C GLY C 143 1.27 -26.81 37.23
N GLY C 144 0.82 -27.90 37.83
CA GLY C 144 0.65 -29.17 37.15
C GLY C 144 -0.57 -29.23 36.26
N THR C 145 -1.73 -28.75 36.75
CA THR C 145 -2.87 -28.57 35.86
C THR C 145 -2.67 -27.37 34.97
N GLY C 146 -2.15 -26.28 35.55
CA GLY C 146 -1.70 -25.14 34.78
C GLY C 146 -0.97 -25.57 33.55
N SER C 147 -0.10 -26.57 33.68
CA SER C 147 0.75 -26.91 32.56
C SER C 147 0.30 -28.15 31.81
N GLY C 148 0.06 -29.24 32.53
CA GLY C 148 -0.28 -30.50 31.86
C GLY C 148 -1.61 -30.47 31.14
N PHE C 149 -2.67 -30.00 31.82
CA PHE C 149 -4.00 -30.02 31.22
C PHE C 149 -4.10 -28.95 30.14
N THR C 150 -3.54 -27.77 30.39
CA THR C 150 -3.56 -26.73 29.36
C THR C 150 -2.99 -27.25 28.04
N SER C 151 -1.78 -27.80 28.08
CA SER C 151 -1.14 -28.22 26.84
C SER C 151 -1.77 -29.48 26.26
N LEU C 152 -2.44 -30.30 27.07
CA LEU C 152 -3.32 -31.30 26.46
C LEU C 152 -4.48 -30.60 25.76
N LEU C 153 -4.99 -29.55 26.38
CA LEU C 153 -6.18 -28.86 25.88
C LEU C 153 -5.88 -28.10 24.60
N MET C 154 -4.75 -27.38 24.58
CA MET C 154 -4.35 -26.60 23.41
C MET C 154 -4.19 -27.50 22.19
N GLU C 155 -3.51 -28.64 22.37
CA GLU C 155 -3.45 -29.64 21.32
C GLU C 155 -4.85 -29.99 20.85
N ARG C 156 -5.75 -30.27 21.79
CA ARG C 156 -7.10 -30.72 21.39
C ARG C 156 -7.86 -29.64 20.65
N LEU C 157 -7.74 -28.39 21.10
CA LEU C 157 -8.40 -27.30 20.39
C LEU C 157 -7.91 -27.20 18.96
N SER C 158 -6.60 -27.34 18.77
CA SER C 158 -6.06 -27.30 17.42
C SER C 158 -6.60 -28.40 16.55
N VAL C 159 -7.13 -29.45 17.13
CA VAL C 159 -7.68 -30.52 16.31
C VAL C 159 -9.15 -30.27 16.01
N ASP C 160 -9.89 -29.78 17.01
CA ASP C 160 -11.35 -29.62 16.95
C ASP C 160 -11.73 -28.27 16.40
N TYR C 161 -10.78 -27.32 16.32
CA TYR C 161 -11.06 -25.99 15.80
C TYR C 161 -10.00 -25.52 14.81
N GLY C 162 -9.34 -26.44 14.12
CA GLY C 162 -8.36 -26.09 13.09
C GLY C 162 -7.33 -25.04 13.46
N LYS C 163 -7.42 -23.87 12.82
CA LYS C 163 -6.46 -22.80 13.08
C LYS C 163 -7.06 -21.64 13.88
N LYS C 164 -8.27 -21.80 14.45
CA LYS C 164 -8.96 -20.74 15.17
C LYS C 164 -7.96 -20.11 16.14
N SER C 165 -8.15 -18.86 16.55
CA SER C 165 -7.12 -18.20 17.34
C SER C 165 -7.16 -18.59 18.81
N LYS C 166 -5.98 -18.82 19.35
CA LYS C 166 -5.76 -19.27 20.71
C LYS C 166 -4.72 -18.32 21.31
N LEU C 167 -5.19 -17.31 22.06
CA LEU C 167 -4.34 -16.42 22.83
C LEU C 167 -4.07 -17.03 24.19
N GLU C 168 -3.00 -16.56 24.82
CA GLU C 168 -2.55 -17.16 26.07
C GLU C 168 -2.17 -16.07 27.07
N PHE C 169 -2.76 -16.13 28.28
CA PHE C 169 -2.36 -15.33 29.45
C PHE C 169 -1.78 -16.32 30.45
N SER C 170 -0.43 -16.41 30.47
CA SER C 170 0.34 -17.41 31.21
C SER C 170 1.05 -16.78 32.41
N ILE C 171 1.06 -17.49 33.53
CA ILE C 171 1.64 -16.99 34.78
C ILE C 171 3.03 -17.61 34.97
N TYR C 172 4.03 -16.83 34.61
CA TYR C 172 5.42 -17.27 34.64
C TYR C 172 5.87 -17.41 36.10
N PRO C 173 6.54 -18.50 36.47
CA PRO C 173 6.78 -18.74 37.89
C PRO C 173 7.89 -17.84 38.41
N ALA C 174 7.66 -17.30 39.59
CA ALA C 174 8.68 -16.53 40.28
C ALA C 174 8.67 -16.94 41.73
N PRO C 175 9.83 -16.91 42.39
CA PRO C 175 10.01 -17.70 43.63
C PRO C 175 9.40 -17.11 44.90
N GLN C 176 9.14 -15.81 44.96
CA GLN C 176 8.42 -15.25 46.10
C GLN C 176 7.12 -16.00 46.39
N VAL C 177 6.30 -16.23 45.37
CA VAL C 177 5.00 -16.82 45.59
C VAL C 177 4.90 -18.24 45.07
N SER C 178 5.99 -18.79 44.54
CA SER C 178 5.88 -20.14 43.99
C SER C 178 5.56 -21.14 45.09
N THR C 179 4.85 -22.20 44.70
CA THR C 179 4.47 -23.22 45.65
C THR C 179 5.12 -24.57 45.40
N ALA C 180 5.82 -24.75 44.27
CA ALA C 180 6.35 -26.06 43.87
C ALA C 180 7.78 -25.90 43.39
N VAL C 181 8.61 -26.91 43.64
CA VAL C 181 10.01 -26.80 43.23
C VAL C 181 10.28 -27.30 41.82
N VAL C 182 9.33 -28.01 41.21
CA VAL C 182 9.52 -28.58 39.87
C VAL C 182 8.95 -27.58 38.88
N GLU C 183 8.72 -26.35 39.32
CA GLU C 183 8.08 -25.40 38.43
C GLU C 183 8.86 -25.14 37.14
N PRO C 184 10.19 -25.02 37.13
CA PRO C 184 10.86 -24.86 35.83
C PRO C 184 10.66 -26.07 34.92
N TYR C 185 10.55 -27.29 35.47
CA TYR C 185 10.27 -28.43 34.60
C TYR C 185 8.92 -28.25 33.93
N ASN C 186 7.88 -28.05 34.73
CA ASN C 186 6.56 -27.90 34.16
C ASN C 186 6.55 -26.78 33.12
N SER C 187 7.28 -25.70 33.39
CA SER C 187 7.30 -24.57 32.47
C SER C 187 7.89 -24.95 31.11
N ILE C 188 9.08 -25.55 31.08
CA ILE C 188 9.67 -25.84 29.78
C ILE C 188 8.83 -26.87 29.02
N LEU C 189 8.31 -27.88 29.72
CA LEU C 189 7.50 -28.90 29.03
C LEU C 189 6.23 -28.30 28.43
N THR C 190 5.58 -27.37 29.16
CA THR C 190 4.35 -26.77 28.65
C THR C 190 4.64 -25.70 27.60
N THR C 191 5.73 -24.93 27.77
CA THR C 191 6.10 -23.98 26.72
C THR C 191 6.46 -24.74 25.44
N HIS C 192 7.16 -25.89 25.57
CA HIS C 192 7.50 -26.68 24.39
C HIS C 192 6.26 -27.24 23.69
N THR C 193 5.30 -27.75 24.46
CA THR C 193 4.14 -28.37 23.82
C THR C 193 3.16 -27.35 23.27
N THR C 194 3.04 -26.18 23.91
CA THR C 194 2.07 -25.21 23.44
C THR C 194 2.55 -24.45 22.22
N LEU C 195 3.86 -24.36 22.02
CA LEU C 195 4.42 -23.36 21.12
C LEU C 195 3.76 -23.40 19.74
N GLU C 196 3.43 -24.59 19.26
CA GLU C 196 2.81 -24.72 17.94
C GLU C 196 1.34 -24.38 17.91
N HIS C 197 0.67 -24.34 19.06
CA HIS C 197 -0.77 -24.19 19.08
C HIS C 197 -1.24 -22.85 19.57
N SER C 198 -0.33 -22.03 20.05
CA SER C 198 -0.72 -20.72 20.52
C SER C 198 -0.32 -19.70 19.47
N ASP C 199 -1.24 -18.79 19.20
CA ASP C 199 -1.07 -17.77 18.19
C ASP C 199 -0.48 -16.51 18.78
N CYS C 200 -0.58 -16.34 20.08
CA CYS C 200 -0.09 -15.16 20.76
C CYS C 200 -0.14 -15.41 22.27
N ALA C 201 0.93 -15.11 22.98
CA ALA C 201 1.02 -15.49 24.38
C ALA C 201 1.56 -14.29 25.17
N PHE C 202 0.78 -13.81 26.14
CA PHE C 202 1.21 -12.74 27.01
C PHE C 202 1.71 -13.34 28.32
N MET C 203 3.00 -13.16 28.63
CA MET C 203 3.58 -13.70 29.86
C MET C 203 3.50 -12.71 31.02
N VAL C 204 3.04 -13.17 32.17
CA VAL C 204 3.07 -12.35 33.38
C VAL C 204 3.99 -13.01 34.39
N ASP C 205 5.18 -12.43 34.57
CA ASP C 205 6.15 -12.85 35.56
C ASP C 205 5.71 -12.39 36.95
N ASN C 206 5.44 -13.35 37.86
CA ASN C 206 4.90 -12.97 39.15
C ASN C 206 5.86 -12.10 39.96
N GLU C 207 7.17 -12.35 39.87
CA GLU C 207 8.12 -11.44 40.52
C GLU C 207 7.93 -10.01 40.07
N ALA C 208 7.56 -9.82 38.80
CA ALA C 208 7.29 -8.48 38.33
C ALA C 208 6.06 -7.90 39.02
N ILE C 209 4.91 -8.55 38.81
CA ILE C 209 3.65 -8.15 39.43
C ILE C 209 3.78 -8.11 40.95
N TYR C 210 4.60 -8.98 41.52
CA TYR C 210 4.85 -8.90 42.96
C TYR C 210 5.54 -7.60 43.31
N ASP C 211 6.63 -7.30 42.62
CA ASP C 211 7.40 -6.11 42.96
C ASP C 211 6.59 -4.86 42.71
N ILE C 212 5.82 -4.82 41.62
CA ILE C 212 4.93 -3.69 41.36
C ILE C 212 3.99 -3.45 42.55
N CYS C 213 3.37 -4.51 43.08
CA CYS C 213 2.44 -4.32 44.19
C CYS C 213 3.15 -3.74 45.40
N ARG C 214 4.26 -4.36 45.79
CA ARG C 214 4.98 -3.84 46.94
C ARG C 214 5.30 -2.37 46.72
N ARG C 215 5.89 -2.04 45.56
CA ARG C 215 6.47 -0.72 45.32
C ARG C 215 5.39 0.34 45.13
N ASN C 216 4.45 0.10 44.22
CA ASN C 216 3.49 1.13 43.82
C ASN C 216 2.19 1.12 44.63
N LEU C 217 1.78 -0.02 45.18
CA LEU C 217 0.60 -0.07 46.03
C LEU C 217 0.94 -0.22 47.50
N ASP C 218 2.21 -0.21 47.85
CA ASP C 218 2.65 -0.27 49.24
C ASP C 218 1.98 -1.41 50.00
N ILE C 219 2.07 -2.61 49.41
CA ILE C 219 1.51 -3.83 49.98
C ILE C 219 2.68 -4.64 50.50
N GLU C 220 2.81 -4.70 51.82
CA GLU C 220 3.98 -5.37 52.41
C GLU C 220 4.14 -6.79 51.87
N ARG C 221 3.15 -7.64 52.12
CA ARG C 221 3.14 -9.02 51.63
C ARG C 221 1.94 -9.11 50.71
N PRO C 222 2.12 -8.88 49.40
CA PRO C 222 0.98 -8.96 48.49
C PRO C 222 0.42 -10.38 48.44
N THR C 223 -0.88 -10.48 48.35
CA THR C 223 -1.52 -11.79 48.24
C THR C 223 -1.73 -12.14 46.77
N TYR C 224 -2.17 -13.37 46.52
CA TYR C 224 -2.69 -13.68 45.20
C TYR C 224 -3.78 -12.68 44.84
N THR C 225 -4.59 -12.31 45.82
CA THR C 225 -5.70 -11.39 45.60
C THR C 225 -5.23 -9.97 45.26
N ASN C 226 -4.04 -9.58 45.74
CA ASN C 226 -3.42 -8.31 45.33
C ASN C 226 -2.98 -8.34 43.87
N LEU C 227 -2.31 -9.42 43.47
CA LEU C 227 -1.75 -9.53 42.13
C LEU C 227 -2.87 -9.54 41.09
N ASN C 228 -3.87 -10.40 41.31
CA ASN C 228 -4.95 -10.58 40.34
C ASN C 228 -5.71 -9.29 40.08
N ARG C 229 -5.97 -8.52 41.13
CA ARG C 229 -6.68 -7.27 40.89
C ARG C 229 -5.87 -6.40 39.94
N LEU C 230 -4.54 -6.43 40.05
CA LEU C 230 -3.71 -5.74 39.07
C LEU C 230 -3.73 -6.46 37.72
N ILE C 231 -3.65 -7.79 37.69
CA ILE C 231 -3.49 -8.47 36.41
C ILE C 231 -4.69 -8.18 35.50
N SER C 232 -5.89 -8.31 36.03
CA SER C 232 -7.06 -8.09 35.19
C SER C 232 -7.08 -6.70 34.58
N GLN C 233 -6.53 -5.71 35.27
CA GLN C 233 -6.39 -4.39 34.69
C GLN C 233 -5.63 -4.44 33.37
N ILE C 234 -4.50 -5.17 33.34
CA ILE C 234 -3.80 -5.38 32.09
C ILE C 234 -4.65 -6.21 31.13
N VAL C 235 -5.18 -7.35 31.63
CA VAL C 235 -6.04 -8.21 30.84
C VAL C 235 -7.26 -7.44 30.38
N SER C 236 -7.58 -6.35 31.08
CA SER C 236 -8.73 -5.55 30.70
C SER C 236 -8.41 -4.71 29.47
N SER C 237 -7.28 -4.01 29.46
CA SER C 237 -6.95 -3.20 28.29
C SER C 237 -6.77 -4.08 27.07
N ILE C 238 -6.19 -5.26 27.27
CA ILE C 238 -5.88 -6.08 26.12
C ILE C 238 -7.17 -6.52 25.44
N THR C 239 -8.23 -6.74 26.20
CA THR C 239 -9.50 -7.18 25.62
C THR C 239 -10.53 -6.07 25.50
N ALA C 240 -10.31 -4.91 26.10
CA ALA C 240 -11.29 -3.82 26.01
C ALA C 240 -11.61 -3.52 24.57
N SER C 241 -10.62 -3.69 23.69
CA SER C 241 -10.78 -3.42 22.26
C SER C 241 -11.85 -4.29 21.64
N LEU C 242 -12.04 -5.50 22.15
CA LEU C 242 -13.12 -6.36 21.68
C LEU C 242 -14.44 -6.02 22.38
N ARG C 243 -14.39 -5.67 23.65
CA ARG C 243 -15.62 -5.49 24.43
C ARG C 243 -16.29 -4.16 24.20
N PHE C 244 -15.53 -3.12 23.84
CA PHE C 244 -16.07 -1.78 23.71
C PHE C 244 -16.01 -1.35 22.26
N ASP C 245 -17.05 -0.66 21.82
CA ASP C 245 -16.99 -0.01 20.54
C ASP C 245 -16.17 1.27 20.63
N GLY C 246 -15.55 1.64 19.51
CA GLY C 246 -14.75 2.83 19.46
C GLY C 246 -14.22 3.11 18.06
N ALA C 247 -14.07 4.41 17.74
CA ALA C 247 -13.50 4.84 16.47
C ALA C 247 -11.97 4.86 16.55
N LEU C 248 -11.45 5.58 17.53
CA LEU C 248 -10.04 5.54 17.88
C LEU C 248 -9.70 4.18 18.47
N ASN C 249 -10.71 3.32 18.60
CA ASN C 249 -10.56 2.00 19.20
C ASN C 249 -10.16 1.00 18.12
N VAL C 250 -9.09 0.24 18.38
CA VAL C 250 -8.44 -0.60 17.38
C VAL C 250 -8.42 -2.06 17.85
N ASP C 251 -8.92 -2.95 16.98
CA ASP C 251 -9.15 -4.34 17.38
C ASP C 251 -7.86 -5.00 17.81
N LEU C 252 -7.94 -5.87 18.81
CA LEU C 252 -6.74 -6.54 19.29
C LEU C 252 -6.11 -7.46 18.26
N THR C 253 -6.82 -7.79 17.17
CA THR C 253 -6.29 -8.64 16.11
C THR C 253 -5.66 -7.83 14.99
N GLU C 254 -5.68 -6.51 15.10
CA GLU C 254 -4.91 -5.66 14.21
C GLU C 254 -3.55 -5.33 14.82
N PHE C 255 -3.57 -5.03 16.13
CA PHE C 255 -2.39 -5.15 16.95
C PHE C 255 -1.82 -6.57 16.83
N GLN C 256 -2.69 -7.58 16.76
CA GLN C 256 -2.23 -8.95 16.70
C GLN C 256 -1.26 -9.18 15.55
N THR C 257 -1.35 -8.34 14.51
CA THR C 257 -0.56 -8.55 13.31
C THR C 257 0.81 -7.91 13.36
N ASN C 258 0.96 -6.78 14.04
CA ASN C 258 2.26 -6.16 14.19
C ASN C 258 3.07 -6.76 15.32
N LEU C 259 2.44 -7.50 16.22
CA LEU C 259 3.17 -8.11 17.32
C LEU C 259 3.85 -9.41 16.95
N VAL C 260 3.38 -10.10 15.91
CA VAL C 260 3.90 -11.42 15.63
C VAL C 260 4.58 -11.40 14.27
N PRO C 261 5.89 -11.06 14.21
CA PRO C 261 6.62 -11.08 12.94
C PRO C 261 6.83 -12.48 12.43
N TYR C 262 7.24 -13.39 13.30
CA TYR C 262 7.29 -14.79 12.95
C TYR C 262 6.42 -15.59 13.88
N PRO C 263 5.96 -16.76 13.44
CA PRO C 263 5.05 -17.54 14.27
C PRO C 263 5.62 -17.90 15.64
N ARG C 264 6.91 -18.24 15.74
CA ARG C 264 7.47 -18.53 17.05
C ARG C 264 7.62 -17.26 17.92
N ILE C 265 7.85 -16.10 17.29
CA ILE C 265 8.03 -14.83 18.01
C ILE C 265 6.64 -14.25 18.29
N HIS C 266 5.99 -14.78 19.33
CA HIS C 266 4.65 -14.37 19.70
C HIS C 266 4.55 -14.17 21.21
N PHE C 267 5.51 -13.44 21.81
CA PHE C 267 5.49 -13.18 23.25
C PHE C 267 5.60 -11.68 23.55
N PRO C 268 4.51 -10.94 23.33
CA PRO C 268 4.55 -9.51 23.62
C PRO C 268 4.75 -9.21 25.09
N LEU C 269 5.35 -8.05 25.32
CA LEU C 269 5.65 -7.54 26.65
C LEU C 269 4.63 -6.49 27.06
N ALA C 270 3.84 -6.77 28.10
CA ALA C 270 2.91 -5.78 28.61
C ALA C 270 3.53 -4.89 29.69
N THR C 271 3.18 -3.60 29.65
CA THR C 271 3.53 -2.62 30.67
C THR C 271 2.31 -1.74 30.84
N TYR C 272 1.88 -1.50 32.07
CA TYR C 272 0.65 -0.77 32.38
C TYR C 272 0.95 0.43 33.25
N ALA C 273 0.10 1.43 33.21
CA ALA C 273 0.31 2.60 34.06
C ALA C 273 -0.95 3.45 33.99
N PRO C 274 -1.36 4.13 35.07
CA PRO C 274 -0.71 4.28 36.36
C PRO C 274 -1.20 3.25 37.31
N VAL C 275 -0.26 2.51 37.89
CA VAL C 275 -0.51 1.70 39.08
C VAL C 275 -0.13 2.57 40.27
N ILE C 276 -1.09 3.39 40.70
CA ILE C 276 -0.92 4.40 41.72
C ILE C 276 -1.80 4.07 42.89
N SER C 277 -1.30 4.25 44.10
CA SER C 277 -2.13 4.05 45.27
C SER C 277 -3.19 5.15 45.33
N ALA C 278 -4.24 4.91 46.13
CA ALA C 278 -5.35 5.84 46.27
C ALA C 278 -4.96 7.13 46.98
N GLU C 279 -4.02 7.08 47.92
CA GLU C 279 -3.54 8.33 48.51
C GLU C 279 -2.67 9.10 47.52
N LYS C 280 -1.81 8.39 46.78
CA LYS C 280 -0.88 9.08 45.88
C LYS C 280 -1.60 9.58 44.63
N ALA C 281 -2.73 8.97 44.28
CA ALA C 281 -3.56 9.53 43.23
C ALA C 281 -4.08 10.90 43.63
N TYR C 282 -4.64 11.00 44.83
CA TYR C 282 -5.42 12.16 45.22
C TYR C 282 -4.61 13.45 45.04
N HIS C 283 -5.29 14.52 44.64
CA HIS C 283 -4.67 15.81 44.38
C HIS C 283 -3.45 15.68 43.44
N GLU C 284 -3.46 14.66 42.60
CA GLU C 284 -2.35 14.47 41.69
C GLU C 284 -2.90 13.72 40.47
N GLN C 285 -3.19 14.45 39.39
CA GLN C 285 -3.64 13.82 38.16
C GLN C 285 -2.48 13.63 37.19
N LEU C 286 -2.33 12.40 36.70
CA LEU C 286 -1.23 12.03 35.82
C LEU C 286 -1.62 12.23 34.36
N SER C 287 -0.83 13.03 33.66
CA SER C 287 -1.16 13.47 32.33
C SER C 287 -0.92 12.35 31.33
N VAL C 288 -1.44 12.53 30.11
CA VAL C 288 -1.27 11.52 29.08
C VAL C 288 0.22 11.25 28.85
N ALA C 289 1.05 12.30 28.97
CA ALA C 289 2.49 12.13 28.77
C ALA C 289 3.15 11.38 29.92
N GLU C 290 2.60 11.52 31.14
CA GLU C 290 3.14 10.82 32.30
C GLU C 290 2.96 9.30 32.18
N ILE C 291 1.74 8.84 31.86
CA ILE C 291 1.48 7.42 31.79
C ILE C 291 2.17 6.78 30.60
N THR C 292 2.26 7.50 29.45
CA THR C 292 3.00 7.00 28.27
C THR C 292 4.49 6.82 28.56
N ASN C 293 5.09 7.80 29.24
CA ASN C 293 6.45 7.65 29.70
C ASN C 293 6.60 6.39 30.53
N ALA C 294 5.70 6.21 31.50
CA ALA C 294 5.82 5.09 32.43
C ALA C 294 5.94 3.77 31.70
N CYS C 295 5.31 3.66 30.52
CA CYS C 295 5.40 2.41 29.77
C CYS C 295 6.83 2.04 29.46
N PHE C 296 7.70 3.02 29.31
CA PHE C 296 9.06 2.74 28.91
C PHE C 296 9.98 2.65 30.10
N GLU C 297 9.46 2.90 31.28
CA GLU C 297 10.23 2.61 32.46
C GLU C 297 10.11 1.11 32.73
N PRO C 298 11.23 0.37 32.84
CA PRO C 298 11.16 -1.11 32.90
C PRO C 298 10.53 -1.68 34.15
N ALA C 299 10.34 -0.87 35.19
CA ALA C 299 9.83 -1.36 36.45
C ALA C 299 8.31 -1.42 36.50
N ASN C 300 7.62 -1.27 35.36
CA ASN C 300 6.17 -1.46 35.26
C ASN C 300 5.81 -2.63 34.36
N GLN C 301 6.77 -3.43 33.90
CA GLN C 301 6.52 -4.51 32.96
C GLN C 301 6.08 -5.78 33.67
N MET C 302 5.43 -6.67 32.92
CA MET C 302 4.90 -7.91 33.48
C MET C 302 5.94 -9.01 33.47
N VAL C 303 6.93 -8.92 32.61
CA VAL C 303 8.05 -9.86 32.57
C VAL C 303 9.33 -9.04 32.78
N LYS C 304 10.16 -9.48 33.74
CA LYS C 304 11.39 -8.77 34.09
C LYS C 304 12.47 -9.08 33.06
N CYS C 305 12.80 -8.09 32.24
CA CYS C 305 13.80 -8.13 31.17
C CYS C 305 14.20 -6.70 30.93
N ASP C 306 15.19 -6.49 30.08
CA ASP C 306 15.58 -5.09 29.79
C ASP C 306 15.41 -4.75 28.33
N PRO C 307 14.30 -4.12 27.95
CA PRO C 307 14.14 -3.71 26.55
C PRO C 307 15.20 -2.73 26.14
N ARG C 308 15.80 -2.04 27.10
CA ARG C 308 16.91 -1.15 26.78
C ARG C 308 18.07 -1.92 26.17
N HIS C 309 18.42 -3.05 26.74
CA HIS C 309 19.45 -3.88 26.12
C HIS C 309 18.79 -4.95 25.23
N GLY C 310 17.87 -4.52 24.36
CA GLY C 310 17.22 -5.36 23.36
C GLY C 310 16.63 -4.52 22.23
N LYS C 311 16.16 -5.18 21.19
CA LYS C 311 15.64 -4.47 20.03
C LYS C 311 14.14 -4.67 19.90
N TYR C 312 13.44 -3.61 19.50
CA TYR C 312 12.00 -3.68 19.27
C TYR C 312 11.66 -4.19 17.88
N MET C 313 10.58 -4.94 17.80
CA MET C 313 9.98 -5.38 16.55
C MET C 313 8.55 -4.89 16.43
N ALA C 314 8.07 -4.15 17.42
CA ALA C 314 6.66 -3.81 17.57
C ALA C 314 6.51 -2.86 18.74
N CYS C 315 5.51 -1.99 18.64
CA CYS C 315 5.23 -1.10 19.75
C CYS C 315 3.80 -0.64 19.61
N CYS C 316 2.93 -1.12 20.50
CA CYS C 316 1.54 -0.73 20.53
C CYS C 316 1.20 0.03 21.80
N LEU C 317 0.23 0.91 21.69
CA LEU C 317 -0.22 1.69 22.82
C LEU C 317 -1.74 1.67 22.85
N LEU C 318 -2.31 1.09 23.89
CA LEU C 318 -3.76 1.03 24.01
C LEU C 318 -4.18 1.93 25.17
N TYR C 319 -4.60 3.14 24.84
CA TYR C 319 -5.03 4.11 25.84
C TYR C 319 -6.49 3.86 26.19
N ARG C 320 -6.89 4.44 27.30
CA ARG C 320 -8.15 4.09 27.95
C ARG C 320 -8.49 5.23 28.89
N GLY C 321 -9.61 5.89 28.62
CA GLY C 321 -10.01 7.04 29.39
C GLY C 321 -9.95 8.28 28.53
N ASP C 322 -9.91 9.44 29.19
CA ASP C 322 -9.88 10.68 28.43
C ASP C 322 -8.47 10.80 27.89
N VAL C 323 -8.32 10.50 26.61
CA VAL C 323 -7.07 10.62 25.89
C VAL C 323 -7.44 10.97 24.46
N VAL C 324 -6.82 12.00 23.90
CA VAL C 324 -7.09 12.37 22.51
C VAL C 324 -5.82 12.20 21.70
N PRO C 325 -5.91 11.82 20.40
CA PRO C 325 -4.68 11.55 19.63
C PRO C 325 -3.68 12.69 19.69
N LYS C 326 -4.15 13.94 19.73
CA LYS C 326 -3.26 15.09 19.88
C LYS C 326 -2.23 14.87 20.99
N ASP C 327 -2.68 14.67 22.24
CA ASP C 327 -1.74 14.47 23.35
C ASP C 327 -0.89 13.21 23.14
N VAL C 328 -1.53 12.12 22.74
CA VAL C 328 -0.80 10.86 22.61
C VAL C 328 0.44 11.07 21.76
N ASN C 329 0.34 11.92 20.74
CA ASN C 329 1.50 12.14 19.89
C ASN C 329 2.57 12.94 20.60
N ALA C 330 2.20 14.05 21.23
CA ALA C 330 3.23 14.86 21.87
C ALA C 330 4.09 13.98 22.78
N ALA C 331 3.45 13.15 23.61
CA ALA C 331 4.20 12.27 24.50
C ALA C 331 5.16 11.40 23.71
N ILE C 332 4.68 10.77 22.64
CA ILE C 332 5.55 9.89 21.85
C ILE C 332 6.70 10.69 21.27
N ALA C 333 6.41 11.88 20.77
CA ALA C 333 7.43 12.70 20.14
C ALA C 333 8.60 12.91 21.07
N THR C 334 8.32 13.36 22.29
CA THR C 334 9.40 13.56 23.26
C THR C 334 10.05 12.25 23.65
N ILE C 335 9.26 11.18 23.79
CA ILE C 335 9.84 9.91 24.17
C ILE C 335 10.84 9.47 23.12
N LYS C 336 10.44 9.49 21.84
CA LYS C 336 11.28 8.86 20.82
C LYS C 336 12.68 9.47 20.80
N THR C 337 12.78 10.79 21.02
CA THR C 337 14.08 11.42 21.17
C THR C 337 14.72 11.04 22.50
N LYS C 338 13.95 11.13 23.59
CA LYS C 338 14.49 11.07 24.94
C LYS C 338 14.75 9.67 25.48
N ARG C 339 14.40 8.60 24.77
CA ARG C 339 14.53 7.28 25.36
C ARG C 339 15.34 6.35 24.46
N SER C 340 15.65 5.18 25.03
CA SER C 340 16.55 4.19 24.44
C SER C 340 15.73 3.13 23.70
N ILE C 341 15.08 3.56 22.63
CA ILE C 341 14.20 2.71 21.83
C ILE C 341 14.87 2.30 20.52
N GLN C 342 15.34 1.07 20.45
CA GLN C 342 16.05 0.58 19.28
C GLN C 342 15.21 -0.47 18.58
N PHE C 343 14.87 -0.23 17.31
CA PHE C 343 14.15 -1.19 16.46
C PHE C 343 15.11 -2.05 15.65
N VAL C 344 14.61 -3.20 15.19
CA VAL C 344 15.37 -3.97 14.23
C VAL C 344 15.30 -3.28 12.87
N ASP C 345 16.38 -3.43 12.10
CA ASP C 345 16.46 -2.74 10.82
C ASP C 345 15.34 -3.17 9.91
N TRP C 346 14.89 -4.42 10.01
CA TRP C 346 13.91 -4.94 9.08
C TRP C 346 12.48 -4.51 9.41
N CYS C 347 12.27 -3.51 10.27
CA CYS C 347 10.91 -3.22 10.69
C CYS C 347 10.66 -1.73 10.87
N PRO C 348 9.44 -1.28 10.59
CA PRO C 348 9.10 0.14 10.70
C PRO C 348 8.88 0.59 12.12
N THR C 349 9.37 1.79 12.42
CA THR C 349 9.50 2.26 13.81
C THR C 349 8.35 3.13 14.27
N GLY C 350 7.13 2.77 13.94
CA GLY C 350 6.03 3.60 14.38
C GLY C 350 5.23 2.92 15.48
N PHE C 351 4.39 3.70 16.16
CA PHE C 351 3.68 3.22 17.34
C PHE C 351 2.19 3.15 17.01
N LYS C 352 1.66 1.94 16.98
CA LYS C 352 0.23 1.76 16.80
C LYS C 352 -0.49 2.19 18.07
N VAL C 353 -1.48 3.05 17.91
CA VAL C 353 -2.21 3.62 19.02
C VAL C 353 -3.68 3.24 18.92
N GLY C 354 -4.27 2.88 20.04
CA GLY C 354 -5.70 2.73 20.13
C GLY C 354 -6.16 3.51 21.34
N ILE C 355 -7.37 4.06 21.24
CA ILE C 355 -7.96 4.79 22.35
C ILE C 355 -9.38 4.28 22.58
N ASN C 356 -9.67 3.85 23.81
CA ASN C 356 -11.01 3.50 24.23
C ASN C 356 -11.42 4.52 25.28
N TYR C 357 -12.56 5.16 25.06
CA TYR C 357 -12.89 6.29 25.92
C TYR C 357 -13.42 5.82 27.27
N GLN C 358 -14.12 4.69 27.29
CA GLN C 358 -14.62 4.01 28.48
C GLN C 358 -13.51 3.89 29.51
N PRO C 359 -13.57 4.64 30.61
CA PRO C 359 -12.38 4.85 31.47
C PRO C 359 -12.11 3.66 32.38
N PRO C 360 -10.90 3.54 32.89
CA PRO C 360 -10.55 2.35 33.68
C PRO C 360 -11.45 2.21 34.89
N THR C 361 -11.77 0.97 35.25
CA THR C 361 -12.61 0.64 36.39
C THR C 361 -11.81 0.01 37.52
N VAL C 362 -12.26 0.22 38.75
CA VAL C 362 -11.58 -0.35 39.90
C VAL C 362 -12.59 -1.10 40.77
N VAL C 363 -12.20 -2.31 41.20
CA VAL C 363 -13.04 -3.15 42.06
C VAL C 363 -13.16 -2.50 43.42
N PRO C 364 -14.34 -2.54 44.06
CA PRO C 364 -14.50 -1.88 45.35
C PRO C 364 -13.47 -2.36 46.34
N GLY C 365 -12.96 -1.41 47.12
CA GLY C 365 -12.01 -1.79 48.15
C GLY C 365 -10.69 -2.27 47.62
N GLY C 366 -10.44 -2.12 46.33
CA GLY C 366 -9.12 -2.40 45.82
C GLY C 366 -8.14 -1.30 46.22
N ASP C 367 -6.90 -1.56 45.85
CA ASP C 367 -5.80 -0.67 46.18
C ASP C 367 -5.40 0.23 45.03
N LEU C 368 -5.69 -0.16 43.78
CA LEU C 368 -5.48 0.73 42.66
C LEU C 368 -6.37 1.95 42.79
N ALA C 369 -5.79 3.13 42.58
CA ALA C 369 -6.59 4.35 42.61
C ALA C 369 -7.44 4.40 41.36
N LYS C 370 -8.45 5.24 41.40
CA LYS C 370 -9.26 5.46 40.20
C LYS C 370 -8.60 6.54 39.39
N VAL C 371 -8.27 6.22 38.16
CA VAL C 371 -7.53 7.16 37.35
C VAL C 371 -8.40 7.58 36.19
N GLN C 372 -8.16 8.80 35.69
CA GLN C 372 -8.91 9.25 34.52
C GLN C 372 -8.43 8.54 33.24
N ARG C 373 -7.13 8.33 33.11
CA ARG C 373 -6.57 7.79 31.88
C ARG C 373 -5.50 6.77 32.24
N ALA C 374 -5.52 5.65 31.53
CA ALA C 374 -4.55 4.58 31.71
C ALA C 374 -4.03 4.12 30.35
N VAL C 375 -2.86 3.52 30.34
CA VAL C 375 -2.27 2.99 29.13
C VAL C 375 -1.68 1.62 29.41
N CYS C 376 -1.70 0.76 28.39
CA CYS C 376 -1.04 -0.53 28.40
C CYS C 376 -0.31 -0.71 27.07
N MET C 377 1.02 -0.81 27.15
CA MET C 377 1.87 -0.90 25.96
C MET C 377 2.23 -2.35 25.68
N LEU C 378 2.12 -2.76 24.43
CA LEU C 378 2.38 -4.11 23.99
C LEU C 378 3.51 -4.07 22.98
N SER C 379 4.67 -4.57 23.36
CA SER C 379 5.86 -4.45 22.51
C SER C 379 6.51 -5.80 22.32
N ASN C 380 6.85 -6.14 21.08
CA ASN C 380 7.63 -7.34 20.81
C ASN C 380 9.11 -6.94 20.79
N THR C 381 9.75 -7.05 21.95
CA THR C 381 11.17 -6.77 22.13
C THR C 381 11.91 -8.09 22.32
N THR C 382 13.12 -8.17 21.76
CA THR C 382 13.94 -9.37 21.91
C THR C 382 14.34 -9.61 23.35
N ALA C 383 14.19 -8.62 24.23
CA ALA C 383 14.58 -8.80 25.63
C ALA C 383 13.63 -9.70 26.41
N ILE C 384 12.46 -10.05 25.85
CA ILE C 384 11.62 -11.05 26.50
C ILE C 384 12.35 -12.39 26.64
N ALA C 385 13.45 -12.60 25.91
CA ALA C 385 14.09 -13.89 26.02
C ALA C 385 14.75 -14.08 27.37
N GLU C 386 15.20 -13.00 28.00
CA GLU C 386 15.72 -13.07 29.36
C GLU C 386 14.88 -13.99 30.24
N ALA C 387 13.54 -13.93 30.16
CA ALA C 387 12.75 -14.91 30.90
C ALA C 387 13.04 -16.32 30.40
N TRP C 388 13.11 -16.49 29.10
CA TRP C 388 13.41 -17.82 28.61
C TRP C 388 14.82 -18.26 29.01
N ALA C 389 15.75 -17.33 29.12
CA ALA C 389 17.05 -17.65 29.69
C ALA C 389 16.96 -18.16 31.15
N ARG C 390 16.55 -17.27 32.08
CA ARG C 390 16.48 -17.60 33.50
C ARG C 390 15.72 -18.89 33.75
N LEU C 391 14.53 -19.00 33.15
CA LEU C 391 13.77 -20.23 33.28
C LEU C 391 14.59 -21.40 32.76
N ASP C 392 15.17 -21.26 31.55
CA ASP C 392 15.96 -22.34 30.96
C ASP C 392 17.13 -22.72 31.85
N HIS C 393 17.66 -21.79 32.66
CA HIS C 393 18.77 -22.12 33.56
C HIS C 393 18.31 -22.99 34.72
N LYS C 394 17.28 -22.54 35.45
CA LYS C 394 16.69 -23.33 36.53
C LYS C 394 16.42 -24.73 36.04
N PHE C 395 15.84 -24.85 34.85
CA PHE C 395 15.54 -26.16 34.29
C PHE C 395 16.79 -27.02 34.14
N ASP C 396 17.93 -26.40 33.80
CA ASP C 396 19.16 -27.16 33.55
C ASP C 396 19.85 -27.63 34.83
N LEU C 397 19.87 -26.79 35.86
CA LEU C 397 20.54 -27.14 37.08
C LEU C 397 20.07 -28.50 37.56
N MET C 398 18.75 -28.69 37.61
CA MET C 398 18.13 -29.91 38.12
C MET C 398 18.24 -31.05 37.13
N TYR C 399 17.98 -30.81 35.85
CA TYR C 399 17.90 -31.91 34.90
C TYR C 399 19.24 -32.61 34.74
N ALA C 400 20.33 -31.82 34.75
CA ALA C 400 21.68 -32.38 34.64
C ALA C 400 21.94 -33.43 35.71
N LYS C 401 21.37 -33.24 36.90
CA LYS C 401 21.43 -34.25 37.95
C LYS C 401 20.24 -35.21 37.89
N ARG C 402 19.38 -35.07 36.88
CA ARG C 402 18.13 -35.80 36.73
C ARG C 402 17.17 -35.64 37.89
N ALA C 403 17.35 -34.61 38.73
CA ALA C 403 16.57 -34.45 39.95
C ALA C 403 15.07 -34.33 39.70
N PHE C 404 14.32 -35.11 40.46
CA PHE C 404 12.86 -35.24 40.52
C PHE C 404 12.29 -35.86 39.26
N VAL C 405 13.13 -36.14 38.25
CA VAL C 405 12.62 -36.66 36.99
C VAL C 405 11.87 -37.96 37.20
N HIS C 406 12.18 -38.66 38.29
CA HIS C 406 11.56 -39.95 38.53
C HIS C 406 10.05 -39.81 38.74
N TRP C 407 9.61 -38.69 39.34
CA TRP C 407 8.16 -38.48 39.49
C TRP C 407 7.50 -38.29 38.14
N TYR C 408 8.26 -37.84 37.15
CA TYR C 408 7.66 -37.71 35.83
C TYR C 408 7.76 -39.02 35.08
N VAL C 409 8.89 -39.73 35.17
CA VAL C 409 8.98 -40.93 34.32
C VAL C 409 7.96 -41.96 34.75
N GLY C 410 7.62 -41.98 36.03
CA GLY C 410 6.62 -42.86 36.64
C GLY C 410 5.18 -42.59 36.25
N GLU C 411 4.87 -41.42 35.66
CA GLU C 411 3.54 -41.25 35.12
C GLU C 411 3.43 -41.68 33.67
N GLY C 412 4.55 -42.04 33.03
CA GLY C 412 4.60 -42.46 31.63
C GLY C 412 5.50 -41.62 30.72
N MET C 413 5.96 -40.43 31.11
CA MET C 413 6.85 -39.64 30.27
C MET C 413 8.22 -40.30 30.14
N GLU C 414 8.90 -40.01 29.03
CA GLU C 414 10.22 -40.54 28.75
C GLU C 414 11.27 -39.44 28.83
N GLU C 415 12.48 -39.81 29.22
CA GLU C 415 13.54 -38.82 29.35
C GLU C 415 13.61 -37.93 28.10
N GLY C 416 13.24 -38.48 26.94
CA GLY C 416 13.35 -37.72 25.69
C GLY C 416 12.48 -36.50 25.66
N GLU C 417 11.23 -36.61 26.09
CA GLU C 417 10.37 -35.43 26.10
C GLU C 417 11.00 -34.32 26.93
N PHE C 418 11.83 -34.67 27.92
CA PHE C 418 12.59 -33.66 28.65
C PHE C 418 13.69 -33.04 27.77
N SER C 419 14.54 -33.86 27.18
CA SER C 419 15.59 -33.27 26.35
C SER C 419 15.00 -32.65 25.10
N GLU C 420 13.93 -33.26 24.57
CA GLU C 420 13.27 -32.71 23.40
C GLU C 420 12.68 -31.34 23.69
N ALA C 421 12.11 -31.15 24.87
CA ALA C 421 11.55 -29.85 25.23
C ALA C 421 12.64 -28.82 25.47
N ARG C 422 13.69 -29.18 26.21
CA ARG C 422 14.75 -28.23 26.46
C ARG C 422 15.44 -27.83 25.17
N GLU C 423 15.61 -28.78 24.25
CA GLU C 423 16.17 -28.40 22.96
C GLU C 423 15.34 -27.30 22.30
N ASP C 424 14.02 -27.47 22.27
CA ASP C 424 13.16 -26.44 21.70
C ASP C 424 13.37 -25.11 22.39
N MET C 425 13.31 -25.09 23.72
CA MET C 425 13.51 -23.82 24.43
C MET C 425 14.82 -23.17 23.99
N ALA C 426 15.89 -23.96 23.92
CA ALA C 426 17.18 -23.43 23.53
C ALA C 426 17.14 -22.89 22.11
N ALA C 427 16.46 -23.59 21.20
CA ALA C 427 16.26 -23.05 19.86
C ALA C 427 15.43 -21.77 19.89
N LEU C 428 14.34 -21.76 20.66
CA LEU C 428 13.56 -20.53 20.76
C LEU C 428 14.44 -19.37 21.20
N GLU C 429 15.33 -19.60 22.17
CA GLU C 429 16.17 -18.51 22.65
C GLU C 429 17.05 -17.97 21.54
N LYS C 430 17.41 -18.83 20.57
CA LYS C 430 18.26 -18.43 19.46
C LYS C 430 17.48 -17.71 18.35
N ASP C 431 16.30 -18.24 18.00
CA ASP C 431 15.39 -17.51 17.12
C ASP C 431 15.21 -16.08 17.60
N TYR C 432 15.00 -15.90 18.91
CA TYR C 432 14.90 -14.53 19.39
C TYR C 432 16.16 -13.75 19.03
N GLU C 433 17.31 -14.43 19.02
CA GLU C 433 18.57 -13.76 18.70
C GLU C 433 18.74 -13.52 17.21
N GLU C 434 18.39 -14.50 16.39
CA GLU C 434 18.50 -14.32 14.95
C GLU C 434 17.62 -13.16 14.50
N VAL C 435 16.46 -12.95 15.12
CA VAL C 435 15.58 -11.88 14.68
C VAL C 435 16.12 -10.50 15.00
N GLY C 436 17.13 -10.40 15.86
CA GLY C 436 17.59 -9.10 16.26
C GLY C 436 18.88 -8.69 15.58
N VAL C 437 19.53 -9.62 14.88
CA VAL C 437 20.76 -9.27 14.20
C VAL C 437 20.44 -8.45 12.95
N ASP C 438 21.40 -7.61 12.55
CA ASP C 438 21.30 -6.78 11.36
C ASP C 438 21.20 -7.67 10.12
N SER C 439 20.96 -7.03 8.97
CA SER C 439 20.87 -7.70 7.68
C SER C 439 22.10 -7.39 6.82
N VAL C 440 22.32 -8.20 5.78
CA VAL C 440 23.47 -8.03 4.89
C VAL C 440 23.33 -6.87 3.88
N MET D 1 -12.91 -34.01 50.14
CA MET D 1 -12.33 -35.01 51.04
C MET D 1 -11.12 -35.72 50.42
N ARG D 2 -9.96 -35.65 51.09
CA ARG D 2 -8.72 -36.33 50.64
C ARG D 2 -8.23 -37.11 51.85
N GLU D 3 -8.67 -38.36 51.96
CA GLU D 3 -8.51 -39.11 53.19
C GLU D 3 -7.17 -39.83 53.27
N ILE D 4 -6.46 -39.55 54.31
CA ILE D 4 -5.29 -40.33 54.69
C ILE D 4 -5.78 -41.41 55.63
N VAL D 5 -5.08 -42.53 55.63
CA VAL D 5 -5.42 -43.67 56.45
C VAL D 5 -4.25 -43.97 57.37
N HIS D 6 -4.52 -44.11 58.67
CA HIS D 6 -3.51 -44.17 59.72
C HIS D 6 -3.39 -45.60 60.26
N ILE D 7 -2.16 -46.05 60.43
CA ILE D 7 -1.84 -47.38 60.91
C ILE D 7 -0.80 -47.26 62.01
N GLN D 8 -1.02 -47.95 63.13
CA GLN D 8 -0.05 -48.03 64.21
C GLN D 8 0.28 -49.49 64.48
N ALA D 9 1.57 -49.77 64.64
CA ALA D 9 2.05 -51.14 64.78
C ALA D 9 2.96 -51.22 65.99
N GLY D 10 2.61 -52.13 66.92
CA GLY D 10 3.49 -52.48 68.01
C GLY D 10 3.47 -51.59 69.23
N GLN D 11 4.33 -51.95 70.19
CA GLN D 11 4.47 -51.17 71.42
C GLN D 11 4.68 -49.71 71.07
N CYS D 12 5.82 -49.42 70.43
CA CYS D 12 6.14 -48.05 70.05
C CYS D 12 5.05 -47.43 69.20
N GLY D 13 4.65 -48.15 68.16
CA GLY D 13 3.67 -47.60 67.23
C GLY D 13 2.44 -47.02 67.91
N ASN D 14 1.89 -47.76 68.89
CA ASN D 14 0.57 -47.39 69.40
C ASN D 14 0.59 -46.27 70.42
N GLN D 15 1.69 -46.08 71.15
CA GLN D 15 1.76 -44.96 72.08
C GLN D 15 1.85 -43.64 71.33
N ILE D 16 2.81 -43.52 70.41
CA ILE D 16 2.94 -42.30 69.64
C ILE D 16 1.69 -42.08 68.80
N GLY D 17 1.09 -43.17 68.30
CA GLY D 17 -0.18 -43.03 67.62
C GLY D 17 -1.24 -42.35 68.47
N ALA D 18 -1.37 -42.78 69.73
CA ALA D 18 -2.44 -42.23 70.56
C ALA D 18 -2.22 -40.76 70.87
N LYS D 19 -0.98 -40.37 71.18
CA LYS D 19 -0.72 -38.98 71.51
C LYS D 19 -0.96 -38.08 70.31
N PHE D 20 -0.53 -38.51 69.13
CA PHE D 20 -0.81 -37.75 67.90
C PHE D 20 -2.30 -37.49 67.74
N TRP D 21 -3.12 -38.52 67.97
CA TRP D 21 -4.57 -38.38 67.83
C TRP D 21 -5.18 -37.55 68.95
N GLU D 22 -4.59 -37.64 70.15
CA GLU D 22 -4.98 -36.76 71.24
C GLU D 22 -4.68 -35.30 70.87
N VAL D 23 -3.48 -35.04 70.33
CA VAL D 23 -3.02 -33.66 70.09
C VAL D 23 -3.79 -33.02 68.94
N ILE D 24 -3.91 -33.74 67.82
CA ILE D 24 -4.53 -33.11 66.67
C ILE D 24 -6.03 -33.04 66.85
N SER D 25 -6.61 -34.00 67.57
CA SER D 25 -8.04 -33.90 67.88
C SER D 25 -8.29 -32.66 68.73
N ASP D 26 -7.39 -32.38 69.68
CA ASP D 26 -7.50 -31.18 70.50
C ASP D 26 -7.29 -29.91 69.67
N GLU D 27 -6.41 -29.97 68.68
CA GLU D 27 -6.26 -28.82 67.82
C GLU D 27 -7.52 -28.58 67.01
N HIS D 28 -8.16 -29.66 66.54
CA HIS D 28 -9.37 -29.58 65.73
C HIS D 28 -10.64 -29.55 66.57
N GLY D 29 -10.52 -29.54 67.90
CA GLY D 29 -11.69 -29.42 68.74
C GLY D 29 -12.57 -30.64 68.64
N ILE D 30 -12.01 -31.80 68.99
CA ILE D 30 -12.73 -33.06 68.93
C ILE D 30 -12.47 -33.86 70.21
N ASP D 31 -13.54 -34.10 70.98
CA ASP D 31 -13.44 -34.75 72.28
C ASP D 31 -13.53 -36.26 72.15
N PRO D 32 -13.28 -36.99 73.22
CA PRO D 32 -13.28 -38.45 73.13
C PRO D 32 -14.60 -39.06 72.70
N THR D 33 -15.71 -38.34 72.76
CA THR D 33 -16.94 -38.93 72.25
C THR D 33 -17.07 -38.81 70.74
N GLY D 34 -16.15 -38.09 70.07
CA GLY D 34 -16.27 -37.86 68.65
C GLY D 34 -17.13 -36.66 68.27
N SER D 35 -17.47 -35.81 69.22
CA SER D 35 -18.23 -34.59 68.94
C SER D 35 -17.29 -33.39 68.87
N TYR D 36 -17.70 -32.38 68.12
CA TYR D 36 -16.90 -31.17 67.94
C TYR D 36 -17.47 -30.02 68.75
N HIS D 37 -16.71 -29.59 69.77
CA HIS D 37 -16.93 -28.35 70.51
C HIS D 37 -15.77 -27.43 70.13
N GLY D 38 -15.93 -26.70 69.03
CA GLY D 38 -14.82 -25.96 68.49
C GLY D 38 -14.93 -24.45 68.37
N ASP D 39 -13.78 -23.78 68.31
CA ASP D 39 -13.73 -22.32 68.17
C ASP D 39 -13.98 -21.90 66.73
N SER D 40 -13.06 -22.25 65.84
CA SER D 40 -13.13 -21.93 64.43
C SER D 40 -13.58 -23.15 63.62
N ASP D 41 -14.13 -22.88 62.43
CA ASP D 41 -14.37 -23.96 61.49
C ASP D 41 -13.21 -24.14 60.53
N LEU D 42 -12.20 -23.27 60.59
CA LEU D 42 -10.91 -23.62 60.02
C LEU D 42 -10.45 -24.97 60.55
N GLN D 43 -10.80 -25.29 61.79
CA GLN D 43 -10.49 -26.61 62.32
C GLN D 43 -11.21 -27.70 61.57
N LEU D 44 -12.34 -27.37 60.97
CA LEU D 44 -13.21 -28.36 60.35
C LEU D 44 -13.21 -28.27 58.85
N GLU D 45 -12.53 -27.29 58.26
CA GLU D 45 -12.59 -27.17 56.82
C GLU D 45 -12.03 -28.42 56.15
N ARG D 46 -10.94 -28.97 56.68
CA ARG D 46 -10.33 -30.17 56.11
C ARG D 46 -10.28 -31.30 57.12
N ILE D 47 -11.25 -31.32 58.04
CA ILE D 47 -11.30 -32.32 59.08
C ILE D 47 -11.53 -33.72 58.54
N ASN D 48 -12.07 -33.83 57.32
CA ASN D 48 -12.32 -35.12 56.70
C ASN D 48 -11.05 -35.82 56.21
N VAL D 49 -9.88 -35.17 56.26
CA VAL D 49 -8.64 -35.85 55.88
C VAL D 49 -8.35 -37.01 56.82
N TYR D 50 -8.39 -36.73 58.12
CA TYR D 50 -8.04 -37.70 59.14
C TYR D 50 -9.26 -38.27 59.83
N TYR D 51 -10.44 -37.72 59.56
CA TYR D 51 -11.63 -38.07 60.29
C TYR D 51 -12.73 -38.54 59.35
N ASN D 52 -13.38 -39.66 59.71
CA ASN D 52 -14.62 -40.09 59.08
C ASN D 52 -15.78 -39.37 59.76
N GLU D 53 -16.57 -38.64 58.99
CA GLU D 53 -17.72 -37.97 59.57
C GLU D 53 -18.77 -39.00 59.95
N ALA D 54 -19.41 -38.82 61.10
CA ALA D 54 -20.36 -39.81 61.59
C ALA D 54 -21.70 -39.16 61.88
N THR D 55 -22.73 -40.00 62.00
CA THR D 55 -24.09 -39.53 62.22
C THR D 55 -24.22 -38.88 63.61
N GLY D 56 -25.07 -37.87 63.68
CA GLY D 56 -25.10 -37.05 64.87
C GLY D 56 -23.89 -36.16 65.01
N ASN D 57 -23.19 -35.88 63.91
CA ASN D 57 -21.95 -35.13 63.95
C ASN D 57 -20.96 -35.81 64.90
N LYS D 58 -20.62 -37.05 64.57
CA LYS D 58 -19.48 -37.70 65.18
C LYS D 58 -18.33 -37.73 64.19
N TYR D 59 -17.12 -37.61 64.72
CA TYR D 59 -15.90 -37.70 63.94
C TYR D 59 -15.06 -38.85 64.50
N VAL D 60 -14.72 -39.80 63.64
CA VAL D 60 -13.98 -40.99 64.06
C VAL D 60 -12.63 -40.96 63.35
N PRO D 61 -11.53 -41.24 64.04
CA PRO D 61 -10.24 -41.31 63.35
C PRO D 61 -10.20 -42.46 62.34
N ARG D 62 -9.72 -42.15 61.13
CA ARG D 62 -9.47 -43.17 60.12
C ARG D 62 -8.17 -43.89 60.50
N ALA D 63 -8.27 -44.69 61.56
CA ALA D 63 -7.10 -45.23 62.25
C ALA D 63 -7.25 -46.72 62.51
N ILE D 64 -6.23 -47.49 62.15
CA ILE D 64 -6.17 -48.92 62.37
C ILE D 64 -5.05 -49.21 63.35
N LEU D 65 -5.39 -49.79 64.49
CA LEU D 65 -4.38 -50.12 65.50
C LEU D 65 -4.02 -51.60 65.38
N VAL D 66 -2.71 -51.88 65.25
CA VAL D 66 -2.21 -53.24 65.06
C VAL D 66 -1.15 -53.54 66.09
N ASP D 67 -1.12 -54.79 66.57
CA ASP D 67 -0.12 -55.24 67.54
C ASP D 67 -0.21 -56.75 67.70
N LEU D 68 0.92 -57.37 68.01
CA LEU D 68 1.01 -58.82 68.18
C LEU D 68 1.02 -59.25 69.65
N GLU D 69 0.38 -58.50 70.52
CA GLU D 69 0.20 -58.95 71.89
C GLU D 69 -0.79 -58.04 72.61
N PRO D 70 -1.78 -58.61 73.31
CA PRO D 70 -3.00 -57.83 73.61
C PRO D 70 -2.79 -56.60 74.48
N GLY D 71 -1.70 -56.53 75.24
CA GLY D 71 -1.62 -55.56 76.32
C GLY D 71 -1.64 -54.10 75.90
N THR D 72 -0.86 -53.74 74.87
CA THR D 72 -0.75 -52.33 74.53
C THR D 72 -2.06 -51.76 73.99
N MET D 73 -2.78 -52.54 73.18
CA MET D 73 -4.10 -52.11 72.74
C MET D 73 -4.96 -51.72 73.93
N ASP D 74 -4.84 -52.49 75.02
CA ASP D 74 -5.70 -52.28 76.19
C ASP D 74 -5.57 -50.86 76.71
N SER D 75 -4.34 -50.40 76.90
CA SER D 75 -4.09 -49.06 77.43
C SER D 75 -4.87 -48.01 76.65
N VAL D 76 -4.94 -48.14 75.33
CA VAL D 76 -5.58 -47.13 74.50
C VAL D 76 -6.99 -46.83 75.01
N ARG D 77 -7.88 -47.82 74.96
CA ARG D 77 -9.28 -47.55 75.22
C ARG D 77 -9.47 -46.92 76.58
N SER D 78 -8.90 -47.52 77.62
CA SER D 78 -8.95 -46.89 78.93
C SER D 78 -8.07 -45.66 79.02
N GLY D 79 -7.24 -45.41 78.01
CA GLY D 79 -6.47 -44.20 77.97
C GLY D 79 -7.28 -43.05 77.44
N PRO D 80 -6.71 -41.86 77.52
CA PRO D 80 -7.45 -40.67 77.07
C PRO D 80 -7.83 -40.85 75.60
N PHE D 81 -9.08 -40.54 75.29
CA PHE D 81 -9.58 -40.69 73.91
C PHE D 81 -9.56 -42.14 73.45
N GLY D 82 -9.85 -43.07 74.36
CA GLY D 82 -9.89 -44.45 73.93
C GLY D 82 -11.21 -44.80 73.28
N GLN D 83 -12.21 -43.98 73.49
CA GLN D 83 -13.54 -44.21 72.96
C GLN D 83 -13.79 -43.52 71.64
N ILE D 84 -12.92 -42.59 71.23
CA ILE D 84 -13.09 -41.97 69.93
C ILE D 84 -12.71 -42.92 68.82
N PHE D 85 -11.90 -43.93 69.12
CA PHE D 85 -11.46 -44.87 68.09
C PHE D 85 -12.55 -45.87 67.75
N ARG D 86 -12.74 -46.10 66.45
CA ARG D 86 -13.71 -47.10 66.00
C ARG D 86 -13.30 -48.48 66.53
N PRO D 87 -14.19 -49.19 67.23
CA PRO D 87 -13.79 -50.45 67.89
C PRO D 87 -13.31 -51.52 66.93
N ASP D 88 -13.88 -51.57 65.74
CA ASP D 88 -13.53 -52.61 64.77
C ASP D 88 -12.08 -52.52 64.32
N ASN D 89 -11.43 -51.37 64.48
CA ASN D 89 -10.10 -51.13 63.96
C ASN D 89 -8.99 -51.59 64.91
N PHE D 90 -9.34 -52.34 65.95
CA PHE D 90 -8.35 -52.86 66.91
C PHE D 90 -7.90 -54.28 66.56
N VAL D 91 -7.07 -54.40 65.54
CA VAL D 91 -6.50 -55.71 65.19
C VAL D 91 -5.27 -55.98 66.04
N PHE D 92 -5.23 -57.13 66.70
CA PHE D 92 -4.13 -57.43 67.62
C PHE D 92 -4.02 -58.94 67.80
N GLY D 93 -2.83 -59.38 68.23
CA GLY D 93 -2.54 -60.79 68.46
C GLY D 93 -2.11 -61.23 69.85
N GLN D 94 -1.51 -62.42 69.93
CA GLN D 94 -1.15 -63.02 71.21
C GLN D 94 0.29 -63.51 71.23
N GLY D 98 7.52 -61.15 68.80
CA GLY D 98 8.46 -61.54 69.84
C GLY D 98 9.79 -60.81 69.79
N ASN D 99 9.74 -59.48 69.73
CA ASN D 99 10.90 -58.61 69.68
C ASN D 99 11.95 -59.16 68.70
N ASN D 100 11.47 -59.89 67.69
CA ASN D 100 12.29 -60.53 66.67
C ASN D 100 11.77 -60.06 65.33
N TRP D 101 12.66 -59.54 64.48
CA TRP D 101 12.19 -59.08 63.18
C TRP D 101 11.52 -60.23 62.42
N ALA D 102 12.23 -61.36 62.28
CA ALA D 102 11.70 -62.45 61.47
C ALA D 102 10.35 -62.90 61.99
N LYS D 103 10.18 -62.94 63.31
CA LYS D 103 8.90 -63.30 63.89
C LYS D 103 7.80 -62.40 63.36
N GLY D 104 8.02 -61.09 63.35
CA GLY D 104 6.96 -60.19 62.97
C GLY D 104 6.75 -60.11 61.47
N HIS D 105 7.80 -60.33 60.69
CA HIS D 105 7.69 -60.16 59.24
C HIS D 105 7.38 -61.45 58.50
N TYR D 106 8.05 -62.54 58.85
CA TYR D 106 7.97 -63.74 58.03
C TYR D 106 7.04 -64.79 58.59
N THR D 107 7.06 -65.04 59.90
CA THR D 107 6.25 -66.14 60.40
C THR D 107 5.06 -65.66 61.22
N GLU D 108 5.30 -65.00 62.36
CA GLU D 108 4.18 -64.72 63.23
C GLU D 108 3.37 -63.51 62.77
N GLY D 109 4.05 -62.40 62.46
CA GLY D 109 3.32 -61.26 61.93
C GLY D 109 2.58 -61.60 60.66
N ALA D 110 3.18 -62.47 59.83
CA ALA D 110 2.56 -62.90 58.58
C ALA D 110 1.21 -63.57 58.83
N GLU D 111 1.12 -64.38 59.89
CA GLU D 111 -0.10 -65.12 60.16
C GLU D 111 -1.32 -64.20 60.17
N LEU D 112 -1.23 -63.06 60.85
CA LEU D 112 -2.39 -62.19 61.03
C LEU D 112 -2.32 -60.94 60.17
N VAL D 113 -1.41 -60.88 59.21
CA VAL D 113 -1.34 -59.72 58.32
C VAL D 113 -2.55 -59.72 57.40
N ASP D 114 -2.93 -60.91 56.92
CA ASP D 114 -4.10 -61.04 56.06
C ASP D 114 -5.33 -60.50 56.78
N SER D 115 -5.29 -60.53 58.11
CA SER D 115 -6.36 -60.07 59.00
C SER D 115 -6.37 -58.54 59.18
N VAL D 116 -5.19 -57.91 59.23
CA VAL D 116 -5.08 -56.45 59.27
C VAL D 116 -5.46 -55.86 57.94
N LEU D 117 -4.99 -56.47 56.85
CA LEU D 117 -5.30 -55.96 55.54
C LEU D 117 -6.80 -55.76 55.39
N ASP D 118 -7.60 -56.66 55.94
CA ASP D 118 -9.03 -56.57 55.73
C ASP D 118 -9.61 -55.32 56.38
N VAL D 119 -9.10 -54.94 57.56
CA VAL D 119 -9.56 -53.70 58.18
C VAL D 119 -9.24 -52.50 57.29
N VAL D 120 -8.00 -52.44 56.82
CA VAL D 120 -7.53 -51.40 55.92
C VAL D 120 -8.55 -51.17 54.81
N ARG D 121 -9.01 -52.25 54.16
CA ARG D 121 -9.92 -52.11 53.01
C ARG D 121 -11.19 -51.36 53.40
N LYS D 122 -11.82 -51.75 54.50
CA LYS D 122 -13.08 -51.14 54.92
C LYS D 122 -12.94 -49.62 55.00
N GLU D 123 -11.87 -49.14 55.65
CA GLU D 123 -11.66 -47.70 55.78
C GLU D 123 -11.34 -47.07 54.44
N SER D 124 -10.64 -47.80 53.57
CA SER D 124 -10.26 -47.30 52.26
C SER D 124 -11.46 -47.18 51.32
N GLU D 125 -12.34 -48.19 51.29
CA GLU D 125 -13.47 -48.21 50.36
C GLU D 125 -14.41 -47.04 50.57
N SER D 126 -14.62 -46.62 51.81
CA SER D 126 -15.59 -45.58 52.13
C SER D 126 -14.95 -44.22 52.38
N CYS D 127 -13.77 -43.97 51.80
CA CYS D 127 -13.20 -42.63 51.74
C CYS D 127 -13.12 -42.26 50.27
N ASP D 128 -13.57 -41.04 49.95
CA ASP D 128 -13.82 -40.69 48.56
C ASP D 128 -12.56 -40.62 47.71
N CYS D 129 -11.49 -39.99 48.22
CA CYS D 129 -10.26 -39.82 47.44
C CYS D 129 -9.08 -40.07 48.38
N LEU D 130 -8.70 -41.33 48.46
CA LEU D 130 -7.63 -41.79 49.34
C LEU D 130 -6.26 -41.19 48.96
N GLN D 131 -5.64 -40.45 49.89
CA GLN D 131 -4.28 -39.97 49.68
C GLN D 131 -3.28 -41.12 49.69
N GLY D 132 -3.29 -41.90 50.74
CA GLY D 132 -2.27 -42.88 50.98
C GLY D 132 -2.33 -43.32 52.42
N PHE D 133 -1.20 -43.85 52.88
CA PHE D 133 -1.14 -44.41 54.22
C PHE D 133 0.04 -43.81 54.96
N GLN D 134 -0.18 -43.50 56.23
CA GLN D 134 0.84 -43.01 57.13
C GLN D 134 0.89 -43.97 58.31
N LEU D 135 2.06 -44.58 58.54
CA LEU D 135 2.24 -45.57 59.59
C LEU D 135 3.14 -45.01 60.68
N THR D 136 2.78 -45.27 61.93
CA THR D 136 3.64 -45.00 63.07
C THR D 136 4.18 -46.33 63.58
N HIS D 137 5.44 -46.34 64.02
CA HIS D 137 6.06 -47.58 64.47
C HIS D 137 7.52 -47.33 64.87
N SER D 138 8.11 -48.34 65.50
CA SER D 138 9.53 -48.35 65.84
C SER D 138 10.30 -49.34 64.98
N LEU D 139 11.57 -49.03 64.73
CA LEU D 139 12.37 -49.91 63.89
C LEU D 139 13.16 -50.94 64.71
N GLY D 140 13.14 -50.84 66.04
CA GLY D 140 13.84 -51.78 66.89
C GLY D 140 12.99 -52.76 67.68
N GLY D 141 11.69 -52.83 67.44
CA GLY D 141 10.83 -53.76 68.13
C GLY D 141 10.69 -55.03 67.35
N GLY D 142 9.54 -55.69 67.51
CA GLY D 142 9.32 -56.83 66.67
C GLY D 142 8.09 -56.70 65.80
N THR D 143 7.03 -56.08 66.35
CA THR D 143 5.80 -56.03 65.58
C THR D 143 5.80 -54.88 64.61
N GLY D 144 6.05 -53.65 65.10
CA GLY D 144 6.11 -52.51 64.21
C GLY D 144 7.27 -52.60 63.24
N SER D 145 8.45 -52.96 63.74
CA SER D 145 9.59 -53.14 62.88
C SER D 145 9.28 -54.20 61.82
N GLY D 146 8.81 -55.36 62.25
CA GLY D 146 8.64 -56.49 61.35
C GLY D 146 7.29 -56.59 60.65
N MET D 147 6.20 -56.59 61.43
CA MET D 147 4.89 -56.64 60.80
C MET D 147 4.60 -55.38 60.01
N GLY D 148 5.14 -54.25 60.47
CA GLY D 148 4.93 -52.99 59.77
C GLY D 148 5.48 -53.02 58.35
N THR D 149 6.74 -53.45 58.19
CA THR D 149 7.36 -53.46 56.87
C THR D 149 6.69 -54.47 55.95
N LEU D 150 6.17 -55.58 56.52
CA LEU D 150 5.33 -56.52 55.76
C LEU D 150 3.98 -55.90 55.41
N LEU D 151 3.32 -55.22 56.37
CA LEU D 151 2.07 -54.53 56.08
C LEU D 151 2.25 -53.49 54.97
N ILE D 152 3.39 -52.79 54.99
CA ILE D 152 3.71 -51.88 53.90
C ILE D 152 3.69 -52.63 52.59
N SER D 153 4.38 -53.76 52.53
CA SER D 153 4.46 -54.51 51.28
C SER D 153 3.08 -54.99 50.83
N LYS D 154 2.24 -55.42 51.78
CA LYS D 154 0.90 -55.86 51.41
C LYS D 154 0.05 -54.68 50.93
N ILE D 155 0.17 -53.54 51.61
CA ILE D 155 -0.62 -52.37 51.25
C ILE D 155 -0.16 -51.81 49.92
N ARG D 156 1.14 -51.70 49.72
CA ARG D 156 1.66 -51.18 48.45
C ARG D 156 1.36 -52.12 47.29
N GLU D 157 1.16 -53.41 47.57
CA GLU D 157 0.80 -54.36 46.52
C GLU D 157 -0.63 -54.16 46.05
N GLU D 158 -1.53 -53.88 46.98
CA GLU D 158 -2.94 -53.65 46.67
C GLU D 158 -3.21 -52.20 46.26
N TYR D 159 -2.38 -51.27 46.73
CA TYR D 159 -2.51 -49.86 46.39
C TYR D 159 -1.20 -49.33 45.84
N PRO D 160 -0.75 -49.85 44.70
CA PRO D 160 0.56 -49.43 44.16
C PRO D 160 0.59 -47.98 43.80
N ASP D 161 -0.57 -47.33 43.72
CA ASP D 161 -0.70 -45.96 43.23
C ASP D 161 -1.04 -44.95 44.32
N ARG D 162 -0.95 -45.34 45.59
CA ARG D 162 -1.18 -44.43 46.69
C ARG D 162 0.14 -44.16 47.42
N ILE D 163 0.21 -43.04 48.11
CA ILE D 163 1.45 -42.65 48.78
C ILE D 163 1.58 -43.43 50.08
N MET D 164 2.80 -43.80 50.45
CA MET D 164 3.04 -44.63 51.64
C MET D 164 4.07 -43.96 52.57
N ASN D 165 3.57 -43.39 53.66
CA ASN D 165 4.32 -42.49 54.54
C ASN D 165 4.44 -43.12 55.92
N THR D 166 5.65 -43.09 56.50
CA THR D 166 5.87 -43.74 57.79
C THR D 166 6.66 -42.84 58.71
N PHE D 167 6.40 -43.00 60.03
CA PHE D 167 7.13 -42.38 61.15
C PHE D 167 7.89 -43.53 61.79
N SER D 168 9.15 -43.69 61.44
CA SER D 168 9.94 -44.80 61.93
C SER D 168 10.83 -44.29 63.03
N VAL D 169 10.88 -45.01 64.14
CA VAL D 169 11.62 -44.61 65.34
C VAL D 169 12.88 -45.47 65.42
N MET D 170 14.03 -44.88 65.09
CA MET D 170 15.27 -45.62 65.07
C MET D 170 15.62 -46.07 66.49
N PRO D 171 16.16 -47.26 66.65
CA PRO D 171 16.63 -47.68 67.97
C PRO D 171 17.97 -47.06 68.31
N SER D 172 18.13 -46.70 69.57
CA SER D 172 19.42 -46.23 70.06
C SER D 172 19.67 -46.88 71.41
N PRO D 173 20.91 -47.32 71.67
CA PRO D 173 21.21 -47.91 72.98
C PRO D 173 20.97 -46.97 74.14
N LYS D 174 20.91 -45.67 73.90
CA LYS D 174 20.66 -44.71 74.99
C LYS D 174 19.23 -44.75 75.49
N VAL D 175 18.32 -45.48 74.84
CA VAL D 175 16.93 -45.56 75.30
C VAL D 175 16.51 -47.00 75.55
N SER D 176 17.05 -47.95 74.79
CA SER D 176 16.67 -49.34 74.91
C SER D 176 17.96 -50.16 74.90
N ASP D 177 17.82 -51.46 75.15
CA ASP D 177 19.02 -52.28 75.35
C ASP D 177 19.06 -53.57 74.54
N THR D 178 17.94 -54.10 74.09
CA THR D 178 18.00 -55.42 73.47
C THR D 178 19.03 -55.40 72.36
N VAL D 179 19.91 -56.40 72.38
CA VAL D 179 21.06 -56.42 71.46
C VAL D 179 20.65 -56.68 70.02
N VAL D 180 19.42 -57.12 69.78
CA VAL D 180 18.96 -57.37 68.41
C VAL D 180 18.55 -56.10 67.68
N GLU D 181 18.54 -54.96 68.35
CA GLU D 181 17.99 -53.76 67.72
C GLU D 181 18.73 -53.36 66.45
N PRO D 182 20.05 -53.33 66.40
CA PRO D 182 20.73 -53.00 65.13
C PRO D 182 20.41 -54.01 64.03
N TYR D 183 20.00 -55.23 64.42
CA TYR D 183 19.47 -56.21 63.49
C TYR D 183 18.03 -55.87 63.07
N ASN D 184 17.19 -55.48 64.04
CA ASN D 184 15.81 -55.19 63.71
C ASN D 184 15.69 -53.91 62.90
N ALA D 185 16.41 -52.86 63.30
CA ALA D 185 16.33 -51.60 62.57
C ALA D 185 16.82 -51.75 61.13
N THR D 186 17.96 -52.43 60.93
CA THR D 186 18.50 -52.52 59.58
C THR D 186 17.58 -53.35 58.68
N LEU D 187 17.03 -54.45 59.18
CA LEU D 187 16.13 -55.26 58.35
C LEU D 187 14.90 -54.46 57.96
N SER D 188 14.41 -53.61 58.87
CA SER D 188 13.27 -52.76 58.54
C SER D 188 13.67 -51.67 57.55
N VAL D 189 14.80 -50.98 57.80
CA VAL D 189 15.23 -49.88 56.96
C VAL D 189 15.42 -50.34 55.51
N HIS D 190 15.83 -51.60 55.32
CA HIS D 190 15.96 -52.14 53.97
C HIS D 190 14.60 -52.18 53.26
N GLN D 191 13.55 -52.59 53.98
CA GLN D 191 12.19 -52.51 53.43
C GLN D 191 11.78 -51.06 53.20
N LEU D 192 12.07 -50.16 54.14
CA LEU D 192 11.59 -48.79 54.00
C LEU D 192 12.15 -48.12 52.76
N VAL D 193 13.43 -48.40 52.43
CA VAL D 193 14.00 -47.84 51.21
C VAL D 193 13.17 -48.25 49.99
N GLU D 194 12.77 -49.51 49.92
CA GLU D 194 12.14 -50.03 48.71
C GLU D 194 10.65 -49.73 48.59
N ASN D 195 9.87 -49.61 49.67
CA ASN D 195 8.46 -49.39 49.36
C ASN D 195 7.75 -48.35 50.26
N THR D 196 8.45 -47.31 50.71
CA THR D 196 7.76 -46.13 51.20
C THR D 196 8.18 -44.91 50.38
N ASP D 197 7.21 -44.03 50.16
CA ASP D 197 7.40 -42.79 49.45
C ASP D 197 8.06 -41.72 50.31
N GLU D 198 7.89 -41.76 51.62
CA GLU D 198 8.49 -40.75 52.49
C GLU D 198 8.56 -41.30 53.91
N THR D 199 9.71 -41.13 54.58
CA THR D 199 9.88 -41.61 55.95
C THR D 199 10.45 -40.52 56.84
N TYR D 200 9.78 -40.24 57.95
CA TYR D 200 10.29 -39.33 58.96
C TYR D 200 11.19 -40.11 59.91
N CYS D 201 12.49 -39.87 59.85
CA CYS D 201 13.44 -40.52 60.74
C CYS D 201 13.27 -39.98 62.15
N ILE D 202 12.52 -40.70 62.98
CA ILE D 202 12.34 -40.32 64.38
C ILE D 202 13.41 -41.05 65.18
N ASP D 203 14.51 -40.37 65.50
CA ASP D 203 15.62 -41.06 66.15
C ASP D 203 15.47 -41.02 67.68
N ASN D 204 15.54 -42.20 68.32
CA ASN D 204 15.41 -42.20 69.78
C ASN D 204 16.65 -41.63 70.45
N GLU D 205 17.83 -41.75 69.81
CA GLU D 205 19.03 -41.14 70.36
C GLU D 205 18.89 -39.62 70.46
N ALA D 206 18.34 -39.00 69.41
CA ALA D 206 18.10 -37.57 69.44
C ALA D 206 17.06 -37.21 70.49
N LEU D 207 15.94 -37.93 70.51
CA LEU D 207 14.93 -37.66 71.54
C LEU D 207 15.56 -37.71 72.92
N TYR D 208 16.41 -38.72 73.16
CA TYR D 208 17.06 -38.84 74.46
C TYR D 208 17.96 -37.64 74.75
N ASP D 209 18.87 -37.32 73.83
CA ASP D 209 19.76 -36.18 74.03
C ASP D 209 19.00 -34.87 74.17
N ILE D 210 17.92 -34.70 73.42
CA ILE D 210 17.14 -33.46 73.55
C ILE D 210 16.60 -33.32 74.97
N CYS D 211 15.97 -34.38 75.46
CA CYS D 211 15.40 -34.34 76.81
C CYS D 211 16.47 -34.11 77.86
N PHE D 212 17.53 -34.93 77.81
CA PHE D 212 18.54 -34.95 78.87
C PHE D 212 19.15 -33.58 79.08
N ARG D 213 19.63 -32.96 78.01
CA ARG D 213 20.36 -31.72 78.11
C ARG D 213 19.46 -30.50 77.99
N THR D 214 18.81 -30.32 76.84
CA THR D 214 18.01 -29.12 76.67
C THR D 214 16.82 -29.10 77.63
N LEU D 215 16.01 -30.17 77.63
CA LEU D 215 14.92 -30.26 78.59
C LEU D 215 15.38 -30.67 79.98
N LYS D 216 16.67 -30.96 80.15
CA LYS D 216 17.27 -31.35 81.44
C LYS D 216 16.43 -32.37 82.22
N LEU D 217 16.21 -33.50 81.58
CA LEU D 217 15.63 -34.66 82.26
C LEU D 217 16.76 -35.67 82.38
N THR D 218 17.17 -35.94 83.62
CA THR D 218 18.35 -36.77 83.84
C THR D 218 18.04 -38.23 83.55
N THR D 219 16.90 -38.69 84.04
CA THR D 219 16.45 -40.05 83.76
C THR D 219 15.19 -39.87 82.95
N PRO D 220 15.34 -39.53 81.66
CA PRO D 220 14.17 -39.14 80.84
C PRO D 220 13.40 -40.38 80.44
N THR D 221 12.10 -40.36 80.67
CA THR D 221 11.27 -41.52 80.44
C THR D 221 10.74 -41.54 79.01
N TYR D 222 10.07 -42.63 78.66
CA TYR D 222 9.25 -42.62 77.45
C TYR D 222 8.12 -41.61 77.54
N GLY D 223 7.81 -41.11 78.74
CA GLY D 223 6.86 -40.01 78.84
C GLY D 223 7.33 -38.73 78.16
N ASP D 224 8.57 -38.30 78.45
CA ASP D 224 9.03 -37.03 77.92
C ASP D 224 9.58 -37.15 76.50
N LEU D 225 10.07 -38.34 76.13
CA LEU D 225 10.49 -38.57 74.75
C LEU D 225 9.32 -38.44 73.80
N ASN D 226 8.20 -39.06 74.13
CA ASN D 226 7.03 -39.02 73.26
C ASN D 226 6.33 -37.67 73.29
N HIS D 227 6.61 -36.85 74.32
CA HIS D 227 6.19 -35.46 74.30
C HIS D 227 6.74 -34.75 73.07
N LEU D 228 8.06 -34.85 72.87
CA LEU D 228 8.69 -34.23 71.70
C LEU D 228 8.11 -34.77 70.40
N VAL D 229 7.80 -36.07 70.35
CA VAL D 229 7.40 -36.71 69.10
C VAL D 229 6.05 -36.20 68.62
N SER D 230 5.12 -35.94 69.55
CA SER D 230 3.86 -35.34 69.13
C SER D 230 4.05 -33.89 68.68
N ALA D 231 4.98 -33.16 69.30
CA ALA D 231 5.25 -31.80 68.87
C ALA D 231 5.71 -31.79 67.43
N THR D 232 6.58 -32.72 67.06
CA THR D 232 6.99 -32.87 65.66
C THR D 232 5.83 -33.33 64.77
N MET D 233 5.14 -34.40 65.15
CA MET D 233 4.10 -34.97 64.30
C MET D 233 2.90 -34.03 64.15
N SER D 234 2.57 -33.28 65.20
CA SER D 234 1.57 -32.23 65.06
C SER D 234 2.06 -31.13 64.14
N GLY D 235 3.38 -30.89 64.15
CA GLY D 235 3.97 -29.86 63.29
C GLY D 235 3.97 -30.23 61.81
N VAL D 236 4.53 -31.39 61.46
CA VAL D 236 4.76 -31.70 60.05
C VAL D 236 3.44 -31.91 59.30
N THR D 237 2.41 -32.45 59.96
CA THR D 237 1.10 -32.66 59.33
C THR D 237 0.28 -31.38 59.20
N THR D 238 0.78 -30.24 59.71
CA THR D 238 -0.01 -29.01 59.75
C THR D 238 -0.60 -28.72 58.38
N CYS D 239 0.24 -28.79 57.33
CA CYS D 239 -0.19 -28.42 55.98
C CYS D 239 -1.21 -29.38 55.39
N LEU D 240 -1.26 -30.62 55.87
CA LEU D 240 -2.29 -31.57 55.43
C LEU D 240 -3.64 -31.28 56.08
N ARG D 241 -3.63 -30.89 57.36
CA ARG D 241 -4.84 -30.75 58.16
C ARG D 241 -5.45 -29.36 58.09
N PHE D 242 -4.65 -28.33 57.97
CA PHE D 242 -5.30 -27.04 57.98
C PHE D 242 -5.33 -26.46 56.57
N PRO D 243 -6.32 -25.61 56.27
CA PRO D 243 -6.35 -24.97 54.94
C PRO D 243 -5.29 -23.88 54.89
N GLY D 244 -4.81 -23.62 53.68
CA GLY D 244 -3.73 -22.65 53.52
C GLY D 244 -3.30 -22.53 52.06
N GLN D 245 -2.19 -21.83 51.85
CA GLN D 245 -1.74 -21.56 50.49
C GLN D 245 -1.54 -22.86 49.72
N LEU D 246 -0.77 -23.78 50.29
CA LEU D 246 -0.50 -25.04 49.63
C LEU D 246 -1.66 -26.01 49.86
N ASN D 247 -2.20 -26.56 48.75
CA ASN D 247 -3.21 -27.62 48.83
C ASN D 247 -2.51 -28.92 49.23
N ALA D 248 -1.84 -28.87 50.38
CA ALA D 248 -0.81 -29.86 50.65
C ALA D 248 -1.44 -31.22 50.89
N ASP D 249 -0.87 -32.22 50.24
CA ASP D 249 -1.24 -33.62 50.36
C ASP D 249 0.01 -34.47 50.27
N LEU D 250 -0.09 -35.73 50.70
CA LEU D 250 1.09 -36.58 50.83
C LEU D 250 1.91 -36.64 49.53
N ARG D 251 1.25 -36.72 48.37
CA ARG D 251 1.98 -36.77 47.10
C ARG D 251 2.66 -35.44 46.77
N LYS D 252 2.03 -34.32 47.11
CA LYS D 252 2.72 -33.06 46.90
C LYS D 252 3.99 -32.96 47.75
N LEU D 253 3.88 -33.26 49.04
CA LEU D 253 5.05 -33.26 49.90
C LEU D 253 6.10 -34.24 49.40
N ALA D 254 5.66 -35.43 48.99
CA ALA D 254 6.56 -36.43 48.44
C ALA D 254 7.30 -35.89 47.21
N VAL D 255 6.56 -35.25 46.28
CA VAL D 255 7.15 -34.75 45.03
C VAL D 255 8.17 -33.62 45.28
N ASN D 256 7.77 -32.55 45.97
CA ASN D 256 8.70 -31.44 46.13
C ASN D 256 9.92 -31.82 46.98
N MET D 257 9.79 -32.88 47.79
CA MET D 257 10.80 -33.26 48.76
C MET D 257 11.74 -34.37 48.28
N VAL D 258 11.31 -35.26 47.39
CA VAL D 258 12.19 -36.38 47.04
C VAL D 258 12.81 -36.15 45.66
N PRO D 259 13.99 -35.55 45.60
CA PRO D 259 14.72 -35.45 44.34
C PRO D 259 15.07 -36.82 43.75
N PHE D 260 15.38 -37.78 44.60
CA PHE D 260 15.70 -39.12 44.12
C PHE D 260 14.95 -40.14 44.96
N PRO D 261 14.38 -41.17 44.35
CA PRO D 261 13.39 -41.98 45.08
C PRO D 261 13.95 -42.64 46.35
N ARG D 262 15.20 -43.10 46.33
CA ARG D 262 15.73 -43.76 47.51
C ARG D 262 15.98 -42.78 48.64
N LEU D 263 16.23 -41.51 48.34
CA LEU D 263 16.63 -40.54 49.36
C LEU D 263 15.42 -39.83 49.94
N HIS D 264 14.54 -40.61 50.58
CA HIS D 264 13.25 -40.15 51.07
C HIS D 264 13.17 -40.25 52.59
N PHE D 265 14.29 -40.01 53.29
CA PHE D 265 14.34 -40.03 54.75
C PHE D 265 14.61 -38.62 55.25
N PHE D 266 13.73 -38.11 56.09
CA PHE D 266 13.76 -36.72 56.52
C PHE D 266 14.21 -36.60 57.97
N MET D 267 14.95 -35.54 58.24
CA MET D 267 15.40 -35.08 59.54
C MET D 267 14.47 -33.99 60.03
N PRO D 268 13.50 -34.28 60.91
CA PRO D 268 12.59 -33.23 61.37
C PRO D 268 13.17 -32.37 62.48
N GLY D 269 12.69 -31.13 62.56
CA GLY D 269 13.06 -30.22 63.62
C GLY D 269 11.87 -29.53 64.24
N PHE D 270 12.05 -29.10 65.49
CA PHE D 270 11.00 -28.37 66.20
C PHE D 270 11.61 -27.29 67.09
N ALA D 271 10.92 -26.16 67.20
CA ALA D 271 11.33 -25.07 68.10
C ALA D 271 10.12 -24.20 68.40
N PRO D 272 10.05 -23.64 69.61
CA PRO D 272 11.01 -23.74 70.71
C PRO D 272 10.87 -25.05 71.43
N LEU D 273 11.93 -25.63 72.00
CA LEU D 273 11.75 -26.82 72.85
C LEU D 273 11.39 -26.44 74.29
N LEU D 284 8.59 -15.86 72.11
CA LEU D 284 9.72 -16.04 71.19
C LEU D 284 9.70 -15.02 70.04
N THR D 285 10.86 -14.80 69.42
CA THR D 285 10.99 -13.91 68.27
C THR D 285 11.31 -14.67 66.99
N VAL D 286 10.63 -14.34 65.89
CA VAL D 286 10.79 -15.07 64.63
C VAL D 286 12.25 -15.28 64.24
N PRO D 287 13.13 -14.26 64.34
CA PRO D 287 14.56 -14.55 64.13
C PRO D 287 15.11 -15.59 65.08
N GLU D 288 14.60 -15.62 66.30
CA GLU D 288 14.99 -16.66 67.25
C GLU D 288 14.50 -18.03 66.76
N LEU D 289 13.22 -18.12 66.40
CA LEU D 289 12.68 -19.39 65.94
C LEU D 289 13.50 -19.99 64.80
N THR D 290 13.77 -19.16 63.78
CA THR D 290 14.42 -19.65 62.58
C THR D 290 15.81 -20.22 62.89
N GLN D 291 16.57 -19.49 63.71
CA GLN D 291 17.89 -19.96 64.11
C GLN D 291 17.77 -21.29 64.82
N GLN D 292 16.85 -21.38 65.78
CA GLN D 292 16.67 -22.61 66.54
C GLN D 292 16.27 -23.77 65.63
N MET D 293 15.39 -23.50 64.67
CA MET D 293 14.87 -24.54 63.79
C MET D 293 15.96 -25.11 62.89
N PHE D 294 16.81 -24.25 62.33
CA PHE D 294 17.93 -24.71 61.53
C PHE D 294 19.12 -25.11 62.39
N ASP D 295 18.94 -25.10 63.71
CA ASP D 295 19.99 -25.41 64.68
C ASP D 295 20.00 -26.90 64.98
N SER D 296 21.20 -27.49 64.98
CA SER D 296 21.34 -28.92 65.22
C SER D 296 20.67 -29.36 66.51
N LYS D 297 20.67 -28.48 67.53
CA LYS D 297 20.12 -28.83 68.83
C LYS D 297 18.59 -28.99 68.85
N ASN D 298 17.88 -28.47 67.84
CA ASN D 298 16.43 -28.62 67.75
C ASN D 298 16.01 -29.68 66.76
N MET D 299 16.95 -30.53 66.34
CA MET D 299 16.68 -31.54 65.33
C MET D 299 16.25 -32.84 65.99
N MET D 300 15.15 -33.43 65.51
CA MET D 300 14.68 -34.71 66.03
C MET D 300 15.38 -35.90 65.39
N ALA D 301 16.58 -35.71 64.87
CA ALA D 301 17.39 -36.79 64.32
C ALA D 301 18.84 -36.52 64.72
N ALA D 302 19.58 -37.59 64.98
CA ALA D 302 20.91 -37.41 65.56
C ALA D 302 21.94 -36.95 64.54
N CYS D 303 21.59 -35.97 63.72
CA CYS D 303 22.45 -35.46 62.66
C CYS D 303 22.59 -33.95 62.76
N ASP D 304 23.84 -33.47 62.71
CA ASP D 304 24.09 -32.03 62.54
C ASP D 304 24.03 -31.66 61.06
N PRO D 305 23.16 -30.74 60.65
CA PRO D 305 23.06 -30.45 59.22
C PRO D 305 24.36 -29.91 58.68
N ARG D 306 25.14 -29.20 59.49
CA ARG D 306 26.35 -28.53 59.00
C ARG D 306 27.46 -29.49 58.65
N HIS D 307 27.20 -30.81 58.68
CA HIS D 307 28.10 -31.82 58.17
C HIS D 307 27.63 -32.37 56.84
N GLY D 308 26.77 -31.64 56.16
CA GLY D 308 26.14 -32.16 54.96
C GLY D 308 25.46 -31.05 54.22
N ARG D 309 24.67 -31.43 53.23
CA ARG D 309 24.00 -30.43 52.42
C ARG D 309 22.50 -30.71 52.39
N TYR D 310 21.74 -29.61 52.32
CA TYR D 310 20.29 -29.69 52.19
C TYR D 310 19.90 -29.88 50.73
N LEU D 311 19.29 -31.02 50.44
CA LEU D 311 18.62 -31.16 49.15
C LEU D 311 17.33 -30.32 49.13
N THR D 312 16.44 -30.56 50.09
CA THR D 312 15.14 -29.90 50.16
C THR D 312 14.75 -29.67 51.61
N VAL D 313 13.79 -28.77 51.82
CA VAL D 313 13.41 -28.36 53.15
C VAL D 313 11.99 -27.82 53.13
N ALA D 314 11.20 -28.20 54.13
CA ALA D 314 9.89 -27.63 54.40
C ALA D 314 9.92 -26.96 55.77
N ALA D 315 9.36 -25.76 55.85
CA ALA D 315 9.32 -24.99 57.08
C ALA D 315 7.87 -24.61 57.35
N ILE D 316 7.43 -24.81 58.59
CA ILE D 316 6.06 -24.49 58.99
C ILE D 316 6.11 -23.61 60.22
N PHE D 317 5.62 -22.38 60.08
CA PHE D 317 5.55 -21.41 61.16
C PHE D 317 4.11 -21.34 61.63
N ARG D 318 3.90 -21.64 62.91
CA ARG D 318 2.58 -21.61 63.51
C ARG D 318 2.54 -20.51 64.59
N GLY D 319 1.49 -19.71 64.55
CA GLY D 319 1.36 -18.56 65.41
C GLY D 319 0.93 -17.36 64.61
N ARG D 320 0.76 -16.25 65.32
CA ARG D 320 0.39 -14.98 64.73
C ARG D 320 1.66 -14.15 64.77
N MET D 321 2.25 -13.93 63.61
CA MET D 321 3.57 -13.32 63.47
C MET D 321 3.59 -12.61 62.13
N SER D 322 4.49 -11.65 61.98
CA SER D 322 4.54 -10.91 60.72
C SER D 322 4.95 -11.86 59.61
N MET D 323 3.99 -12.25 58.78
CA MET D 323 4.30 -13.14 57.68
C MET D 323 5.30 -12.55 56.69
N LYS D 324 5.27 -11.23 56.49
CA LYS D 324 6.37 -10.56 55.79
C LYS D 324 7.70 -10.80 56.50
N GLU D 325 7.72 -10.62 57.83
CA GLU D 325 8.97 -10.76 58.57
C GLU D 325 9.55 -12.17 58.41
N VAL D 326 8.69 -13.18 58.38
CA VAL D 326 9.15 -14.55 58.11
C VAL D 326 9.75 -14.65 56.72
N ASP D 327 9.10 -14.04 55.72
CA ASP D 327 9.65 -14.04 54.37
C ASP D 327 11.11 -13.61 54.38
N GLU D 328 11.41 -12.53 55.09
CA GLU D 328 12.78 -12.06 55.22
C GLU D 328 13.65 -13.05 56.01
N GLN D 329 13.19 -13.46 57.19
CA GLN D 329 14.04 -14.25 58.08
C GLN D 329 14.45 -15.57 57.44
N MET D 330 13.53 -16.21 56.70
CA MET D 330 13.86 -17.44 55.97
C MET D 330 14.87 -17.19 54.86
N LEU D 331 14.80 -16.02 54.21
CA LEU D 331 15.82 -15.62 53.24
C LEU D 331 17.20 -15.54 53.88
N ASN D 332 17.30 -14.87 55.03
CA ASN D 332 18.63 -14.66 55.61
C ASN D 332 19.30 -16.00 55.91
N VAL D 333 18.57 -16.95 56.51
CA VAL D 333 19.20 -18.21 56.92
C VAL D 333 19.77 -18.95 55.71
N GLN D 334 19.07 -18.91 54.57
CA GLN D 334 19.59 -19.55 53.36
C GLN D 334 20.81 -18.82 52.84
N ASN D 335 20.79 -17.49 52.85
CA ASN D 335 21.94 -16.74 52.34
C ASN D 335 23.13 -16.82 53.28
N LYS D 336 22.88 -16.74 54.59
CA LYS D 336 23.94 -16.87 55.60
C LYS D 336 24.57 -18.25 55.61
N ASN D 337 23.78 -19.28 55.34
CA ASN D 337 24.25 -20.67 55.32
C ASN D 337 24.21 -21.23 53.90
N SER D 338 24.64 -20.43 52.92
CA SER D 338 24.37 -20.76 51.52
C SER D 338 25.05 -22.06 51.11
N SER D 339 26.17 -22.40 51.75
CA SER D 339 26.94 -23.57 51.37
C SER D 339 26.21 -24.87 51.69
N TYR D 340 25.29 -24.83 52.64
CA TYR D 340 24.62 -26.01 53.18
C TYR D 340 23.31 -26.35 52.43
N PHE D 341 23.08 -25.78 51.23
CA PHE D 341 21.99 -26.17 50.35
C PHE D 341 22.53 -26.50 48.97
N VAL D 342 22.04 -27.58 48.36
CA VAL D 342 22.55 -27.90 47.03
C VAL D 342 22.16 -26.81 46.02
N GLU D 343 23.11 -26.49 45.14
CA GLU D 343 22.97 -25.47 44.11
C GLU D 343 22.14 -25.94 42.91
N TRP D 344 22.21 -27.21 42.55
CA TRP D 344 21.52 -27.72 41.36
C TRP D 344 20.01 -27.95 41.61
N ILE D 345 19.47 -27.52 42.74
CA ILE D 345 18.03 -27.48 42.96
C ILE D 345 17.63 -26.07 43.38
N PRO D 346 17.22 -25.22 42.44
CA PRO D 346 16.88 -23.84 42.79
C PRO D 346 15.61 -23.76 43.62
N ASN D 347 15.59 -22.83 44.57
CA ASN D 347 14.47 -22.63 45.49
C ASN D 347 14.09 -23.95 46.17
N ASN D 348 14.99 -24.49 46.96
CA ASN D 348 14.70 -25.75 47.61
C ASN D 348 14.20 -25.62 49.04
N VAL D 349 13.86 -24.41 49.49
CA VAL D 349 13.45 -24.17 50.88
C VAL D 349 12.12 -23.39 50.88
N LYS D 350 11.01 -24.10 50.86
CA LYS D 350 9.70 -23.45 50.89
C LYS D 350 9.08 -23.55 52.27
N THR D 351 8.46 -22.47 52.73
CA THR D 351 7.90 -22.44 54.06
C THR D 351 6.40 -22.17 54.01
N ALA D 352 5.72 -22.59 55.08
CA ALA D 352 4.29 -22.46 55.25
C ALA D 352 4.01 -21.72 56.55
N VAL D 353 2.81 -21.19 56.67
CA VAL D 353 2.43 -20.50 57.89
C VAL D 353 1.00 -20.87 58.21
N CYS D 354 0.73 -21.12 59.49
CA CYS D 354 -0.58 -21.53 59.98
C CYS D 354 -0.88 -20.67 61.20
N ASP D 355 -2.05 -20.05 61.23
CA ASP D 355 -2.35 -19.14 62.33
C ASP D 355 -2.51 -19.89 63.64
N ILE D 356 -3.22 -21.01 63.65
CA ILE D 356 -3.39 -21.75 64.91
C ILE D 356 -2.04 -22.33 65.32
N PRO D 357 -1.53 -22.00 66.50
CA PRO D 357 -0.29 -22.61 66.97
C PRO D 357 -0.54 -23.93 67.67
N PRO D 358 0.51 -24.63 68.07
CA PRO D 358 0.31 -25.88 68.81
C PRO D 358 -0.20 -25.60 70.21
N ARG D 359 -0.48 -26.65 70.97
CA ARG D 359 -0.96 -26.44 72.33
C ARG D 359 0.18 -25.86 73.15
N GLY D 360 -0.11 -24.78 73.86
CA GLY D 360 0.85 -24.16 74.77
C GLY D 360 1.64 -23.00 74.19
N LEU D 361 2.12 -23.13 72.96
CA LEU D 361 3.07 -22.18 72.39
C LEU D 361 2.33 -21.17 71.53
N LYS D 362 2.59 -19.89 71.78
CA LYS D 362 2.10 -18.77 70.96
C LYS D 362 2.83 -18.67 69.61
N MET D 363 4.04 -19.23 69.54
CA MET D 363 4.93 -19.16 68.41
C MET D 363 5.63 -20.50 68.32
N SER D 364 5.41 -21.24 67.23
CA SER D 364 6.14 -22.48 67.01
C SER D 364 6.68 -22.46 65.59
N ALA D 365 7.66 -23.33 65.36
CA ALA D 365 8.22 -23.54 64.03
C ALA D 365 8.57 -25.01 63.88
N THR D 366 7.97 -25.68 62.92
CA THR D 366 8.39 -27.05 62.61
C THR D 366 9.29 -27.03 61.38
N PHE D 367 10.22 -27.98 61.33
CA PHE D 367 11.21 -28.08 60.27
C PHE D 367 11.25 -29.49 59.72
N ILE D 368 11.17 -29.61 58.40
CA ILE D 368 11.31 -30.90 57.72
C ILE D 368 12.41 -30.79 56.69
N GLY D 369 13.48 -31.60 56.82
CA GLY D 369 14.62 -31.50 55.94
C GLY D 369 15.08 -32.80 55.31
N ASN D 370 15.35 -32.80 54.01
CA ASN D 370 15.96 -33.94 53.32
C ASN D 370 17.43 -33.63 53.06
N SER D 371 18.26 -33.91 54.06
CA SER D 371 19.69 -33.62 54.05
C SER D 371 20.51 -34.84 53.70
N THR D 372 21.66 -34.61 53.06
CA THR D 372 22.60 -35.70 52.85
C THR D 372 23.23 -36.18 54.16
N ALA D 373 23.04 -35.45 55.25
CA ALA D 373 23.65 -35.80 56.53
C ALA D 373 23.01 -37.04 57.16
N ILE D 374 21.77 -37.37 56.77
CA ILE D 374 21.06 -38.49 57.36
C ILE D 374 22.01 -39.68 57.31
N GLN D 375 22.96 -39.64 56.38
CA GLN D 375 24.03 -40.62 56.37
C GLN D 375 24.72 -40.67 57.72
N GLU D 376 24.67 -39.60 58.52
CA GLU D 376 25.08 -39.72 59.91
C GLU D 376 24.29 -40.82 60.61
N LEU D 377 22.95 -40.74 60.54
CA LEU D 377 22.06 -41.64 61.26
C LEU D 377 22.26 -43.09 60.85
N PHE D 378 22.20 -43.36 59.55
CA PHE D 378 22.36 -44.73 59.06
C PHE D 378 23.76 -45.28 59.32
N LYS D 379 24.78 -44.41 59.35
CA LYS D 379 26.12 -44.88 59.70
C LYS D 379 26.15 -45.49 61.09
N ARG D 380 25.48 -44.85 62.05
CA ARG D 380 25.41 -45.36 63.42
C ARG D 380 24.71 -46.72 63.47
N ILE D 381 23.52 -46.82 62.89
CA ILE D 381 22.78 -48.09 62.89
C ILE D 381 23.58 -49.16 62.16
N SER D 382 24.27 -48.81 61.08
CA SER D 382 24.99 -49.83 60.33
C SER D 382 26.13 -50.43 61.15
N GLU D 383 26.91 -49.59 61.83
CA GLU D 383 28.03 -50.11 62.59
C GLU D 383 27.55 -50.97 63.76
N GLN D 384 26.51 -50.52 64.46
CA GLN D 384 25.89 -51.39 65.45
C GLN D 384 25.54 -52.75 64.83
N PHE D 385 25.10 -52.74 63.58
CA PHE D 385 24.74 -54.00 62.93
C PHE D 385 25.95 -54.93 62.90
N THR D 386 27.02 -54.53 62.19
CA THR D 386 28.16 -55.42 61.99
C THR D 386 28.88 -55.74 63.30
N ALA D 387 28.77 -54.87 64.30
CA ALA D 387 29.32 -55.21 65.61
C ALA D 387 28.95 -56.64 65.98
N MET D 388 27.70 -57.02 65.71
CA MET D 388 27.21 -58.38 65.94
C MET D 388 27.34 -59.28 64.72
N PHE D 389 26.85 -58.84 63.56
CA PHE D 389 26.84 -59.72 62.41
C PHE D 389 28.26 -60.20 62.09
N ARG D 390 29.27 -59.36 62.38
CA ARG D 390 30.66 -59.74 62.17
C ARG D 390 31.03 -60.96 62.99
N ARG D 391 30.27 -61.24 64.07
CA ARG D 391 30.48 -62.39 64.93
C ARG D 391 29.30 -63.36 64.94
N LYS D 392 28.46 -63.32 63.89
CA LYS D 392 27.30 -64.21 63.72
C LYS D 392 26.45 -64.29 65.00
N ALA D 393 26.47 -63.23 65.81
CA ALA D 393 25.73 -63.20 67.06
C ALA D 393 24.21 -63.18 66.85
N PHE D 394 23.52 -64.01 67.62
CA PHE D 394 22.07 -64.03 67.77
C PHE D 394 21.33 -64.47 66.53
N LEU D 395 22.05 -64.98 65.52
CA LEU D 395 21.41 -65.28 64.24
C LEU D 395 20.33 -66.36 64.37
N HIS D 396 20.41 -67.17 65.43
CA HIS D 396 19.44 -68.25 65.63
C HIS D 396 18.04 -67.72 65.86
N TRP D 397 17.90 -66.57 66.52
CA TRP D 397 16.56 -66.01 66.66
C TRP D 397 15.92 -65.82 65.29
N TYR D 398 16.73 -65.65 64.24
CA TYR D 398 16.26 -65.40 62.88
C TYR D 398 16.37 -66.61 61.94
N THR D 399 17.55 -67.24 61.84
CA THR D 399 17.65 -68.46 61.04
C THR D 399 16.62 -69.50 61.48
N GLY D 400 16.38 -69.58 62.79
CA GLY D 400 15.38 -70.49 63.31
C GLY D 400 13.99 -70.20 62.78
N GLU D 401 13.69 -68.92 62.56
CA GLU D 401 12.42 -68.58 61.92
C GLU D 401 12.43 -68.88 60.43
N GLY D 402 13.54 -69.39 59.90
CA GLY D 402 13.62 -69.78 58.50
C GLY D 402 14.39 -68.84 57.59
N MET D 403 15.13 -67.88 58.15
CA MET D 403 15.82 -66.85 57.37
C MET D 403 17.20 -67.30 56.90
N ASP D 404 17.74 -66.59 55.91
CA ASP D 404 19.01 -66.93 55.29
C ASP D 404 20.06 -65.88 55.65
N GLU D 405 21.34 -66.27 55.62
CA GLU D 405 22.41 -65.31 55.85
C GLU D 405 22.43 -64.20 54.80
N MET D 406 22.22 -64.54 53.53
CA MET D 406 22.33 -63.48 52.51
C MET D 406 21.36 -62.35 52.78
N GLU D 407 20.22 -62.63 53.39
CA GLU D 407 19.24 -61.57 53.67
C GLU D 407 19.82 -60.49 54.58
N PHE D 408 20.57 -60.87 55.62
CA PHE D 408 21.22 -59.88 56.46
C PHE D 408 22.30 -59.12 55.69
N THR D 409 23.12 -59.84 54.92
CA THR D 409 24.18 -59.19 54.15
C THR D 409 23.63 -58.31 53.03
N GLU D 410 22.56 -58.77 52.37
CA GLU D 410 21.88 -57.94 51.38
C GLU D 410 21.21 -56.74 52.04
N ALA D 411 20.43 -57.00 53.08
CA ALA D 411 19.79 -55.88 53.76
C ALA D 411 20.82 -54.84 54.18
N GLU D 412 21.85 -55.28 54.88
CA GLU D 412 22.91 -54.36 55.28
C GLU D 412 23.58 -53.72 54.07
N SER D 413 23.95 -54.53 53.09
CA SER D 413 24.65 -54.01 51.90
C SER D 413 23.78 -52.97 51.18
N ASN D 414 22.47 -53.24 51.05
CA ASN D 414 21.55 -52.25 50.47
C ASN D 414 21.59 -50.94 51.26
N MET D 415 21.57 -51.02 52.59
CA MET D 415 21.62 -49.79 53.39
C MET D 415 22.92 -49.03 53.17
N ASN D 416 24.03 -49.76 52.96
CA ASN D 416 25.31 -49.11 52.66
C ASN D 416 25.26 -48.33 51.36
N ASP D 417 24.48 -48.82 50.38
CA ASP D 417 24.27 -48.07 49.14
C ASP D 417 23.58 -46.73 49.39
N LEU D 418 22.65 -46.67 50.34
CA LEU D 418 21.94 -45.44 50.62
C LEU D 418 22.88 -44.32 51.08
N VAL D 419 23.83 -44.64 51.96
CA VAL D 419 24.83 -43.65 52.36
C VAL D 419 25.71 -43.28 51.18
N SER D 420 25.99 -44.24 50.30
CA SER D 420 26.70 -43.94 49.07
C SER D 420 25.95 -42.87 48.28
N GLU D 421 24.65 -43.06 48.10
CA GLU D 421 23.83 -42.05 47.42
C GLU D 421 23.88 -40.73 48.15
N TYR D 422 23.54 -40.74 49.46
CA TYR D 422 23.45 -39.48 50.18
C TYR D 422 24.76 -38.70 50.14
N GLN D 423 25.90 -39.39 50.09
CA GLN D 423 27.15 -38.69 49.89
C GLN D 423 27.35 -38.31 48.43
N GLN D 424 26.79 -39.12 47.51
CA GLN D 424 26.99 -38.87 46.09
C GLN D 424 26.51 -37.47 45.73
N TYR D 425 25.35 -37.05 46.27
CA TYR D 425 24.84 -35.71 46.02
C TYR D 425 25.29 -34.70 47.07
N GLN D 426 25.84 -35.16 48.20
CA GLN D 426 26.53 -34.22 49.07
C GLN D 426 27.80 -33.69 48.42
N ASP D 427 28.32 -34.40 47.42
CA ASP D 427 29.50 -34.03 46.68
C ASP D 427 29.18 -33.39 45.33
N ALA D 428 28.01 -33.70 44.76
CA ALA D 428 27.62 -33.22 43.45
C ALA D 428 27.60 -31.70 43.40
N THR D 429 27.97 -31.16 42.23
CA THR D 429 28.12 -29.73 41.97
C THR D 429 27.22 -29.31 40.80
N ALA D 430 27.36 -28.05 40.38
CA ALA D 430 26.64 -27.50 39.23
C ALA D 430 27.49 -27.44 37.97
N ASP D 431 28.61 -26.70 38.03
CA ASP D 431 29.48 -26.56 36.85
C ASP D 431 30.25 -27.85 36.57
N MET E 4 -0.78 41.73 -71.67
CA MET E 4 -1.86 41.03 -70.95
C MET E 4 -3.06 40.82 -71.88
N GLU E 5 -3.54 39.57 -72.00
CA GLU E 5 -4.59 39.21 -72.96
C GLU E 5 -5.75 38.53 -72.25
N VAL E 6 -6.99 39.00 -72.54
CA VAL E 6 -8.22 38.37 -72.03
C VAL E 6 -8.71 37.34 -73.04
N ILE E 7 -9.57 36.42 -72.58
CA ILE E 7 -9.99 35.30 -73.39
C ILE E 7 -11.27 34.76 -72.80
N GLU E 8 -11.97 33.93 -73.57
CA GLU E 8 -13.06 33.08 -73.07
C GLU E 8 -14.13 33.87 -72.30
N LEU E 9 -14.26 35.17 -72.53
CA LEU E 9 -15.14 35.98 -71.71
C LEU E 9 -16.59 35.59 -71.98
N ASN E 10 -17.27 35.07 -70.96
CA ASN E 10 -18.68 34.70 -71.02
C ASN E 10 -19.49 35.63 -70.14
N LYS E 11 -20.75 35.82 -70.49
CA LYS E 11 -21.62 36.76 -69.81
C LYS E 11 -22.94 36.07 -69.47
N CYS E 12 -23.68 36.69 -68.57
CA CYS E 12 -24.79 36.04 -67.90
C CYS E 12 -25.48 37.12 -67.08
N THR E 13 -26.77 36.90 -66.80
CA THR E 13 -27.46 37.84 -65.91
C THR E 13 -26.92 37.78 -64.50
N SER E 14 -26.28 36.66 -64.11
CA SER E 14 -25.69 36.49 -62.78
C SER E 14 -24.32 37.13 -62.64
N GLY E 15 -23.54 37.19 -63.72
CA GLY E 15 -22.21 37.74 -63.66
C GLY E 15 -21.44 37.47 -64.96
N GLN E 16 -20.12 37.58 -64.88
CA GLN E 16 -19.23 37.21 -65.98
C GLN E 16 -18.08 36.34 -65.47
N SER E 17 -17.36 35.77 -66.43
CA SER E 17 -16.12 35.05 -66.21
C SER E 17 -15.20 35.30 -67.39
N PHE E 18 -13.92 35.07 -67.19
CA PHE E 18 -12.91 35.32 -68.21
C PHE E 18 -11.58 34.82 -67.65
N GLU E 19 -10.54 34.95 -68.44
CA GLU E 19 -9.20 34.53 -68.04
C GLU E 19 -8.18 35.55 -68.51
N VAL E 20 -7.17 35.81 -67.70
CA VAL E 20 -6.08 36.71 -68.08
C VAL E 20 -4.79 35.92 -68.06
N ILE E 21 -3.96 36.17 -69.05
CA ILE E 21 -2.64 35.55 -69.14
C ILE E 21 -1.59 36.65 -69.09
N LEU E 22 -0.65 36.53 -68.16
CA LEU E 22 0.47 37.45 -68.09
C LEU E 22 1.61 37.05 -69.00
N LYS E 23 1.86 35.74 -69.18
CA LYS E 23 2.86 35.26 -70.13
C LYS E 23 2.67 33.77 -70.38
N PRO E 24 3.31 33.20 -71.41
CA PRO E 24 3.04 31.79 -71.78
C PRO E 24 3.95 30.83 -71.04
N PRO E 25 3.87 29.54 -71.34
CA PRO E 25 4.71 28.54 -70.65
C PRO E 25 6.12 28.52 -71.25
N SER E 26 6.94 27.58 -70.74
CA SER E 26 8.27 27.32 -71.30
C SER E 26 8.43 25.84 -71.64
N PRO E 43 -7.97 -0.76 -55.60
CA PRO E 43 -8.51 -1.57 -54.50
C PRO E 43 -10.00 -1.90 -54.68
N SER E 44 -10.35 -3.12 -55.11
CA SER E 44 -11.75 -3.45 -55.31
C SER E 44 -12.45 -3.72 -53.97
N LEU E 45 -13.77 -3.94 -54.05
CA LEU E 45 -14.53 -4.21 -52.83
C LEU E 45 -14.10 -5.49 -52.15
N GLU E 46 -13.40 -6.38 -52.87
CA GLU E 46 -12.95 -7.59 -52.21
C GLU E 46 -11.62 -7.38 -51.49
N GLU E 47 -10.64 -6.76 -52.16
CA GLU E 47 -9.38 -6.46 -51.48
C GLU E 47 -9.62 -5.55 -50.29
N ILE E 48 -10.64 -4.68 -50.36
CA ILE E 48 -11.02 -3.88 -49.20
C ILE E 48 -11.46 -4.79 -48.06
N GLN E 49 -12.51 -5.59 -48.29
CA GLN E 49 -13.02 -6.44 -47.22
C GLN E 49 -11.93 -7.35 -46.69
N LYS E 50 -10.96 -7.74 -47.51
CA LYS E 50 -9.91 -8.63 -47.06
C LYS E 50 -9.06 -7.99 -45.97
N LYS E 51 -8.51 -6.80 -46.24
CA LYS E 51 -7.66 -6.15 -45.24
C LYS E 51 -8.46 -5.71 -44.02
N LEU E 52 -9.75 -5.43 -44.20
CA LEU E 52 -10.63 -5.20 -43.07
C LEU E 52 -10.71 -6.43 -42.18
N GLU E 53 -10.79 -7.61 -42.79
CA GLU E 53 -10.89 -8.84 -42.01
C GLU E 53 -9.58 -9.16 -41.31
N ALA E 54 -8.45 -8.93 -41.99
CA ALA E 54 -7.15 -9.14 -41.37
C ALA E 54 -7.01 -8.31 -40.11
N ALA E 55 -7.63 -7.15 -40.09
CA ALA E 55 -7.53 -6.35 -38.88
C ALA E 55 -8.45 -6.87 -37.78
N GLU E 56 -9.64 -7.37 -38.13
CA GLU E 56 -10.51 -7.90 -37.08
C GLU E 56 -10.00 -9.22 -36.51
N GLU E 57 -9.24 -9.98 -37.30
CA GLU E 57 -8.65 -11.20 -36.77
C GLU E 57 -7.58 -10.85 -35.76
N ARG E 58 -6.68 -9.94 -36.10
CA ARG E 58 -5.62 -9.56 -35.16
C ARG E 58 -6.19 -9.07 -33.83
N ARG E 59 -7.42 -8.53 -33.84
CA ARG E 59 -8.06 -8.15 -32.58
C ARG E 59 -8.58 -9.38 -31.85
N LYS E 60 -9.37 -10.21 -32.54
CA LYS E 60 -9.94 -11.41 -31.93
C LYS E 60 -8.85 -12.32 -31.37
N TYR E 61 -7.63 -12.22 -31.90
CA TYR E 61 -6.48 -12.95 -31.35
C TYR E 61 -5.96 -12.29 -30.08
N GLN E 62 -5.51 -11.04 -30.19
CA GLN E 62 -4.98 -10.34 -29.03
C GLN E 62 -5.95 -10.40 -27.87
N GLU E 63 -7.24 -10.30 -28.15
CA GLU E 63 -8.22 -10.43 -27.09
C GLU E 63 -8.26 -11.86 -26.57
N ALA E 64 -8.40 -12.83 -27.47
CA ALA E 64 -8.44 -14.22 -27.03
C ALA E 64 -7.18 -14.59 -26.25
N GLU E 65 -6.06 -13.95 -26.59
CA GLU E 65 -4.83 -14.15 -25.81
C GLU E 65 -4.90 -13.43 -24.46
N LEU E 66 -5.59 -12.28 -24.39
CA LEU E 66 -5.84 -11.69 -23.07
C LEU E 66 -6.69 -12.60 -22.22
N LEU E 67 -7.72 -13.21 -22.81
CA LEU E 67 -8.59 -14.08 -22.05
C LEU E 67 -7.88 -15.38 -21.69
N LYS E 68 -6.89 -15.78 -22.48
CA LYS E 68 -6.07 -16.95 -22.18
C LYS E 68 -5.22 -16.73 -20.94
N HIS E 69 -4.50 -15.60 -20.91
CA HIS E 69 -3.66 -15.28 -19.76
C HIS E 69 -4.49 -15.05 -18.48
N LEU E 70 -5.70 -14.50 -18.61
CA LEU E 70 -6.62 -14.41 -17.48
C LEU E 70 -7.00 -15.79 -16.97
N ALA E 71 -7.32 -16.70 -17.89
CA ALA E 71 -7.70 -18.04 -17.46
C ALA E 71 -6.58 -18.73 -16.69
N GLU E 72 -5.31 -18.47 -17.04
CA GLU E 72 -4.21 -18.97 -16.23
C GLU E 72 -4.29 -18.47 -14.80
N LYS E 73 -4.59 -17.18 -14.63
CA LYS E 73 -4.67 -16.62 -13.27
C LYS E 73 -5.77 -17.34 -12.48
N ARG E 74 -6.93 -17.58 -13.10
CA ARG E 74 -7.98 -18.24 -12.35
C ARG E 74 -7.49 -19.56 -11.79
N GLU E 75 -6.85 -20.36 -12.63
CA GLU E 75 -6.36 -21.67 -12.18
C GLU E 75 -5.38 -21.53 -11.01
N HIS E 76 -4.66 -20.43 -10.93
CA HIS E 76 -3.80 -20.18 -9.79
C HIS E 76 -4.56 -19.67 -8.59
N GLU E 77 -5.80 -19.24 -8.77
CA GLU E 77 -6.58 -18.74 -7.65
C GLU E 77 -7.29 -19.86 -6.92
N ARG E 78 -7.66 -20.91 -7.63
CA ARG E 78 -8.18 -22.06 -6.92
C ARG E 78 -7.06 -23.01 -6.49
N GLU E 79 -5.82 -22.74 -6.88
CA GLU E 79 -4.67 -23.49 -6.39
C GLU E 79 -4.06 -22.89 -5.14
N VAL E 80 -4.19 -21.58 -4.95
CA VAL E 80 -3.82 -21.00 -3.66
C VAL E 80 -4.82 -21.44 -2.59
N ILE E 81 -6.12 -21.31 -2.87
CA ILE E 81 -7.14 -21.66 -1.89
C ILE E 81 -7.07 -23.13 -1.55
N GLN E 82 -6.69 -23.97 -2.51
CA GLN E 82 -6.54 -25.40 -2.23
C GLN E 82 -5.30 -25.71 -1.41
N LYS E 83 -4.23 -24.91 -1.53
CA LYS E 83 -3.08 -25.14 -0.64
C LYS E 83 -3.41 -24.77 0.79
N ALA E 84 -4.08 -23.63 1.01
CA ALA E 84 -4.44 -23.23 2.37
C ALA E 84 -5.38 -24.23 3.00
N ILE E 85 -6.33 -24.78 2.25
CA ILE E 85 -7.17 -25.84 2.78
C ILE E 85 -6.31 -27.04 3.18
N GLU E 86 -5.45 -27.50 2.26
CA GLU E 86 -4.64 -28.68 2.54
C GLU E 86 -3.70 -28.43 3.71
N GLU E 87 -3.04 -27.29 3.72
CA GLU E 87 -2.21 -27.00 4.88
C GLU E 87 -3.02 -27.11 6.16
N ASN E 88 -4.25 -26.57 6.17
CA ASN E 88 -5.05 -26.62 7.40
C ASN E 88 -5.37 -28.05 7.79
N ASN E 89 -5.81 -28.87 6.84
CA ASN E 89 -6.07 -30.28 7.12
C ASN E 89 -4.81 -30.98 7.63
N ASN E 90 -3.67 -30.75 6.98
CA ASN E 90 -2.45 -31.42 7.39
C ASN E 90 -2.05 -31.05 8.83
N PHE E 91 -2.11 -29.76 9.16
CA PHE E 91 -1.82 -29.37 10.54
C PHE E 91 -2.74 -30.09 11.50
N ILE E 92 -4.04 -30.04 11.25
CA ILE E 92 -4.98 -30.81 12.08
C ILE E 92 -4.57 -32.27 12.10
N LYS E 93 -4.25 -32.82 10.91
CA LYS E 93 -3.91 -34.23 10.81
C LYS E 93 -2.70 -34.60 11.67
N MET E 94 -1.59 -33.88 11.52
CA MET E 94 -0.42 -34.23 12.33
C MET E 94 -0.70 -34.02 13.81
N ALA E 95 -1.16 -32.81 14.17
CA ALA E 95 -1.64 -32.57 15.51
C ALA E 95 -2.42 -33.77 16.06
N LYS E 96 -3.44 -34.21 15.33
CA LYS E 96 -4.26 -35.31 15.82
C LYS E 96 -3.42 -36.54 16.13
N GLU E 97 -2.54 -36.93 15.22
CA GLU E 97 -1.69 -38.11 15.49
C GLU E 97 -0.62 -37.84 16.54
N LYS E 98 -0.07 -36.63 16.61
CA LYS E 98 0.93 -36.37 17.64
C LYS E 98 0.37 -36.64 19.04
N LEU E 99 -0.80 -36.09 19.37
CA LEU E 99 -1.38 -36.38 20.68
C LEU E 99 -1.80 -37.84 20.76
N ALA E 100 -2.52 -38.33 19.76
CA ALA E 100 -3.06 -39.68 19.85
C ALA E 100 -1.96 -40.73 19.87
N GLN E 101 -0.73 -40.35 19.56
CA GLN E 101 0.41 -41.20 19.83
C GLN E 101 0.89 -41.03 21.28
N LYS E 102 1.28 -39.81 21.67
CA LYS E 102 1.67 -39.53 23.04
C LYS E 102 0.76 -40.25 24.05
N MET E 103 -0.56 -40.20 23.82
CA MET E 103 -1.47 -40.91 24.72
C MET E 103 -1.13 -42.38 24.77
N GLU E 104 -0.96 -42.98 23.60
CA GLU E 104 -0.82 -44.44 23.55
C GLU E 104 0.53 -44.90 24.11
N SER E 105 1.62 -44.22 23.75
CA SER E 105 2.92 -44.57 24.31
C SER E 105 2.97 -44.34 25.82
N ASN E 106 2.19 -43.41 26.34
CA ASN E 106 2.15 -43.17 27.77
C ASN E 106 1.39 -44.25 28.51
N LYS E 107 0.29 -44.75 27.94
CA LYS E 107 -0.40 -45.87 28.56
C LYS E 107 0.56 -47.01 28.81
N GLU E 108 1.33 -47.39 27.80
CA GLU E 108 2.23 -48.52 27.93
C GLU E 108 3.34 -48.23 28.93
N ASN E 109 3.84 -46.99 28.95
CA ASN E 109 4.93 -46.68 29.86
C ASN E 109 4.49 -46.77 31.31
N ARG E 110 3.32 -46.21 31.62
CA ARG E 110 2.86 -46.21 33.00
C ARG E 110 2.63 -47.62 33.49
N GLU E 111 2.00 -48.44 32.66
CA GLU E 111 1.74 -49.82 33.06
C GLU E 111 3.00 -50.64 33.01
N ALA E 112 3.92 -50.31 32.09
CA ALA E 112 5.24 -50.91 32.16
C ALA E 112 5.81 -50.74 33.55
N HIS E 113 5.78 -49.51 34.06
CA HIS E 113 6.34 -49.23 35.38
C HIS E 113 5.55 -49.93 36.48
N LEU E 114 4.23 -49.75 36.50
CA LEU E 114 3.43 -50.38 37.54
C LEU E 114 3.43 -51.90 37.41
N ALA E 115 3.58 -52.41 36.19
CA ALA E 115 3.75 -53.85 36.00
C ALA E 115 4.91 -54.36 36.83
N ALA E 116 6.05 -53.67 36.73
CA ALA E 116 7.32 -54.06 37.35
C ALA E 116 7.48 -53.49 38.75
N MET E 117 6.46 -52.81 39.28
CA MET E 117 6.36 -52.64 40.72
C MET E 117 5.67 -53.85 41.31
N LEU E 118 4.58 -54.27 40.66
CA LEU E 118 3.83 -55.43 41.13
C LEU E 118 4.64 -56.72 40.99
N GLU E 119 5.16 -57.00 39.80
CA GLU E 119 5.97 -58.21 39.67
C GLU E 119 7.15 -58.22 40.64
N ARG E 120 7.47 -57.09 41.28
CA ARG E 120 8.51 -57.07 42.29
C ARG E 120 7.98 -57.42 43.67
N LEU E 121 6.77 -56.95 44.01
CA LEU E 121 6.14 -57.33 45.28
C LEU E 121 5.68 -58.78 45.27
N GLN E 122 5.16 -59.27 44.14
CA GLN E 122 4.81 -60.68 44.02
C GLN E 122 6.01 -61.55 44.38
N GLU E 123 7.20 -61.11 44.01
CA GLU E 123 8.40 -61.88 44.34
C GLU E 123 8.76 -61.78 45.82
N LYS E 124 8.24 -60.79 46.55
CA LYS E 124 8.40 -60.77 48.00
C LYS E 124 7.54 -61.83 48.66
N ASP E 125 6.29 -61.95 48.22
CA ASP E 125 5.41 -63.00 48.75
C ASP E 125 6.01 -64.38 48.46
N LYS E 126 6.50 -64.57 47.25
CA LYS E 126 7.18 -65.82 46.92
C LYS E 126 8.31 -66.08 47.90
N HIS E 127 9.18 -65.08 48.11
CA HIS E 127 10.31 -65.28 49.02
C HIS E 127 9.84 -65.56 50.45
N ALA E 128 8.78 -64.89 50.89
CA ALA E 128 8.25 -65.18 52.22
C ALA E 128 7.74 -66.62 52.32
N GLU E 129 7.38 -67.26 51.20
CA GLU E 129 7.12 -68.70 51.22
C GLU E 129 8.39 -69.47 51.52
N GLU E 130 9.45 -69.17 50.77
CA GLU E 130 10.71 -69.91 50.92
C GLU E 130 11.29 -69.76 52.32
N VAL E 131 11.08 -68.62 52.98
CA VAL E 131 11.56 -68.46 54.34
C VAL E 131 10.76 -69.34 55.30
N ARG E 132 9.44 -69.42 55.09
CA ARG E 132 8.57 -70.18 55.98
C ARG E 132 8.69 -71.68 55.76
N LYS E 133 8.91 -72.12 54.51
CA LYS E 133 9.14 -73.55 54.29
C LYS E 133 10.42 -74.02 54.96
N ASN E 134 11.36 -73.12 55.22
CA ASN E 134 12.55 -73.48 55.98
C ASN E 134 12.21 -73.80 57.41
N LYS E 135 11.34 -73.00 58.04
CA LYS E 135 10.96 -73.23 59.43
C LYS E 135 10.09 -74.49 59.59
N GLU E 136 9.39 -74.91 58.54
CA GLU E 136 8.71 -76.20 58.57
C GLU E 136 9.72 -77.35 58.48
N LEU E 137 10.70 -77.22 57.58
CA LEU E 137 11.81 -78.16 57.42
C LEU E 137 12.77 -78.12 58.60
N LYS E 138 12.60 -77.18 59.53
CA LYS E 138 13.41 -77.08 60.74
C LYS E 138 12.95 -78.02 61.85
N GLU E 139 11.70 -78.45 61.82
CA GLU E 139 11.19 -79.38 62.82
C GLU E 139 10.76 -80.69 62.15
N MET F 1 11.14 36.64 -19.23
CA MET F 1 12.41 35.96 -19.31
C MET F 1 12.45 35.11 -20.55
N TYR F 2 12.73 35.78 -21.66
CA TYR F 2 12.59 35.16 -22.96
C TYR F 2 13.52 33.96 -23.16
N THR F 3 13.09 33.04 -24.02
CA THR F 3 13.82 31.81 -24.33
C THR F 3 14.40 31.83 -25.75
N PHE F 4 15.50 31.11 -25.92
CA PHE F 4 16.17 31.04 -27.20
C PHE F 4 16.90 29.72 -27.30
N VAL F 5 16.97 29.19 -28.51
CA VAL F 5 17.71 27.96 -28.81
C VAL F 5 18.94 28.33 -29.63
N VAL F 6 19.79 27.35 -29.92
CA VAL F 6 21.00 27.61 -30.71
C VAL F 6 21.27 26.39 -31.58
N ARG F 7 21.38 26.61 -32.89
CA ARG F 7 21.42 25.54 -33.87
C ARG F 7 22.52 25.72 -34.90
N ASP F 8 23.44 26.67 -34.69
CA ASP F 8 24.60 26.87 -35.56
C ASP F 8 25.77 27.11 -34.62
N GLU F 9 26.47 26.02 -34.28
CA GLU F 9 27.55 26.11 -33.31
C GLU F 9 28.82 26.72 -33.91
N ASN F 10 28.93 26.79 -35.23
CA ASN F 10 30.07 27.42 -35.89
C ASN F 10 29.90 28.91 -36.09
N SER F 11 28.81 29.51 -35.65
CA SER F 11 28.63 30.94 -35.88
C SER F 11 29.59 31.73 -35.00
N SER F 12 30.58 32.37 -35.62
CA SER F 12 31.51 33.21 -34.88
C SER F 12 30.76 34.33 -34.15
N VAL F 13 29.78 34.94 -34.82
CA VAL F 13 29.09 36.14 -34.35
C VAL F 13 28.09 35.84 -33.25
N TYR F 14 27.05 35.06 -33.57
CA TYR F 14 25.96 34.83 -32.63
C TYR F 14 26.41 34.02 -31.43
N ALA F 15 27.57 33.36 -31.51
CA ALA F 15 28.24 32.89 -30.31
C ALA F 15 28.19 33.97 -29.23
N GLU F 16 28.73 35.16 -29.54
CA GLU F 16 28.67 36.28 -28.62
C GLU F 16 27.23 36.66 -28.29
N VAL F 17 26.35 36.68 -29.29
CA VAL F 17 24.97 37.09 -29.09
C VAL F 17 24.27 36.12 -28.14
N SER F 18 24.48 34.82 -28.33
CA SER F 18 23.91 33.85 -27.39
C SER F 18 24.52 33.99 -26.00
N ARG F 19 25.83 34.21 -25.93
CA ARG F 19 26.49 34.50 -24.67
C ARG F 19 25.81 35.65 -23.95
N LEU F 20 25.87 36.85 -24.53
CA LEU F 20 25.31 38.03 -23.87
C LEU F 20 23.89 37.80 -23.41
N LEU F 21 23.07 37.21 -24.29
CA LEU F 21 21.67 37.03 -23.97
C LEU F 21 21.49 36.39 -22.60
N LEU F 22 22.30 35.36 -22.32
CA LEU F 22 22.19 34.65 -21.04
C LEU F 22 22.57 35.58 -19.89
N ALA F 23 23.64 36.34 -20.07
CA ALA F 23 24.18 37.19 -19.01
C ALA F 23 23.33 38.42 -18.73
N THR F 24 22.32 38.71 -19.55
CA THR F 24 21.38 39.75 -19.17
C THR F 24 20.49 39.34 -18.01
N GLY F 25 20.53 38.07 -17.60
CA GLY F 25 19.71 37.56 -16.53
C GLY F 25 18.25 37.43 -16.88
N GLN F 26 17.90 37.62 -18.16
CA GLN F 26 16.51 37.59 -18.61
C GLN F 26 16.30 36.72 -19.84
N TRP F 27 17.35 36.12 -20.39
CA TRP F 27 17.24 35.18 -21.49
C TRP F 27 17.73 33.82 -21.04
N LYS F 28 17.00 32.77 -21.41
CA LYS F 28 17.46 31.42 -21.17
C LYS F 28 17.48 30.62 -22.46
N ARG F 29 18.41 29.67 -22.52
CA ARG F 29 18.57 28.78 -23.66
C ARG F 29 17.88 27.44 -23.39
N LEU F 30 17.12 26.96 -24.36
CA LEU F 30 16.52 25.63 -24.35
C LEU F 30 17.35 24.71 -25.25
N ARG F 31 16.95 23.45 -25.33
CA ARG F 31 17.74 22.57 -26.18
C ARG F 31 17.36 22.80 -27.64
N LYS F 32 18.24 22.34 -28.53
CA LYS F 32 18.02 22.51 -29.96
C LYS F 32 16.55 22.30 -30.31
N ASP F 33 15.99 21.16 -29.92
CA ASP F 33 14.76 20.62 -30.47
C ASP F 33 13.52 21.03 -29.68
N ASN F 34 13.65 21.92 -28.74
CA ASN F 34 12.47 22.46 -28.09
C ASN F 34 11.80 23.44 -29.04
N PRO F 35 10.47 23.35 -29.21
CA PRO F 35 9.79 24.32 -30.07
C PRO F 35 9.51 25.64 -29.38
N ARG F 36 9.53 25.68 -28.05
CA ARG F 36 8.98 26.83 -27.32
C ARG F 36 10.07 27.89 -27.14
N PHE F 37 10.44 28.50 -28.27
CA PHE F 37 11.50 29.51 -28.29
C PHE F 37 10.94 30.83 -28.82
N ASN F 38 11.42 31.93 -28.24
CA ASN F 38 11.21 33.28 -28.77
C ASN F 38 12.24 33.65 -29.82
N LEU F 39 13.44 33.06 -29.77
CA LEU F 39 14.51 33.40 -30.68
C LEU F 39 15.10 32.13 -31.27
N MET F 40 15.37 32.15 -32.58
CA MET F 40 16.09 31.05 -33.23
C MET F 40 17.37 31.57 -33.86
N LEU F 41 18.51 31.22 -33.26
CA LEU F 41 19.82 31.39 -33.87
C LEU F 41 20.05 30.14 -34.71
N GLY F 42 19.66 30.23 -36.01
CA GLY F 42 19.43 29.05 -36.82
C GLY F 42 20.63 28.52 -37.58
N GLU F 43 20.43 27.35 -38.17
CA GLU F 43 21.46 26.71 -38.95
C GLU F 43 21.60 27.42 -40.30
N ARG F 44 22.71 27.14 -41.00
CA ARG F 44 23.04 27.93 -42.17
C ARG F 44 22.27 27.49 -43.42
N ASN F 45 22.12 26.19 -43.65
CA ASN F 45 21.35 25.70 -44.79
C ASN F 45 20.24 24.78 -44.32
N ARG F 46 19.06 24.89 -44.94
CA ARG F 46 17.89 24.13 -44.52
C ARG F 46 17.36 24.62 -43.18
N LEU F 47 17.48 25.93 -42.93
CA LEU F 47 16.93 26.50 -41.69
C LEU F 47 15.42 26.49 -41.81
N PRO F 48 14.70 25.77 -40.93
CA PRO F 48 13.28 25.40 -41.19
C PRO F 48 12.30 26.55 -40.99
N PHE F 49 12.21 27.42 -42.00
CA PHE F 49 11.31 28.57 -41.90
C PHE F 49 9.86 28.13 -41.91
N GLY F 50 9.55 27.00 -42.53
CA GLY F 50 8.17 26.58 -42.62
C GLY F 50 7.54 26.22 -41.30
N ARG F 51 8.33 26.11 -40.24
CA ARG F 51 7.83 25.63 -38.96
C ARG F 51 7.85 26.70 -37.87
N LEU F 52 8.33 27.92 -38.19
CA LEU F 52 8.42 29.01 -37.22
C LEU F 52 7.09 29.75 -37.09
N GLY F 53 7.05 30.64 -36.10
CA GLY F 53 5.87 31.48 -35.93
C GLY F 53 4.58 30.70 -35.84
N HIS F 54 4.62 29.49 -35.29
CA HIS F 54 3.42 28.68 -35.18
C HIS F 54 3.09 28.28 -33.75
N GLU F 55 3.90 28.67 -32.77
CA GLU F 55 3.64 28.25 -31.40
C GLU F 55 2.76 29.27 -30.71
N PRO F 56 1.56 28.88 -30.27
CA PRO F 56 0.61 29.86 -29.71
C PRO F 56 1.12 30.51 -28.43
N GLY F 57 0.82 31.80 -28.29
CA GLY F 57 1.37 32.58 -27.19
C GLY F 57 2.88 32.60 -27.14
N LEU F 58 3.52 32.81 -28.30
CA LEU F 58 4.97 32.77 -28.44
C LEU F 58 5.35 33.62 -29.64
N VAL F 59 5.80 34.87 -29.43
CA VAL F 59 6.40 35.62 -30.53
C VAL F 59 7.75 35.00 -30.86
N GLN F 60 7.95 34.66 -32.13
CA GLN F 60 9.16 33.98 -32.54
C GLN F 60 9.94 34.86 -33.52
N LEU F 61 11.27 34.87 -33.34
CA LEU F 61 12.21 35.63 -34.15
C LEU F 61 13.32 34.69 -34.58
N VAL F 62 13.84 34.90 -35.79
CA VAL F 62 14.99 34.14 -36.26
C VAL F 62 16.01 35.11 -36.86
N ASN F 63 17.28 34.69 -36.88
CA ASN F 63 18.38 35.53 -37.35
C ASN F 63 18.74 35.25 -38.81
N TYR F 64 17.74 34.88 -39.63
CA TYR F 64 17.94 34.73 -41.07
C TYR F 64 16.70 35.20 -41.83
N TYR F 65 16.95 35.82 -42.98
CA TYR F 65 15.92 36.32 -43.87
C TYR F 65 15.72 35.27 -44.96
N ARG F 66 14.54 34.63 -44.97
CA ARG F 66 14.27 33.61 -45.98
C ARG F 66 14.39 34.20 -47.40
N GLY F 67 15.17 33.54 -48.25
CA GLY F 67 15.42 34.06 -49.59
C GLY F 67 16.59 35.02 -49.72
N ALA F 68 17.27 35.34 -48.63
CA ALA F 68 18.45 36.20 -48.72
C ALA F 68 19.47 35.60 -49.67
N ASP F 69 19.49 34.27 -49.79
CA ASP F 69 20.43 33.57 -50.66
C ASP F 69 20.44 34.15 -52.07
N LYS F 70 19.37 34.85 -52.46
CA LYS F 70 19.38 35.54 -53.75
C LYS F 70 20.55 36.51 -53.82
N LEU F 71 20.86 37.21 -52.73
CA LEU F 71 21.90 38.23 -52.71
C LEU F 71 23.27 37.68 -52.34
N CYS F 72 23.37 36.44 -51.85
CA CYS F 72 24.61 35.95 -51.26
C CYS F 72 25.23 34.75 -51.98
N ARG F 73 24.62 34.25 -53.05
CA ARG F 73 25.17 33.15 -53.82
C ARG F 73 25.78 33.68 -55.11
N LYS F 74 27.04 33.32 -55.37
CA LYS F 74 27.77 33.92 -56.48
C LYS F 74 26.97 33.84 -57.77
N ALA F 75 26.50 32.64 -58.11
CA ALA F 75 25.69 32.48 -59.32
C ALA F 75 24.39 33.27 -59.20
N SER F 76 23.79 33.29 -58.01
CA SER F 76 22.46 33.86 -57.85
C SER F 76 22.46 35.38 -57.75
N LEU F 77 23.57 35.98 -57.33
CA LEU F 77 23.62 37.44 -57.24
C LEU F 77 23.52 38.09 -58.62
N VAL F 78 24.30 37.59 -59.60
CA VAL F 78 24.27 38.16 -60.94
C VAL F 78 22.87 38.04 -61.53
N LYS F 79 22.19 36.92 -61.27
CA LYS F 79 20.81 36.78 -61.69
C LYS F 79 19.98 37.96 -61.19
N LEU F 80 20.07 38.27 -59.89
CA LEU F 80 19.28 39.36 -59.35
C LEU F 80 19.67 40.69 -59.98
N ILE F 81 20.97 40.95 -60.08
CA ILE F 81 21.45 42.26 -60.49
C ILE F 81 21.16 42.54 -61.96
N LYS F 82 20.87 41.51 -62.75
CA LYS F 82 20.64 41.69 -64.18
C LYS F 82 19.19 41.63 -64.58
N THR F 83 18.36 40.88 -63.85
CA THR F 83 16.97 40.67 -64.24
C THR F 83 16.04 41.73 -63.64
N SER F 84 16.03 41.83 -62.31
CA SER F 84 15.10 42.75 -61.66
C SER F 84 15.38 44.19 -62.10
N PRO F 85 14.36 44.93 -62.56
CA PRO F 85 14.61 46.24 -63.17
C PRO F 85 15.26 47.25 -62.26
N GLU F 86 15.09 47.16 -60.94
CA GLU F 86 15.66 48.15 -60.03
C GLU F 86 17.18 48.14 -60.10
N LEU F 87 17.77 46.97 -60.16
CA LEU F 87 19.18 46.82 -60.48
C LEU F 87 19.31 46.86 -62.00
N SER F 88 19.61 48.03 -62.55
CA SER F 88 19.75 48.13 -63.99
C SER F 88 20.93 47.27 -64.48
N GLU F 89 21.03 47.14 -65.79
CA GLU F 89 22.16 46.45 -66.39
C GLU F 89 23.40 47.37 -66.51
N CYS F 91 23.09 49.72 -63.93
CA CYS F 91 23.95 49.59 -62.76
C CYS F 91 25.41 49.84 -63.14
N THR F 92 26.12 50.53 -62.26
CA THR F 92 27.46 51.04 -62.56
C THR F 92 28.46 50.70 -61.46
N TRP F 93 28.17 49.68 -60.65
CA TRP F 93 29.01 49.32 -59.50
C TRP F 93 29.11 47.82 -59.30
N PHE F 94 28.80 47.02 -60.34
CA PHE F 94 29.00 45.59 -60.28
C PHE F 94 29.88 45.14 -61.44
N PRO F 95 30.97 44.43 -61.17
CA PRO F 95 31.80 43.92 -62.27
C PRO F 95 31.01 43.02 -63.21
N GLU F 96 31.27 43.18 -64.51
CA GLU F 96 30.63 42.36 -65.54
C GLU F 96 30.84 40.87 -65.23
N SER F 97 29.75 40.13 -65.15
CA SER F 97 29.78 38.73 -64.79
C SER F 97 29.08 37.88 -65.84
N TYR F 98 29.56 36.66 -65.99
CA TYR F 98 28.88 35.66 -66.79
C TYR F 98 28.80 34.38 -65.95
N VAL F 99 27.59 33.81 -65.84
CA VAL F 99 27.42 32.52 -65.19
C VAL F 99 27.64 31.44 -66.22
N ILE F 100 28.19 30.31 -65.78
CA ILE F 100 28.59 29.26 -66.71
C ILE F 100 28.43 27.90 -66.00
N TYR F 101 27.83 26.95 -66.71
CA TYR F 101 27.51 25.64 -66.17
C TYR F 101 28.48 24.59 -66.71
N PRO F 102 29.08 23.78 -65.86
CA PRO F 102 29.76 22.57 -66.36
C PRO F 102 28.74 21.50 -66.73
N THR F 103 28.89 20.92 -67.92
CA THR F 103 28.18 19.72 -68.32
C THR F 103 28.87 19.16 -69.55
N GLY F 144 41.88 45.26 -72.89
CA GLY F 144 42.27 44.47 -71.74
C GLY F 144 41.18 43.48 -71.37
N ASN F 145 41.55 42.23 -71.16
CA ASN F 145 40.56 41.15 -71.02
C ASN F 145 40.94 40.18 -69.90
N VAL F 146 41.39 40.69 -68.76
CA VAL F 146 41.63 39.78 -67.63
C VAL F 146 40.32 39.48 -66.91
N TRP F 147 40.25 38.31 -66.29
CA TRP F 147 38.99 37.82 -65.72
C TRP F 147 39.29 36.92 -64.53
N ILE F 148 38.29 36.72 -63.68
CA ILE F 148 38.41 35.90 -62.47
C ILE F 148 37.10 35.15 -62.23
N ALA F 149 37.20 34.02 -61.51
CA ALA F 149 36.13 33.03 -61.40
C ALA F 149 35.13 33.28 -60.26
N LEU F 161 42.21 30.82 -60.87
CA LEU F 161 40.91 31.11 -61.47
C LEU F 161 40.94 32.38 -62.35
N ILE F 162 42.07 33.08 -62.37
CA ILE F 162 42.21 34.36 -63.05
C ILE F 162 43.21 34.23 -64.19
N SER F 163 42.88 34.80 -65.35
CA SER F 163 43.85 34.92 -66.44
C SER F 163 43.18 35.71 -67.56
N SER F 164 43.99 36.16 -68.52
CA SER F 164 43.45 36.82 -69.70
C SER F 164 43.05 35.84 -70.77
N GLU F 165 43.52 34.59 -70.68
CA GLU F 165 43.21 33.58 -71.68
C GLU F 165 41.89 32.93 -71.33
N ALA F 166 40.90 33.08 -72.23
CA ALA F 166 39.56 32.60 -71.95
C ALA F 166 39.55 31.13 -71.55
N SER F 167 40.16 30.28 -72.37
CA SER F 167 40.02 28.83 -72.19
C SER F 167 40.61 28.35 -70.87
N GLU F 168 41.63 29.05 -70.34
CA GLU F 168 42.06 28.74 -68.98
C GLU F 168 40.86 28.79 -68.05
N LEU F 169 39.93 29.71 -68.33
CA LEU F 169 38.73 29.84 -67.50
C LEU F 169 37.78 28.67 -67.71
N LEU F 170 37.37 28.41 -68.96
CA LEU F 170 36.35 27.39 -69.19
C LEU F 170 36.83 26.00 -68.75
N ASP F 171 38.07 25.65 -69.09
CA ASP F 171 38.62 24.38 -68.62
C ASP F 171 38.59 24.31 -67.10
N PHE F 172 38.80 25.44 -66.42
CA PHE F 172 38.87 25.47 -64.96
C PHE F 172 37.54 25.05 -64.34
N ILE F 173 36.43 25.61 -64.83
CA ILE F 173 35.13 25.34 -64.20
C ILE F 173 34.61 23.96 -64.56
N ASP F 174 34.67 23.59 -65.84
CA ASP F 174 34.13 22.31 -66.28
C ASP F 174 34.91 21.13 -65.74
N GLU F 175 36.15 21.34 -65.31
CA GLU F 175 36.91 20.29 -64.64
C GLU F 175 36.55 20.17 -63.17
N GLN F 176 35.67 21.03 -62.66
CA GLN F 176 35.15 20.94 -61.30
C GLN F 176 33.81 20.23 -61.24
N GLY F 177 32.81 20.69 -62.01
CA GLY F 177 31.52 20.04 -62.11
C GLY F 177 30.36 20.87 -61.58
N GLN F 178 30.64 21.90 -60.79
CA GLN F 178 29.61 22.83 -60.33
C GLN F 178 29.69 24.11 -61.15
N VAL F 179 28.63 24.93 -61.01
CA VAL F 179 28.49 26.15 -61.79
C VAL F 179 29.21 27.28 -61.07
N HIS F 180 30.05 28.02 -61.81
CA HIS F 180 30.74 29.21 -61.33
C HIS F 180 30.36 30.39 -62.22
N VAL F 181 30.98 31.54 -61.97
CA VAL F 181 30.73 32.74 -62.77
C VAL F 181 32.03 33.50 -62.92
N ILE F 182 32.23 34.12 -64.09
CA ILE F 182 33.47 34.82 -64.40
C ILE F 182 33.18 36.29 -64.67
N GLN F 183 34.16 37.13 -64.30
CA GLN F 183 33.95 38.52 -63.95
C GLN F 183 35.24 39.27 -64.21
N LYS F 184 35.15 40.43 -64.86
CA LYS F 184 36.35 41.17 -65.19
C LYS F 184 37.17 41.42 -63.93
N TYR F 185 38.47 41.14 -64.01
CA TYR F 185 39.39 41.45 -62.93
C TYR F 185 39.62 42.95 -62.93
N LEU F 186 39.70 43.53 -61.74
CA LEU F 186 39.94 44.96 -61.62
C LEU F 186 41.44 45.16 -61.85
N GLU F 187 41.77 45.45 -63.11
CA GLU F 187 43.18 45.56 -63.49
C GLU F 187 43.86 46.73 -62.77
N LYS F 188 43.16 47.88 -62.66
CA LYS F 188 43.72 49.07 -62.02
C LYS F 188 43.02 49.33 -60.69
N PRO F 189 43.37 48.60 -59.63
CA PRO F 189 42.79 48.88 -58.31
C PRO F 189 43.67 49.82 -57.51
N LEU F 190 43.16 50.22 -56.35
CA LEU F 190 43.79 51.27 -55.53
C LEU F 190 44.81 50.60 -54.62
N LEU F 191 46.09 50.75 -54.96
CA LEU F 191 47.16 50.08 -54.21
C LEU F 191 47.60 50.94 -53.03
N LEU F 192 47.44 50.42 -51.82
CA LEU F 192 47.66 51.22 -50.62
C LEU F 192 49.14 51.48 -50.37
N GLU F 193 49.54 52.74 -50.40
CA GLU F 193 50.96 53.07 -50.26
C GLU F 193 51.32 53.36 -48.80
N PRO F 194 52.52 52.98 -48.34
CA PRO F 194 53.59 52.22 -49.07
C PRO F 194 53.42 50.69 -49.19
N GLY F 195 53.63 50.16 -50.40
CA GLY F 195 53.49 48.74 -50.68
C GLY F 195 52.91 48.37 -52.04
N HIS F 196 52.30 49.32 -52.75
CA HIS F 196 51.57 49.07 -54.00
C HIS F 196 50.73 47.80 -53.87
N ARG F 197 49.83 47.84 -52.88
CA ARG F 197 49.12 46.66 -52.38
C ARG F 197 47.62 46.73 -52.67
N LYS F 198 47.01 45.55 -52.71
CA LYS F 198 45.58 45.38 -52.95
C LYS F 198 44.86 45.12 -51.63
N PHE F 199 43.60 45.55 -51.55
CA PHE F 199 42.77 45.40 -50.35
C PHE F 199 41.29 45.33 -50.75
N ASP F 200 40.46 44.92 -49.79
CA ASP F 200 39.02 44.94 -49.98
C ASP F 200 38.38 45.53 -48.72
N ILE F 201 37.17 46.05 -48.88
CA ILE F 201 36.39 46.64 -47.79
C ILE F 201 35.21 45.72 -47.48
N ARG F 202 35.07 45.32 -46.21
CA ARG F 202 33.84 44.70 -45.74
C ARG F 202 33.19 45.57 -44.68
N SER F 203 32.05 46.15 -45.01
CA SER F 203 31.11 46.69 -44.04
C SER F 203 30.12 45.58 -43.69
N TRP F 204 29.87 45.40 -42.40
CA TRP F 204 28.80 44.51 -41.95
C TRP F 204 27.49 45.30 -41.91
N VAL F 205 26.42 44.67 -42.35
CA VAL F 205 25.14 45.36 -42.42
C VAL F 205 24.10 44.49 -41.75
N LEU F 206 23.39 45.07 -40.78
CA LEU F 206 22.33 44.40 -40.02
C LEU F 206 20.94 44.89 -40.44
N VAL F 207 20.02 43.94 -40.68
CA VAL F 207 18.66 44.26 -41.11
C VAL F 207 17.68 43.72 -40.06
N ASP F 208 16.91 44.62 -39.46
CA ASP F 208 16.06 44.27 -38.32
C ASP F 208 14.73 43.68 -38.79
N HIS F 209 13.79 43.51 -37.85
CA HIS F 209 12.56 42.81 -38.21
C HIS F 209 11.66 43.65 -39.11
N LEU F 210 11.72 44.97 -38.98
CA LEU F 210 10.91 45.88 -39.79
C LEU F 210 11.69 46.52 -40.94
N TYR F 211 12.73 45.82 -41.41
CA TYR F 211 13.53 46.14 -42.61
C TYR F 211 14.19 47.51 -42.53
N ASN F 212 14.40 48.02 -41.32
CA ASN F 212 15.44 49.03 -41.14
C ASN F 212 16.80 48.43 -41.50
N ILE F 213 17.53 49.09 -42.41
CA ILE F 213 18.87 48.69 -42.81
C ILE F 213 19.86 49.52 -42.00
N TYR F 214 20.63 48.85 -41.14
CA TYR F 214 21.63 49.52 -40.30
C TYR F 214 23.02 49.15 -40.79
N LEU F 215 23.78 50.17 -41.18
CA LEU F 215 25.19 50.00 -41.54
C LEU F 215 26.03 50.09 -40.27
N TYR F 216 26.85 49.08 -40.03
CA TYR F 216 27.83 49.17 -38.95
C TYR F 216 28.90 50.16 -39.36
N ARG F 217 29.11 51.19 -38.53
CA ARG F 217 30.03 52.27 -38.86
C ARG F 217 31.48 51.90 -38.61
N GLU F 218 31.75 50.74 -38.02
CA GLU F 218 33.08 50.12 -38.05
C GLU F 218 33.20 49.29 -39.31
N GLY F 219 34.08 49.70 -40.21
CA GLY F 219 34.46 48.88 -41.35
C GLY F 219 35.77 48.17 -41.10
N VAL F 220 36.27 47.52 -42.14
CA VAL F 220 37.61 46.96 -42.11
C VAL F 220 38.04 46.68 -43.53
N LEU F 221 39.35 46.77 -43.76
CA LEU F 221 40.01 46.38 -45.01
C LEU F 221 40.86 45.14 -44.78
N ARG F 222 40.92 44.29 -45.79
CA ARG F 222 41.87 43.20 -45.87
C ARG F 222 42.91 43.63 -46.90
N THR F 223 44.18 43.64 -46.51
CA THR F 223 45.26 44.07 -47.39
C THR F 223 46.02 42.85 -47.91
N SER F 224 46.97 43.11 -48.81
CA SER F 224 47.61 42.07 -49.62
C SER F 224 49.11 42.26 -49.66
N SER F 225 49.74 42.40 -48.48
CA SER F 225 51.20 42.47 -48.38
C SER F 225 51.90 41.52 -49.34
N PRO F 227 51.91 43.89 -53.25
CA PRO F 227 52.85 43.98 -54.37
C PRO F 227 52.19 43.59 -55.69
N TYR F 228 51.03 44.19 -55.96
CA TYR F 228 50.24 43.86 -57.15
C TYR F 228 51.09 44.02 -58.42
N ASN F 229 51.05 43.01 -59.29
CA ASN F 229 51.68 43.12 -60.60
C ASN F 229 50.79 42.46 -61.63
N SER F 230 50.71 43.03 -62.82
CA SER F 230 50.06 42.36 -63.95
C SER F 230 51.01 41.32 -64.53
N ALA F 231 51.17 40.23 -63.80
CA ALA F 231 52.03 39.10 -64.18
C ALA F 231 51.48 38.38 -65.42
N LYS F 236 47.44 33.99 -57.42
CA LYS F 236 47.07 33.68 -56.04
C LYS F 236 48.07 34.29 -55.05
N THR F 237 49.11 34.93 -55.59
CA THR F 237 50.08 35.66 -54.77
C THR F 237 49.67 37.14 -54.75
N CYS F 238 49.31 37.64 -53.56
CA CYS F 238 49.11 39.06 -53.29
C CYS F 238 48.16 39.71 -54.30
N HIS F 239 47.14 38.96 -54.72
CA HIS F 239 46.02 39.53 -55.46
C HIS F 239 44.67 39.11 -54.92
N LEU F 240 44.59 38.07 -54.09
CA LEU F 240 43.36 37.65 -53.44
C LEU F 240 43.54 37.80 -51.94
N THR F 241 42.92 38.81 -51.36
CA THR F 241 42.91 39.01 -49.91
C THR F 241 42.19 37.85 -49.21
N TYR F 256 52.69 46.82 -41.52
CA TYR F 256 51.90 48.03 -41.77
C TYR F 256 50.70 48.11 -40.85
N GLU F 257 49.91 47.05 -40.91
CA GLU F 257 48.65 46.92 -40.20
C GLU F 257 48.57 45.50 -39.65
N GLU F 258 48.49 45.38 -38.33
CA GLU F 258 48.53 44.08 -37.68
C GLU F 258 47.25 43.29 -37.98
N GLY F 259 47.43 42.03 -38.32
CA GLY F 259 46.35 41.22 -38.86
C GLY F 259 46.18 41.31 -40.36
N ASN F 260 47.10 41.95 -41.07
CA ASN F 260 46.90 42.24 -42.49
C ASN F 260 45.58 42.98 -42.70
N GLU F 261 45.17 43.75 -41.68
CA GLU F 261 43.86 44.39 -41.62
C GLU F 261 43.99 45.83 -41.14
N MET F 262 43.45 46.75 -41.91
CA MET F 262 43.41 48.16 -41.59
C MET F 262 41.98 48.58 -41.25
N PHE F 263 41.84 49.53 -40.33
CA PHE F 263 40.52 49.93 -39.84
C PHE F 263 40.15 51.34 -40.33
N PHE F 264 38.85 51.61 -40.35
CA PHE F 264 38.34 52.77 -41.08
C PHE F 264 38.96 54.09 -40.62
N GLU F 265 39.39 54.19 -39.35
CA GLU F 265 40.03 55.42 -38.90
C GLU F 265 41.35 55.65 -39.61
N GLU F 266 42.21 54.64 -39.60
CA GLU F 266 43.51 54.76 -40.24
C GLU F 266 43.37 54.99 -41.73
N PHE F 267 42.50 54.22 -42.39
CA PHE F 267 42.34 54.34 -43.83
C PHE F 267 41.86 55.75 -44.19
N ASN F 268 40.87 56.25 -43.43
CA ASN F 268 40.43 57.64 -43.62
C ASN F 268 41.59 58.59 -43.43
N GLN F 269 42.42 58.35 -42.42
CA GLN F 269 43.62 59.15 -42.23
C GLN F 269 44.53 59.08 -43.45
N TYR F 270 44.84 57.87 -43.92
CA TYR F 270 45.64 57.75 -45.12
C TYR F 270 44.93 58.40 -46.28
N LEU F 271 43.60 58.22 -46.36
CA LEU F 271 42.83 58.82 -47.44
C LEU F 271 43.05 60.32 -47.49
N MET F 272 43.34 60.93 -46.33
CA MET F 272 43.46 62.37 -46.23
C MET F 272 44.85 62.85 -46.65
N ASP F 273 45.90 62.18 -46.13
CA ASP F 273 47.29 62.58 -46.33
C ASP F 273 47.79 62.25 -47.73
N ALA F 274 47.41 61.07 -48.27
CA ALA F 274 47.85 60.69 -49.63
C ALA F 274 46.95 61.31 -50.69
N LEU F 275 45.68 60.89 -50.73
CA LEU F 275 44.70 61.64 -51.49
C LEU F 275 44.19 62.78 -50.63
N ASN F 276 43.66 63.82 -51.28
CA ASN F 276 43.09 64.91 -50.52
C ASN F 276 41.58 64.71 -50.40
N THR F 277 41.22 63.70 -49.62
CA THR F 277 39.81 63.34 -49.46
C THR F 277 39.60 62.67 -48.11
N THR F 278 38.41 62.11 -47.91
CA THR F 278 38.06 61.40 -46.69
C THR F 278 37.26 60.17 -47.01
N LEU F 279 37.19 59.27 -46.03
CA LEU F 279 36.49 58.01 -46.24
C LEU F 279 35.02 58.24 -46.58
N GLU F 280 34.39 59.23 -45.93
CA GLU F 280 32.99 59.53 -46.20
C GLU F 280 32.76 59.86 -47.67
N ASN F 281 33.38 60.93 -48.16
CA ASN F 281 33.03 61.42 -49.49
C ASN F 281 33.48 60.49 -50.60
N SER F 282 34.63 59.81 -50.44
CA SER F 282 35.28 59.10 -51.55
C SER F 282 34.85 57.65 -51.68
N ILE F 283 34.42 57.01 -50.59
CA ILE F 283 34.09 55.60 -50.65
C ILE F 283 32.70 55.32 -50.09
N LEU F 284 32.44 55.81 -48.87
CA LEU F 284 31.27 55.37 -48.12
C LEU F 284 29.97 55.85 -48.73
N LEU F 285 29.99 56.99 -49.41
CA LEU F 285 28.80 57.41 -50.13
C LEU F 285 28.28 56.28 -51.01
N GLN F 286 29.10 55.81 -51.96
CA GLN F 286 28.62 54.76 -52.86
C GLN F 286 28.42 53.43 -52.16
N ILE F 287 29.21 53.10 -51.13
CA ILE F 287 28.95 51.89 -50.37
C ILE F 287 27.54 51.94 -49.77
N LYS F 288 27.16 53.10 -49.23
CA LYS F 288 25.80 53.27 -48.74
C LYS F 288 24.80 53.25 -49.89
N HIS F 289 25.15 53.80 -51.04
CA HIS F 289 24.26 53.72 -52.18
C HIS F 289 24.10 52.30 -52.68
N ILE F 290 25.11 51.45 -52.49
CA ILE F 290 24.99 50.02 -52.81
C ILE F 290 24.21 49.31 -51.70
N ILE F 291 24.74 49.35 -50.47
CA ILE F 291 24.11 48.55 -49.45
C ILE F 291 22.63 48.89 -49.40
N ARG F 292 22.28 50.13 -49.73
CA ARG F 292 20.88 50.51 -49.73
C ARG F 292 20.18 49.99 -50.98
N SER F 293 20.88 49.99 -52.12
CA SER F 293 20.22 49.64 -53.37
C SER F 293 19.93 48.15 -53.43
N CYS F 294 20.80 47.34 -52.86
CA CYS F 294 20.62 45.90 -52.99
C CYS F 294 19.52 45.37 -52.08
N LEU F 295 19.51 45.78 -50.80
CA LEU F 295 18.53 45.29 -49.86
C LEU F 295 17.12 45.80 -50.12
N MET F 296 16.98 46.93 -50.84
CA MET F 296 15.66 47.40 -51.28
C MET F 296 15.12 46.62 -52.47
N CYS F 297 15.99 46.08 -53.32
CA CYS F 297 15.52 45.29 -54.45
C CYS F 297 14.80 44.02 -53.98
N ILE F 298 15.46 43.23 -53.14
CA ILE F 298 14.89 41.98 -52.67
C ILE F 298 13.94 42.17 -51.49
N GLU F 299 13.68 43.42 -51.08
CA GLU F 299 12.80 43.69 -49.94
C GLU F 299 11.41 43.05 -50.05
N PRO F 300 10.74 43.02 -51.21
CA PRO F 300 9.43 42.39 -51.26
C PRO F 300 9.53 40.86 -51.23
N ALA F 301 10.58 40.28 -51.81
CA ALA F 301 10.68 38.82 -51.80
C ALA F 301 11.01 38.27 -50.42
N ILE F 302 11.69 39.04 -49.57
CA ILE F 302 12.09 38.51 -48.27
C ILE F 302 11.52 39.29 -47.10
N SER F 303 10.65 40.27 -47.33
CA SER F 303 10.18 41.03 -46.18
C SER F 303 9.37 40.14 -45.25
N THR F 304 9.44 40.44 -43.95
CA THR F 304 8.60 39.76 -42.98
C THR F 304 7.73 40.78 -42.23
N LYS F 305 7.10 41.66 -43.00
CA LYS F 305 6.29 42.72 -42.40
C LYS F 305 4.91 42.22 -41.98
N HIS F 306 4.31 41.33 -42.77
CA HIS F 306 3.02 40.77 -42.43
C HIS F 306 3.06 39.25 -42.22
N LEU F 307 4.25 38.71 -41.93
CA LEU F 307 4.47 37.28 -41.74
C LEU F 307 4.07 36.86 -40.33
N HIS F 308 3.90 35.54 -40.16
CA HIS F 308 3.60 34.92 -38.88
C HIS F 308 4.85 34.61 -38.05
N TYR F 309 6.03 34.74 -38.62
CA TYR F 309 7.26 34.78 -37.86
C TYR F 309 8.06 35.97 -38.38
N GLN F 310 9.20 36.27 -37.76
CA GLN F 310 9.95 37.45 -38.15
C GLN F 310 11.43 37.17 -38.23
N SER F 311 12.14 37.92 -39.08
CA SER F 311 13.54 37.64 -39.36
C SER F 311 14.35 38.93 -39.31
N PHE F 312 15.60 38.78 -38.91
CA PHE F 312 16.64 39.75 -39.18
C PHE F 312 17.84 38.96 -39.71
N GLN F 313 18.81 39.67 -40.28
CA GLN F 313 20.00 38.98 -40.77
C GLN F 313 21.18 39.95 -40.86
N LEU F 314 22.25 39.65 -40.13
CA LEU F 314 23.51 40.37 -40.28
C LEU F 314 24.17 39.95 -41.59
N PHE F 315 24.59 40.94 -42.37
CA PHE F 315 25.21 40.71 -43.66
C PHE F 315 26.62 41.26 -43.69
N GLY F 316 27.43 40.67 -44.55
CA GLY F 316 28.70 41.28 -44.88
C GLY F 316 28.81 41.56 -46.35
N PHE F 317 28.81 42.86 -46.71
CA PHE F 317 29.06 43.29 -48.09
C PHE F 317 30.56 43.49 -48.29
N ASP F 318 31.11 42.87 -49.33
CA ASP F 318 32.54 42.94 -49.64
C ASP F 318 32.75 43.88 -50.82
N PHE F 319 33.50 44.96 -50.61
CA PHE F 319 33.65 46.04 -51.58
C PHE F 319 35.09 46.18 -52.03
N MET F 320 35.24 46.59 -53.30
CA MET F 320 36.54 46.85 -53.92
C MET F 320 36.56 48.25 -54.51
N VAL F 321 37.59 49.03 -54.16
CA VAL F 321 37.70 50.43 -54.56
C VAL F 321 38.85 50.53 -55.58
N ASP F 322 38.53 50.95 -56.80
CA ASP F 322 39.47 50.87 -57.91
C ASP F 322 40.42 52.08 -57.91
N GLU F 323 41.12 52.31 -59.02
CA GLU F 323 42.17 53.32 -59.06
C GLU F 323 41.70 54.68 -58.56
N GLU F 324 40.71 55.28 -59.23
CA GLU F 324 40.20 56.58 -58.79
C GLU F 324 38.89 56.42 -58.03
N LEU F 325 39.03 55.87 -56.84
CA LEU F 325 38.01 55.94 -55.80
C LEU F 325 36.63 55.58 -56.32
N LYS F 326 36.54 54.45 -57.01
CA LYS F 326 35.27 53.90 -57.45
C LYS F 326 35.00 52.66 -56.62
N VAL F 327 33.88 52.65 -55.91
CA VAL F 327 33.52 51.53 -55.05
C VAL F 327 32.74 50.51 -55.87
N TRP F 328 33.17 49.26 -55.79
CA TRP F 328 32.54 48.14 -56.50
C TRP F 328 32.13 47.09 -55.47
N LEU F 329 30.90 46.59 -55.59
CA LEU F 329 30.46 45.49 -54.74
C LEU F 329 30.92 44.16 -55.36
N ILE F 330 31.32 43.23 -54.51
CA ILE F 330 32.01 42.04 -54.98
C ILE F 330 31.26 40.78 -54.56
N GLU F 331 31.20 40.56 -53.25
CA GLU F 331 30.47 39.46 -52.63
C GLU F 331 29.47 40.06 -51.64
N VAL F 332 28.36 39.37 -51.43
CA VAL F 332 27.53 39.60 -50.26
C VAL F 332 27.56 38.29 -49.48
N ASN F 333 28.17 38.32 -48.30
CA ASN F 333 28.27 37.15 -47.44
C ASN F 333 27.17 37.22 -46.39
N GLY F 334 26.19 36.33 -46.49
CA GLY F 334 25.05 36.26 -45.60
C GLY F 334 25.25 35.46 -44.32
N ALA F 335 26.43 34.86 -44.17
CA ALA F 335 26.87 34.27 -42.90
C ALA F 335 28.27 34.83 -42.66
N PRO F 336 28.37 36.07 -42.20
CA PRO F 336 29.68 36.70 -42.04
C PRO F 336 30.25 36.51 -40.64
N ALA F 337 31.58 36.52 -40.58
CA ALA F 337 32.30 36.61 -39.32
C ALA F 337 32.92 38.00 -39.23
N CYS F 338 32.90 38.55 -38.02
CA CYS F 338 33.33 39.91 -37.80
C CYS F 338 34.81 39.94 -37.38
N ALA F 339 35.48 41.03 -37.74
CA ALA F 339 36.86 41.20 -37.28
C ALA F 339 36.90 41.15 -35.76
N GLN F 340 38.02 40.65 -35.22
CA GLN F 340 38.12 40.38 -33.79
C GLN F 340 38.03 41.67 -32.98
N LYS F 341 38.67 42.75 -33.46
CA LYS F 341 38.68 44.00 -32.70
C LYS F 341 37.27 44.46 -32.34
N LEU F 342 36.33 44.38 -33.30
CA LEU F 342 34.99 44.96 -33.16
C LEU F 342 33.93 43.97 -32.66
N TYR F 343 34.30 42.72 -32.33
CA TYR F 343 33.30 41.69 -32.09
C TYR F 343 32.33 42.11 -30.99
N ALA F 344 32.84 42.39 -29.80
CA ALA F 344 31.95 42.72 -28.69
C ALA F 344 31.11 43.96 -29.01
N GLU F 345 31.70 44.97 -29.68
CA GLU F 345 30.88 46.13 -30.07
C GLU F 345 29.79 45.72 -31.04
N LEU F 346 30.15 45.03 -32.13
CA LEU F 346 29.16 44.67 -33.15
C LEU F 346 28.09 43.74 -32.60
N CYS F 347 28.49 42.72 -31.83
CA CYS F 347 27.53 41.79 -31.27
C CYS F 347 26.65 42.42 -30.21
N GLN F 348 27.03 43.58 -29.68
CA GLN F 348 26.14 44.29 -28.77
C GLN F 348 25.00 44.94 -29.55
N GLY F 349 25.31 45.78 -30.53
CA GLY F 349 24.27 46.42 -31.31
C GLY F 349 23.32 45.44 -31.97
N ILE F 350 23.78 44.21 -32.23
CA ILE F 350 22.88 43.17 -32.71
C ILE F 350 21.76 42.94 -31.70
N VAL F 351 22.12 42.82 -30.41
CA VAL F 351 21.10 42.55 -29.39
C VAL F 351 20.22 43.76 -29.15
N ASP F 352 20.80 44.96 -29.10
CA ASP F 352 19.98 46.15 -28.87
C ASP F 352 19.06 46.40 -30.04
N VAL F 353 19.52 46.10 -31.26
CA VAL F 353 18.90 46.58 -32.47
C VAL F 353 17.93 45.56 -33.06
N ALA F 354 18.29 44.27 -33.03
CA ALA F 354 17.55 43.22 -33.74
C ALA F 354 16.97 42.14 -32.85
N ILE F 355 17.34 42.09 -31.58
CA ILE F 355 16.82 41.09 -30.67
C ILE F 355 15.86 41.72 -29.66
N SER F 356 16.33 42.69 -28.90
CA SER F 356 15.47 43.27 -27.88
C SER F 356 14.45 44.24 -28.46
N SER F 357 14.67 44.76 -29.67
CA SER F 357 13.64 45.57 -30.29
C SER F 357 12.36 44.77 -30.56
N VAL F 358 12.39 43.46 -30.32
CA VAL F 358 11.21 42.63 -30.21
C VAL F 358 10.96 42.23 -28.77
N PHE F 359 11.99 41.71 -28.08
CA PHE F 359 11.89 41.17 -26.72
C PHE F 359 12.70 42.02 -25.74
N PRO F 360 12.12 43.10 -25.17
CA PRO F 360 12.83 44.10 -24.36
C PRO F 360 13.27 43.64 -22.99
N THR F 372 25.80 57.83 -29.74
CA THR F 372 25.03 56.75 -29.15
C THR F 372 25.10 55.49 -30.01
N SER F 373 24.20 55.40 -30.99
CA SER F 373 24.10 54.19 -31.82
C SER F 373 25.36 53.96 -32.65
N ILE F 374 25.70 52.68 -32.84
CA ILE F 374 26.91 52.31 -33.56
C ILE F 374 26.59 52.05 -35.03
N PHE F 375 25.40 52.48 -35.47
CA PHE F 375 24.95 52.23 -36.83
C PHE F 375 24.56 53.53 -37.53
N ILE F 376 24.55 53.45 -38.86
CA ILE F 376 24.03 54.50 -39.71
C ILE F 376 22.76 53.95 -40.34
N LYS F 377 21.60 54.46 -39.91
CA LYS F 377 20.35 54.02 -40.52
C LYS F 377 20.36 54.46 -41.97
N LEU F 378 20.26 53.51 -42.89
CA LEU F 378 20.29 53.83 -44.31
C LEU F 378 18.84 54.00 -44.77
N HIS F 379 18.39 55.24 -44.83
CA HIS F 379 16.99 55.52 -45.08
C HIS F 379 16.65 55.32 -46.54
N HIS F 380 15.45 54.79 -46.79
CA HIS F 380 15.03 54.40 -48.13
C HIS F 380 13.69 55.02 -48.54
PG GTP G . -14.29 11.14 -33.15
O1G GTP G . -12.85 10.95 -32.75
O2G GTP G . -14.98 12.07 -32.18
O3G GTP G . -15.00 9.81 -33.16
O3B GTP G . -14.33 11.78 -34.63
PB GTP G . -14.90 13.27 -34.86
O1B GTP G . -15.00 13.53 -36.34
O2B GTP G . -16.25 13.44 -34.19
O3A GTP G . -13.80 14.23 -34.19
PA GTP G . -13.59 15.75 -34.71
O1A GTP G . -14.26 15.95 -36.05
O2A GTP G . -14.10 16.72 -33.70
O5' GTP G . -11.99 15.89 -34.89
C5' GTP G . -11.23 16.62 -33.96
C4' GTP G . -10.75 17.90 -34.61
O4' GTP G . -11.77 18.43 -35.44
C3' GTP G . -10.40 18.97 -33.59
O3' GTP G . -9.01 19.17 -33.55
C2' GTP G . -11.10 20.23 -34.05
O2' GTP G . -10.16 21.24 -34.30
C1' GTP G . -11.81 19.84 -35.35
N9 GTP G . -13.22 20.28 -35.32
C8 GTP G . -14.25 19.65 -34.68
N7 GTP G . -15.39 20.35 -34.90
C5 GTP G . -15.09 21.43 -35.67
C6 GTP G . -15.86 22.47 -36.17
O6 GTP G . -17.07 22.50 -35.93
N1 GTP G . -15.27 23.45 -36.94
C2 GTP G . -13.93 23.40 -37.20
N2 GTP G . -13.35 24.34 -37.94
N3 GTP G . -13.15 22.37 -36.69
C4 GTP G . -13.73 21.39 -35.94
CA CA H . -36.38 23.59 -60.05
MG MG I . -17.54 13.10 -32.44
C13 A1D7A J . -8.14 14.67 -22.36
C15 A1D7A J . -5.73 15.13 -21.81
C17 A1D7A J . -6.50 15.45 -24.07
C21 A1D7A J . -9.49 17.80 -18.54
C22 A1D7A J . -8.57 18.39 -19.40
C01 A1D7A J . -9.46 16.05 -20.25
C02 A1D7A J . -9.97 16.53 -18.98
C04 A1D7A J . -11.26 14.62 -18.82
C06 A1D7A J . -9.93 14.86 -20.69
C08 A1D7A J . -10.62 13.93 -22.71
C09 A1D7A J . -10.37 14.43 -24.17
C12 A1D7A J . -7.85 15.04 -23.66
C14 A1D7A J . -7.01 14.72 -21.46
C16 A1D7A J . -5.42 15.50 -23.13
C19 A1D7A J . -3.21 15.62 -22.30
N03 A1D7A J . -10.86 15.80 -18.31
N05 A1D7A J . -10.81 14.13 -19.99
N07 A1D7A J . -9.48 14.26 -21.91
N11 A1D7A J . -9.03 14.95 -24.54
O10 A1D7A J . -11.22 14.32 -25.00
O18 A1D7A J . -4.04 15.86 -23.41
S23 A1D7A J . -8.38 17.24 -20.82
CL20 A1D7A J . -12.49 13.60 -17.93
H151 A1D7A J . -4.89 15.18 -21.01
H171 A1D7A J . -6.31 15.74 -25.11
H211 A1D7A J . -9.83 18.28 -17.58
H221 A1D7A J . -8.06 19.38 -19.25
H081 A1D7A J . -10.77 12.83 -22.72
H082 A1D7A J . -11.53 14.41 -22.30
H141 A1D7A J . -7.18 14.40 -20.35
H193 A1D7A J . -2.13 15.55 -22.63
H191 A1D7A J . -3.51 14.64 -21.81
H192 A1D7A J . -3.33 16.47 -21.55
H111 A1D7A J . -8.92 15.26 -25.44
PB GDP K . -9.82 -2.74 4.18
O1B GDP K . -10.21 -2.05 2.89
O2B GDP K . -10.97 -2.71 5.16
O3B GDP K . -9.49 -4.19 3.89
O3A GDP K . -8.52 -2.04 4.83
PA GDP K . -8.32 -0.45 4.74
O1A GDP K . -8.98 0.12 3.51
O2A GDP K . -8.86 0.22 5.99
O5' GDP K . -6.72 -0.27 4.68
C5' GDP K . -6.06 0.60 5.59
C4' GDP K . -5.23 1.63 4.84
O4' GDP K . -6.12 2.48 4.12
C3' GDP K . -4.43 2.50 5.80
O3' GDP K . -3.04 2.42 5.49
C2' GDP K . -4.92 3.91 5.60
O2' GDP K . -3.82 4.79 5.31
C1' GDP K . -5.89 3.86 4.43
N9 GDP K . -7.18 4.49 4.80
C8 GDP K . -8.16 3.90 5.51
N7 GDP K . -9.22 4.74 5.68
C5 GDP K . -8.92 5.89 5.06
C6 GDP K . -9.59 7.20 4.86
O6 GDP K . -10.73 7.41 5.32
N1 GDP K . -8.94 8.13 4.16
C2 GDP K . -7.71 7.93 3.65
N2 GDP K . -7.12 8.94 2.95
N3 GDP K . -7.04 6.76 3.80
C4 GDP K . -7.57 5.72 4.48
O1 MES L . -7.44 -3.46 -18.32
C2 MES L . -8.70 -2.90 -18.10
C3 MES L . -9.53 -2.86 -19.37
N4 MES L . -8.80 -2.11 -20.43
C5 MES L . -7.43 -2.67 -20.60
C6 MES L . -6.72 -2.72 -19.26
C7 MES L . -9.59 -2.08 -21.70
C8 MES L . -9.00 -1.16 -22.74
S MES L . -10.03 -1.13 -24.23
O1S MES L . -9.50 -0.02 -25.04
O2S MES L . -9.85 -2.45 -24.84
O3S MES L . -11.41 -0.88 -23.74
O1 MES M . 6.80 23.58 -14.72
C2 MES M . 5.65 24.13 -14.10
C3 MES M . 5.92 24.50 -12.66
N4 MES M . 6.38 23.30 -11.90
C5 MES M . 7.53 22.68 -12.59
C6 MES M . 7.20 22.41 -14.05
C7 MES M . 6.66 23.64 -10.47
C8 MES M . 7.03 22.42 -9.66
S MES M . 7.46 22.88 -7.96
O1S MES M . 8.62 22.03 -7.62
O2S MES M . 7.78 24.33 -8.04
O3S MES M . 6.26 22.59 -7.16
MG MG N . -8.44 -0.08 8.50
PG GTP O . -2.04 -28.29 40.15
O1G GTP O . -0.55 -28.28 40.44
O2G GTP O . -2.44 -29.66 39.67
O3G GTP O . -2.80 -27.92 41.40
O3B GTP O . -2.32 -27.20 39.00
PB GTP O . -2.76 -25.70 39.39
O1B GTP O . -3.14 -24.96 38.13
O2B GTP O . -3.91 -25.71 40.38
O3A GTP O . -1.45 -25.04 40.05
PA GTP O . -1.21 -23.44 40.01
O1A GTP O . -2.15 -22.80 39.01
O2A GTP O . -1.40 -22.85 41.38
O5' GTP O . 0.31 -23.27 39.50
C5' GTP O . 1.33 -22.90 40.40
C4' GTP O . 1.75 -21.46 40.10
O4' GTP O . 0.61 -20.69 39.81
C3' GTP O . 2.45 -20.81 41.29
O3' GTP O . 3.81 -20.64 41.02
C2' GTP O . 1.77 -19.47 41.46
O2' GTP O . 2.72 -18.43 41.32
C1' GTP O . 0.73 -19.39 40.35
N9 GTP O . -0.57 -18.97 40.92
C8 GTP O . -1.46 -19.76 41.59
N7 GTP O . -2.52 -19.01 41.94
C5 GTP O . -2.33 -17.74 41.49
C6 GTP O . -3.10 -16.60 41.57
O6 GTP O . -4.19 -16.62 42.14
N1 GTP O . -2.64 -15.42 41.01
C2 GTP O . -1.42 -15.40 40.37
N2 GTP O . -0.97 -14.27 39.83
N3 GTP O . -0.66 -16.56 40.30
C4 GTP O . -1.10 -17.71 40.84
CA CA P . -27.37 -6.44 24.19
MG MG Q . -4.51 -27.30 42.14
C13 A1D7A R . 6.45 -28.68 49.66
C15 A1D7A R . 8.95 -28.18 49.69
C17 A1D7A R . 7.62 -27.25 48.01
C21 A1D7A R . 5.76 -26.95 54.58
C22 A1D7A R . 6.56 -26.08 53.85
C01 A1D7A R . 5.54 -28.07 52.41
C02 A1D7A R . 5.21 -28.02 53.82
C04 A1D7A R . 3.96 -29.93 53.54
C06 A1D7A R . 5.00 -29.08 51.64
C08 A1D7A R . 3.92 -29.34 49.61
C09 A1D7A R . 3.89 -28.37 48.40
C12 A1D7A R . 6.43 -27.90 48.55
C14 A1D7A R . 7.77 -28.81 50.21
C16 A1D7A R . 8.90 -27.41 48.54
C19 A1D7A R . 11.25 -26.96 47.36
N03 A1D7A R . 4.44 -28.95 54.34
N05 A1D7A R . 4.24 -30.01 52.23
N07 A1D7A R . 5.23 -29.30 50.21
N11 A1D7A R . 5.11 -27.73 47.97
O10 A1D7A R . 2.97 -28.14 47.69
O18 A1D7A R . 10.03 -26.65 47.99
S23 A1D7A R . 6.52 -26.70 52.14
CL20 A1D7A R . 2.89 -31.20 54.26
H151 A1D7A R . 9.97 -28.33 50.25
H171 A1D7A R . 7.49 -26.59 47.13
H211 A1D7A R . 5.58 -26.83 55.70
H221 A1D7A R . 7.10 -25.18 54.23
H081 A1D7A R . 3.70 -30.36 49.27
H082 A1D7A R . 3.16 -29.02 50.36
H141 A1D7A R . 7.90 -29.49 51.15
H193 A1D7A R . 11.08 -27.78 46.60
H191 A1D7A R . 11.99 -27.32 48.15
H192 A1D7A R . 11.67 -26.04 46.86
H111 A1D7A R . 5.05 -27.15 47.22
PB GDP S . 6.61 -54.37 69.90
O1B GDP S . 6.88 -55.57 69.01
O2B GDP S . 5.18 -53.96 69.72
O3B GDP S . 6.86 -54.76 71.34
O3A GDP S . 7.59 -53.16 69.45
PA GDP S . 8.34 -52.24 70.54
O1A GDP S . 7.63 -50.92 70.68
O2A GDP S . 8.46 -52.94 71.87
O5' GDP S . 9.80 -51.96 69.92
C5' GDP S . 10.89 -51.73 70.82
C4' GDP S . 11.64 -50.48 70.42
O4' GDP S . 10.70 -49.41 70.25
C3' GDP S . 12.61 -50.06 71.50
O3' GDP S . 13.95 -50.10 71.01
C2' GDP S . 12.24 -48.63 71.87
O2' GDP S . 13.37 -47.77 71.70
C1' GDP S . 11.12 -48.23 70.92
N9 GDP S . 9.98 -47.67 71.69
C8 GDP S . 9.04 -48.39 72.34
N7 GDP S . 8.13 -47.58 72.93
C5 GDP S . 8.48 -46.31 72.67
C6 GDP S . 7.95 -44.96 72.99
O6 GDP S . 6.92 -44.82 73.69
N1 GDP S . 8.61 -43.90 72.52
C2 GDP S . 9.72 -44.02 71.77
N2 GDP S . 10.33 -42.89 71.33
N3 GDP S . 10.27 -45.21 71.43
C4 GDP S . 9.70 -46.37 71.84
PG ACP T . 34.70 35.30 -47.99
O1G ACP T . 34.50 36.82 -47.93
O2G ACP T . 35.56 34.77 -46.84
O3G ACP T . 33.39 34.51 -48.16
PB ACP T . 34.90 35.56 -51.07
O1B ACP T . 34.77 37.05 -51.09
O2B ACP T . 33.75 34.67 -51.48
C3B ACP T . 35.68 34.97 -49.55
PA ACP T . 36.18 35.57 -53.68
O1A ACP T . 35.53 36.89 -53.93
O2A ACP T . 35.85 34.40 -54.55
O3A ACP T . 36.18 35.18 -52.11
O5' ACP T . 37.82 35.77 -53.65
C5' ACP T . 38.49 36.33 -54.76
C4' ACP T . 39.08 37.65 -54.34
O4' ACP T . 39.65 38.29 -55.49
C3' ACP T . 38.11 38.66 -53.76
O3' ACP T . 38.05 38.48 -52.37
C2' ACP T . 38.72 39.99 -54.18
O2' ACP T . 39.79 40.33 -53.35
C1' ACP T . 39.30 39.63 -55.55
N9 ACP T . 38.31 39.87 -56.61
C8 ACP T . 37.07 39.31 -56.77
N7 ACP T . 36.44 39.75 -57.82
C5 ACP T . 37.30 40.66 -58.39
C6 ACP T . 37.23 41.47 -59.52
N6 ACP T . 36.17 41.49 -60.34
N1 ACP T . 38.28 42.26 -59.79
C2 ACP T . 39.34 42.24 -59.00
N3 ACP T . 39.52 41.52 -57.91
C4 ACP T . 38.48 40.74 -57.65
H3B1 ACP T . 36.56 35.37 -49.49
H3B2 ACP T . 35.84 34.00 -49.64
H5'1 ACP T . 37.88 36.47 -55.50
H5'2 ACP T . 39.20 35.74 -55.08
H4' ACP T . 39.76 37.48 -53.66
H3' ACP T . 37.23 38.59 -54.17
HO3' ACP T . 37.50 39.05 -52.05
H2' ACP T . 38.07 40.72 -54.24
HO2' ACP T . 39.84 41.18 -53.33
H1' ACP T . 40.09 40.14 -55.78
H8 ACP T . 36.73 38.68 -56.18
HN61 ACP T . 35.62 40.84 -60.35
HN62 ACP T . 36.02 42.17 -60.85
H2 ACP T . 40.03 42.81 -59.24
#